data_1T84
#
_entry.id   1T84
#
loop_
_entity.id
_entity.type
_entity.pdbx_description
1 polymer 'Wiskott-Aldrich syndrome protein'
2 non-polymer (2S)-1-(3,6-DIBROMO-9H-CARBAZOL-9-YL)-3-(DIMETHYLAMINO)PROPAN-2-OL
#
_entity_poly.entity_id   1
_entity_poly.type   'polypeptide(L)'
_entity_poly.pdbx_seq_one_letter_code
;SGFKHVSHVGWDPQNGFDVNNLDPDLRSLFSRAGISEAQLTDAETSKLIYDFIEDQGGLEAVRQEMRRQGGSGGSQSSEG
LVGALMHVMQKRSRAIHSSDEGEDQAG
;
_entity_poly.pdbx_strand_id   A
#
# COMPACT_ATOMS: atom_id res chain seq x y z
N SER A 1 16.52 -0.21 -12.85
CA SER A 1 15.32 -1.01 -12.49
C SER A 1 14.04 -0.33 -12.97
N GLY A 2 12.90 -0.92 -12.62
CA GLY A 2 11.63 -0.36 -13.03
C GLY A 2 10.49 -1.35 -12.91
N PHE A 3 9.31 -0.96 -13.39
CA PHE A 3 8.14 -1.84 -13.33
C PHE A 3 7.42 -1.86 -14.67
N LYS A 4 6.57 -2.86 -14.87
CA LYS A 4 5.82 -3.01 -16.10
C LYS A 4 4.45 -2.33 -15.99
N HIS A 5 4.12 -1.50 -16.98
CA HIS A 5 2.85 -0.79 -16.99
C HIS A 5 1.68 -1.76 -16.86
N VAL A 6 0.58 -1.29 -16.29
CA VAL A 6 -0.60 -2.12 -16.11
C VAL A 6 -1.88 -1.28 -16.18
N SER A 7 -2.74 -1.62 -17.13
CA SER A 7 -4.00 -0.90 -17.30
C SER A 7 -5.07 -1.40 -16.33
N HIS A 8 -4.84 -2.58 -15.75
CA HIS A 8 -5.80 -3.16 -14.82
C HIS A 8 -5.64 -2.60 -13.40
N VAL A 9 -4.79 -1.60 -13.24
CA VAL A 9 -4.57 -1.00 -11.93
C VAL A 9 -5.68 -0.01 -11.59
N GLY A 10 -5.90 0.18 -10.29
CA GLY A 10 -6.92 1.12 -9.85
C GLY A 10 -6.30 2.47 -9.50
N TRP A 11 -5.07 2.44 -9.02
CA TRP A 11 -4.35 3.65 -8.65
C TRP A 11 -3.61 4.22 -9.86
N ASP A 12 -3.43 5.54 -9.86
CA ASP A 12 -2.74 6.22 -10.95
C ASP A 12 -2.02 7.47 -10.46
N PRO A 13 -0.88 7.81 -11.08
CA PRO A 13 -0.09 9.00 -10.70
C PRO A 13 -0.85 10.30 -10.92
N GLN A 14 -1.91 10.52 -10.13
CA GLN A 14 -2.72 11.71 -10.25
C GLN A 14 -3.52 11.97 -8.98
N ASN A 15 -4.52 11.13 -8.73
CA ASN A 15 -5.35 11.26 -7.54
C ASN A 15 -4.62 10.72 -6.31
N GLY A 16 -4.47 9.41 -6.25
CA GLY A 16 -3.80 8.80 -5.12
C GLY A 16 -4.64 7.72 -4.47
N PHE A 17 -5.03 7.96 -3.21
CA PHE A 17 -5.84 7.00 -2.47
C PHE A 17 -7.29 7.44 -2.42
N ASP A 18 -8.20 6.53 -2.78
CA ASP A 18 -9.63 6.84 -2.76
C ASP A 18 -10.27 6.38 -1.45
N VAL A 19 -9.90 7.04 -0.37
CA VAL A 19 -10.43 6.70 0.94
C VAL A 19 -11.96 6.76 0.95
N ASN A 20 -12.51 7.77 0.30
CA ASN A 20 -13.96 7.94 0.22
C ASN A 20 -14.63 6.68 -0.33
N ASN A 21 -13.92 5.96 -1.19
CA ASN A 21 -14.44 4.74 -1.77
C ASN A 21 -13.45 3.59 -1.62
N LEU A 22 -12.63 3.66 -0.57
CA LEU A 22 -11.65 2.63 -0.30
C LEU A 22 -12.31 1.29 -0.02
N ASP A 23 -11.85 0.24 -0.69
CA ASP A 23 -12.40 -1.09 -0.51
C ASP A 23 -12.38 -1.49 0.97
N PRO A 24 -13.49 -2.06 1.48
CA PRO A 24 -13.58 -2.48 2.88
C PRO A 24 -12.36 -3.27 3.34
N ASP A 25 -12.10 -4.39 2.66
CA ASP A 25 -10.96 -5.23 2.99
C ASP A 25 -9.67 -4.41 3.06
N LEU A 26 -9.34 -3.74 1.97
CA LEU A 26 -8.13 -2.92 1.92
C LEU A 26 -8.10 -1.93 3.07
N ARG A 27 -9.27 -1.41 3.43
CA ARG A 27 -9.36 -0.45 4.53
C ARG A 27 -8.71 -0.99 5.79
N SER A 28 -9.06 -2.23 6.14
CA SER A 28 -8.51 -2.87 7.33
C SER A 28 -7.03 -3.20 7.13
N LEU A 29 -6.66 -3.48 5.88
CA LEU A 29 -5.27 -3.81 5.56
C LEU A 29 -4.34 -2.67 5.96
N PHE A 30 -4.89 -1.46 6.09
CA PHE A 30 -4.11 -0.30 6.47
C PHE A 30 -4.16 -0.09 7.98
N SER A 31 -5.37 -0.02 8.52
CA SER A 31 -5.57 0.17 9.96
C SER A 31 -4.76 -0.84 10.76
N ARG A 32 -4.50 -2.00 10.14
CA ARG A 32 -3.74 -3.05 10.79
C ARG A 32 -2.24 -2.75 10.76
N ALA A 33 -1.77 -2.20 9.65
CA ALA A 33 -0.36 -1.88 9.49
C ALA A 33 0.00 -0.61 10.28
N GLY A 34 -1.00 0.23 10.54
CA GLY A 34 -0.76 1.45 11.27
C GLY A 34 -0.70 2.66 10.37
N ILE A 35 -1.65 2.78 9.46
CA ILE A 35 -1.70 3.90 8.53
C ILE A 35 -3.05 4.61 8.59
N SER A 36 -3.02 5.93 8.54
CA SER A 36 -4.25 6.72 8.60
C SER A 36 -4.45 7.52 7.31
N GLU A 37 -5.54 8.28 7.26
CA GLU A 37 -5.86 9.09 6.10
C GLU A 37 -4.75 10.09 5.80
N ALA A 38 -3.97 10.42 6.82
CA ALA A 38 -2.88 11.38 6.67
C ALA A 38 -1.85 10.89 5.66
N GLN A 39 -1.55 9.59 5.72
CA GLN A 39 -0.57 9.00 4.80
C GLN A 39 -1.22 8.70 3.44
N LEU A 40 -2.53 8.53 3.44
CA LEU A 40 -3.26 8.22 2.21
C LEU A 40 -3.72 9.50 1.52
N THR A 41 -3.81 10.59 2.27
CA THR A 41 -4.25 11.86 1.72
C THR A 41 -3.07 12.72 1.31
N ASP A 42 -2.01 12.07 0.84
CA ASP A 42 -0.81 12.79 0.41
C ASP A 42 -0.30 12.22 -0.92
N ALA A 43 -0.29 13.08 -1.95
CA ALA A 43 0.17 12.67 -3.26
C ALA A 43 1.61 12.15 -3.21
N GLU A 44 2.35 12.59 -2.20
CA GLU A 44 3.74 12.18 -2.04
C GLU A 44 3.84 10.77 -1.44
N THR A 45 3.01 10.50 -0.45
CA THR A 45 3.00 9.19 0.21
C THR A 45 2.11 8.21 -0.55
N SER A 46 1.07 8.73 -1.18
CA SER A 46 0.14 7.90 -1.94
C SER A 46 0.89 7.00 -2.91
N LYS A 47 1.97 7.51 -3.48
CA LYS A 47 2.78 6.75 -4.41
C LYS A 47 3.80 5.89 -3.68
N LEU A 48 4.40 6.45 -2.63
CA LEU A 48 5.39 5.73 -1.84
C LEU A 48 4.79 4.45 -1.27
N ILE A 49 3.50 4.50 -0.96
CA ILE A 49 2.80 3.33 -0.41
C ILE A 49 2.27 2.43 -1.51
N TYR A 50 2.03 3.00 -2.69
CA TYR A 50 1.50 2.22 -3.81
C TYR A 50 2.41 1.01 -4.10
N ASP A 51 3.66 1.10 -3.67
CA ASP A 51 4.59 0.00 -3.84
C ASP A 51 4.07 -1.25 -3.15
N PHE A 52 3.13 -1.08 -2.22
CA PHE A 52 2.56 -2.21 -1.48
C PHE A 52 1.38 -2.81 -2.24
N ILE A 53 0.34 -2.02 -2.46
CA ILE A 53 -0.83 -2.51 -3.19
C ILE A 53 -0.45 -2.86 -4.63
N GLU A 54 0.69 -2.33 -5.08
CA GLU A 54 1.18 -2.60 -6.43
C GLU A 54 1.95 -3.92 -6.47
N ASP A 55 2.88 -4.08 -5.52
CA ASP A 55 3.71 -5.28 -5.46
C ASP A 55 2.92 -6.48 -4.95
N GLN A 56 2.00 -6.23 -4.03
CA GLN A 56 1.19 -7.30 -3.45
C GLN A 56 0.46 -8.09 -4.54
N GLY A 57 0.30 -7.47 -5.70
CA GLY A 57 -0.38 -8.13 -6.81
C GLY A 57 -1.61 -7.37 -7.24
N GLY A 58 -2.15 -6.55 -6.35
CA GLY A 58 -3.34 -5.78 -6.66
C GLY A 58 -4.29 -5.67 -5.48
N LEU A 59 -4.89 -4.49 -5.33
CA LEU A 59 -5.82 -4.23 -4.23
C LEU A 59 -6.96 -5.24 -4.23
N GLU A 60 -7.66 -5.34 -5.36
CA GLU A 60 -8.74 -6.30 -5.50
C GLU A 60 -8.14 -7.69 -5.58
N ALA A 61 -6.94 -7.74 -6.15
CA ALA A 61 -6.17 -8.96 -6.27
C ALA A 61 -5.78 -9.50 -4.89
N VAL A 62 -5.78 -8.60 -3.89
CA VAL A 62 -5.44 -8.97 -2.52
C VAL A 62 -6.68 -9.54 -1.81
N ARG A 63 -7.84 -8.95 -2.09
CA ARG A 63 -9.09 -9.39 -1.48
C ARG A 63 -9.22 -10.91 -1.55
N GLN A 64 -8.90 -11.46 -2.71
CA GLN A 64 -8.97 -12.92 -2.90
C GLN A 64 -8.01 -13.63 -1.95
N GLU A 65 -6.97 -12.92 -1.52
CA GLU A 65 -5.99 -13.46 -0.60
C GLU A 65 -6.48 -13.33 0.84
N MET A 66 -6.93 -12.13 1.20
CA MET A 66 -7.43 -11.87 2.54
C MET A 66 -8.51 -12.88 2.92
N ARG A 67 -9.29 -13.29 1.93
CA ARG A 67 -10.36 -14.25 2.16
C ARG A 67 -9.80 -15.59 2.60
N ARG A 68 -8.58 -15.89 2.17
CA ARG A 68 -7.92 -17.13 2.52
C ARG A 68 -7.07 -16.97 3.78
N GLN A 69 -6.47 -15.79 3.93
CA GLN A 69 -5.64 -15.50 5.08
C GLN A 69 -6.43 -14.75 6.16
N GLY A 70 -7.38 -15.44 6.77
CA GLY A 70 -8.19 -14.83 7.81
C GLY A 70 -9.67 -15.07 7.60
N GLY A 71 -10.50 -14.25 8.23
CA GLY A 71 -11.94 -14.40 8.10
C GLY A 71 -12.64 -13.07 7.90
N SER A 72 -13.14 -12.50 9.00
CA SER A 72 -13.84 -11.22 8.94
C SER A 72 -13.33 -10.27 10.03
N GLY A 73 -12.04 -9.98 9.99
CA GLY A 73 -11.45 -9.09 10.98
C GLY A 73 -11.41 -9.71 12.37
N GLY A 74 -11.81 -8.93 13.37
CA GLY A 74 -11.80 -9.42 14.73
C GLY A 74 -10.58 -8.96 15.52
N SER A 75 -9.63 -9.86 15.72
CA SER A 75 -8.41 -9.54 16.45
C SER A 75 -7.53 -10.76 16.60
N GLN A 76 -7.30 -11.46 15.50
CA GLN A 76 -6.46 -12.66 15.51
C GLN A 76 -5.23 -12.48 14.62
N SER A 77 -4.08 -12.25 15.26
CA SER A 77 -2.83 -12.07 14.53
C SER A 77 -2.92 -10.84 13.62
N SER A 78 -2.02 -9.89 13.84
CA SER A 78 -1.99 -8.67 13.04
C SER A 78 -1.02 -8.80 11.88
N GLU A 79 -0.04 -9.68 12.04
CA GLU A 79 0.96 -9.90 10.99
C GLU A 79 0.33 -10.53 9.75
N GLY A 80 1.16 -11.14 8.92
CA GLY A 80 0.65 -11.75 7.70
C GLY A 80 -0.01 -10.73 6.79
N LEU A 81 0.70 -10.33 5.74
CA LEU A 81 0.19 -9.35 4.78
C LEU A 81 0.37 -7.93 5.32
N VAL A 82 -0.15 -7.68 6.52
CA VAL A 82 -0.05 -6.36 7.13
C VAL A 82 1.36 -6.10 7.66
N GLY A 83 2.01 -7.16 8.13
CA GLY A 83 3.36 -7.02 8.66
C GLY A 83 4.34 -6.50 7.63
N ALA A 84 4.00 -6.66 6.36
CA ALA A 84 4.85 -6.20 5.27
C ALA A 84 4.69 -4.70 5.04
N LEU A 85 3.44 -4.24 5.07
CA LEU A 85 3.14 -2.84 4.86
C LEU A 85 3.79 -1.97 5.94
N MET A 86 4.04 -2.58 7.10
CA MET A 86 4.66 -1.87 8.21
C MET A 86 6.13 -1.58 7.94
N HIS A 87 6.76 -2.45 7.15
CA HIS A 87 8.16 -2.28 6.80
C HIS A 87 8.34 -1.24 5.70
N VAL A 88 7.31 -1.07 4.88
CA VAL A 88 7.35 -0.11 3.79
C VAL A 88 7.26 1.32 4.31
N MET A 89 6.61 1.48 5.46
CA MET A 89 6.47 2.80 6.08
C MET A 89 7.71 3.16 6.87
N GLN A 90 8.44 2.13 7.31
CA GLN A 90 9.66 2.35 8.08
C GLN A 90 10.69 3.13 7.26
N LYS A 91 10.67 2.92 5.95
CA LYS A 91 11.59 3.61 5.05
C LYS A 91 11.41 5.12 5.16
N ARG A 92 10.15 5.56 5.22
CA ARG A 92 9.84 6.98 5.31
C ARG A 92 10.02 7.48 6.73
N SER A 93 9.85 6.59 7.71
CA SER A 93 9.99 6.95 9.11
C SER A 93 11.44 7.27 9.45
N ARG A 94 12.35 6.51 8.85
CA ARG A 94 13.78 6.72 9.08
C ARG A 94 14.22 8.10 8.59
N ALA A 95 13.48 8.63 7.61
CA ALA A 95 13.80 9.93 7.05
C ALA A 95 13.09 11.04 7.80
N ILE A 96 13.87 11.98 8.35
CA ILE A 96 13.31 13.11 9.09
C ILE A 96 13.13 14.31 8.18
N HIS A 97 14.20 14.71 7.52
CA HIS A 97 14.17 15.85 6.61
C HIS A 97 15.52 16.03 5.92
N SER A 98 16.08 14.94 5.42
CA SER A 98 17.36 14.97 4.74
C SER A 98 17.18 15.32 3.26
N SER A 99 16.04 14.93 2.70
CA SER A 99 15.74 15.20 1.30
C SER A 99 15.79 16.69 1.02
N ASP A 100 15.32 17.48 1.97
CA ASP A 100 15.31 18.94 1.82
C ASP A 100 16.43 19.58 2.64
N GLU A 101 17.61 18.96 2.61
CA GLU A 101 18.76 19.46 3.35
C GLU A 101 19.66 20.30 2.45
N GLY A 102 19.89 21.55 2.85
CA GLY A 102 20.74 22.42 2.06
C GLY A 102 20.44 23.90 2.31
N GLU A 103 20.73 24.36 3.52
CA GLU A 103 20.48 25.76 3.87
C GLU A 103 21.49 26.68 3.18
N ASP A 104 20.97 27.69 2.48
CA ASP A 104 21.83 28.63 1.78
C ASP A 104 21.68 30.04 2.34
N GLN A 105 20.57 30.29 3.04
CA GLN A 105 20.31 31.60 3.63
C GLN A 105 21.22 31.85 4.82
N ALA A 106 21.77 33.06 4.90
CA ALA A 106 22.65 33.43 6.00
C ALA A 106 22.10 34.62 6.77
N GLY A 107 22.14 34.52 8.09
CA GLY A 107 21.63 35.59 8.94
C GLY A 107 20.33 35.23 9.63
N SER A 1 -8.24 -6.82 -34.81
CA SER A 1 -7.51 -5.71 -34.14
C SER A 1 -7.49 -5.90 -32.62
N GLY A 2 -7.03 -4.88 -31.91
CA GLY A 2 -6.96 -4.96 -30.46
C GLY A 2 -6.20 -3.80 -29.85
N PHE A 3 -6.37 -2.61 -30.42
CA PHE A 3 -5.70 -1.42 -29.94
C PHE A 3 -6.26 -0.98 -28.58
N LYS A 4 -5.79 -1.61 -27.51
CA LYS A 4 -6.25 -1.29 -26.17
C LYS A 4 -5.10 -1.37 -25.17
N HIS A 5 -4.53 -0.22 -24.85
CA HIS A 5 -3.42 -0.15 -23.90
C HIS A 5 -3.87 0.46 -22.59
N VAL A 6 -4.08 -0.39 -21.58
CA VAL A 6 -4.52 0.07 -20.27
C VAL A 6 -3.56 -0.38 -19.17
N SER A 7 -3.25 0.52 -18.24
CA SER A 7 -2.36 0.20 -17.15
C SER A 7 -2.91 -0.95 -16.31
N HIS A 8 -4.22 -0.92 -16.06
CA HIS A 8 -4.88 -1.95 -15.26
C HIS A 8 -4.56 -1.77 -13.78
N VAL A 9 -5.21 -0.79 -13.16
CA VAL A 9 -4.99 -0.49 -11.76
C VAL A 9 -6.04 0.47 -11.22
N GLY A 10 -6.35 0.32 -9.94
CA GLY A 10 -7.30 1.20 -9.31
C GLY A 10 -6.68 2.55 -9.00
N TRP A 11 -5.43 2.53 -8.56
CA TRP A 11 -4.68 3.75 -8.26
C TRP A 11 -4.22 4.42 -9.56
N ASP A 12 -4.39 5.73 -9.63
CA ASP A 12 -3.99 6.48 -10.81
C ASP A 12 -3.04 7.63 -10.44
N PRO A 13 -1.95 7.82 -11.20
CA PRO A 13 -0.97 8.88 -10.93
C PRO A 13 -1.61 10.26 -10.92
N GLN A 14 -2.15 10.65 -9.77
CA GLN A 14 -2.78 11.95 -9.62
C GLN A 14 -3.47 12.07 -8.26
N ASN A 15 -4.64 11.46 -8.14
CA ASN A 15 -5.40 11.49 -6.91
C ASN A 15 -4.70 10.71 -5.80
N GLY A 16 -4.25 9.50 -6.13
CA GLY A 16 -3.55 8.68 -5.16
C GLY A 16 -4.45 7.61 -4.57
N PHE A 17 -4.94 7.86 -3.36
CA PHE A 17 -5.82 6.91 -2.68
C PHE A 17 -7.27 7.36 -2.75
N ASP A 18 -8.18 6.41 -2.69
CA ASP A 18 -9.62 6.70 -2.75
C ASP A 18 -10.30 6.35 -1.43
N VAL A 19 -9.92 7.06 -0.37
CA VAL A 19 -10.50 6.81 0.95
C VAL A 19 -12.02 6.87 0.90
N ASN A 20 -12.55 7.66 -0.03
CA ASN A 20 -13.99 7.79 -0.17
C ASN A 20 -14.60 6.53 -0.78
N ASN A 21 -13.82 5.83 -1.60
CA ASN A 21 -14.29 4.61 -2.24
C ASN A 21 -13.36 3.44 -1.91
N LEU A 22 -12.81 3.45 -0.71
CA LEU A 22 -11.89 2.39 -0.28
C LEU A 22 -12.67 1.12 0.08
N ASP A 23 -12.15 -0.02 -0.37
CA ASP A 23 -12.78 -1.31 -0.10
C ASP A 23 -12.65 -1.68 1.36
N PRO A 24 -13.65 -2.42 1.90
CA PRO A 24 -13.64 -2.85 3.30
C PRO A 24 -12.33 -3.51 3.71
N ASP A 25 -11.99 -4.60 3.03
CA ASP A 25 -10.75 -5.33 3.32
C ASP A 25 -9.55 -4.39 3.25
N LEU A 26 -9.43 -3.67 2.15
CA LEU A 26 -8.33 -2.74 1.96
C LEU A 26 -8.25 -1.73 3.11
N ARG A 27 -9.41 -1.22 3.51
CA ARG A 27 -9.47 -0.25 4.60
C ARG A 27 -8.82 -0.80 5.86
N SER A 28 -9.11 -2.06 6.17
CA SER A 28 -8.54 -2.70 7.35
C SER A 28 -7.07 -3.04 7.13
N LEU A 29 -6.70 -3.23 5.86
CA LEU A 29 -5.33 -3.55 5.51
C LEU A 29 -4.39 -2.40 5.86
N PHE A 30 -4.94 -1.19 5.98
CA PHE A 30 -4.15 -0.02 6.30
C PHE A 30 -4.10 0.20 7.81
N SER A 31 -5.28 0.24 8.44
CA SER A 31 -5.37 0.45 9.89
C SER A 31 -4.62 -0.65 10.64
N ARG A 32 -4.39 -1.79 9.98
CA ARG A 32 -3.69 -2.90 10.60
C ARG A 32 -2.18 -2.69 10.54
N ALA A 33 -1.74 -1.89 9.57
CA ALA A 33 -0.31 -1.62 9.41
C ALA A 33 0.08 -0.32 10.13
N GLY A 34 -0.90 0.55 10.34
CA GLY A 34 -0.64 1.81 11.01
C GLY A 34 -0.67 3.00 10.07
N ILE A 35 -1.47 2.90 9.02
CA ILE A 35 -1.60 3.97 8.04
C ILE A 35 -2.94 4.69 8.18
N SER A 36 -2.90 6.02 8.20
CA SER A 36 -4.11 6.83 8.33
C SER A 36 -4.41 7.59 7.05
N GLU A 37 -5.60 8.18 6.99
CA GLU A 37 -6.01 8.95 5.82
C GLU A 37 -4.97 10.00 5.46
N ALA A 38 -4.49 10.72 6.47
CA ALA A 38 -3.50 11.77 6.25
C ALA A 38 -2.33 11.25 5.40
N GLN A 39 -1.95 10.01 5.64
CA GLN A 39 -0.85 9.39 4.89
C GLN A 39 -1.32 8.98 3.49
N LEU A 40 -2.61 8.74 3.35
CA LEU A 40 -3.18 8.33 2.07
C LEU A 40 -3.38 9.54 1.15
N THR A 41 -3.68 10.69 1.75
CA THR A 41 -3.89 11.91 0.98
C THR A 41 -2.59 12.40 0.37
N ASP A 42 -1.53 12.44 1.19
CA ASP A 42 -0.22 12.89 0.73
C ASP A 42 0.17 12.21 -0.57
N ALA A 43 0.32 13.00 -1.63
CA ALA A 43 0.69 12.47 -2.93
C ALA A 43 2.01 11.71 -2.86
N GLU A 44 3.03 12.37 -2.30
CA GLU A 44 4.34 11.76 -2.17
C GLU A 44 4.25 10.42 -1.45
N THR A 45 3.54 10.41 -0.32
CA THR A 45 3.37 9.19 0.46
C THR A 45 2.53 8.18 -0.30
N SER A 46 1.53 8.67 -1.02
CA SER A 46 0.65 7.79 -1.81
C SER A 46 1.48 6.88 -2.71
N LYS A 47 2.36 7.49 -3.50
CA LYS A 47 3.21 6.74 -4.41
C LYS A 47 4.19 5.86 -3.63
N LEU A 48 4.64 6.36 -2.48
CA LEU A 48 5.56 5.63 -1.63
C LEU A 48 4.94 4.34 -1.13
N ILE A 49 3.64 4.40 -0.82
CA ILE A 49 2.92 3.23 -0.32
C ILE A 49 2.38 2.38 -1.46
N TYR A 50 2.23 2.97 -2.64
CA TYR A 50 1.68 2.25 -3.77
C TYR A 50 2.56 1.04 -4.11
N ASP A 51 3.81 1.06 -3.66
CA ASP A 51 4.71 -0.06 -3.88
C ASP A 51 4.16 -1.33 -3.24
N PHE A 52 3.20 -1.18 -2.31
CA PHE A 52 2.61 -2.33 -1.63
C PHE A 52 1.45 -2.92 -2.42
N ILE A 53 0.39 -2.13 -2.63
CA ILE A 53 -0.75 -2.60 -3.41
C ILE A 53 -0.34 -2.88 -4.86
N GLU A 54 0.80 -2.34 -5.26
CA GLU A 54 1.31 -2.54 -6.62
C GLU A 54 2.06 -3.86 -6.73
N ASP A 55 2.58 -4.34 -5.60
CA ASP A 55 3.33 -5.59 -5.57
C ASP A 55 2.40 -6.79 -5.48
N GLN A 56 1.44 -6.72 -4.57
CA GLN A 56 0.49 -7.81 -4.37
C GLN A 56 -0.23 -8.15 -5.68
N GLY A 57 -0.28 -7.19 -6.60
CA GLY A 57 -0.93 -7.42 -7.86
C GLY A 57 -2.17 -6.57 -8.05
N GLY A 58 -2.78 -6.16 -6.94
CA GLY A 58 -3.97 -5.33 -6.99
C GLY A 58 -4.80 -5.41 -5.72
N LEU A 59 -6.01 -4.86 -5.77
CA LEU A 59 -6.88 -4.89 -4.60
C LEU A 59 -7.65 -6.19 -4.55
N GLU A 60 -8.36 -6.50 -5.63
CA GLU A 60 -9.00 -7.80 -5.75
C GLU A 60 -7.93 -8.87 -5.70
N ALA A 61 -6.75 -8.49 -6.21
CA ALA A 61 -5.58 -9.34 -6.18
C ALA A 61 -5.18 -9.68 -4.75
N VAL A 62 -5.31 -8.68 -3.87
CA VAL A 62 -4.99 -8.86 -2.45
C VAL A 62 -6.17 -9.46 -1.70
N ARG A 63 -7.32 -8.81 -1.82
CA ARG A 63 -8.53 -9.27 -1.14
C ARG A 63 -8.74 -10.77 -1.34
N GLN A 64 -8.20 -11.29 -2.44
CA GLN A 64 -8.33 -12.70 -2.75
C GLN A 64 -7.34 -13.55 -1.93
N GLU A 65 -6.21 -12.93 -1.58
CA GLU A 65 -5.18 -13.63 -0.82
C GLU A 65 -5.46 -13.58 0.68
N MET A 66 -5.55 -12.38 1.23
CA MET A 66 -5.78 -12.21 2.66
C MET A 66 -7.13 -12.81 3.08
N ARG A 67 -8.00 -13.09 2.11
CA ARG A 67 -9.30 -13.66 2.40
C ARG A 67 -9.15 -14.90 3.29
N ARG A 68 -8.13 -15.71 3.02
CA ARG A 68 -7.88 -16.92 3.79
C ARG A 68 -6.78 -17.75 3.14
N GLN A 69 -5.74 -17.07 2.66
CA GLN A 69 -4.62 -17.74 2.03
C GLN A 69 -3.40 -17.77 2.94
N GLY A 70 -2.63 -18.85 2.86
CA GLY A 70 -1.45 -18.98 3.70
C GLY A 70 -1.29 -20.38 4.27
N GLY A 71 -1.14 -21.36 3.38
CA GLY A 71 -0.99 -22.74 3.83
C GLY A 71 -2.32 -23.39 4.15
N SER A 72 -2.64 -23.48 5.43
CA SER A 72 -3.89 -24.10 5.86
C SER A 72 -4.80 -23.06 6.52
N GLY A 73 -4.67 -21.81 6.10
CA GLY A 73 -5.47 -20.74 6.65
C GLY A 73 -4.75 -19.96 7.73
N GLY A 74 -4.21 -20.67 8.72
CA GLY A 74 -3.49 -20.00 9.79
C GLY A 74 -4.25 -18.84 10.38
N SER A 75 -3.68 -17.64 10.26
CA SER A 75 -4.29 -16.43 10.81
C SER A 75 -4.09 -16.36 12.32
N GLN A 76 -2.88 -16.72 12.74
CA GLN A 76 -2.55 -16.71 14.16
C GLN A 76 -2.64 -15.31 14.74
N SER A 77 -3.87 -14.88 15.04
CA SER A 77 -4.09 -13.56 15.61
C SER A 77 -3.62 -12.47 14.65
N SER A 78 -4.51 -12.00 13.79
CA SER A 78 -4.18 -10.96 12.83
C SER A 78 -2.94 -11.32 12.03
N GLU A 79 -2.35 -10.31 11.38
CA GLU A 79 -1.15 -10.52 10.59
C GLU A 79 -1.42 -11.45 9.41
N GLY A 80 -0.38 -11.73 8.63
CA GLY A 80 -0.53 -12.60 7.48
C GLY A 80 -0.44 -11.85 6.15
N LEU A 81 -0.12 -10.56 6.21
CA LEU A 81 0.00 -9.74 5.02
C LEU A 81 0.19 -8.28 5.40
N VAL A 82 -0.44 -7.87 6.50
CA VAL A 82 -0.33 -6.50 6.98
C VAL A 82 1.06 -6.23 7.56
N GLY A 83 1.68 -7.26 8.10
CA GLY A 83 3.00 -7.12 8.67
C GLY A 83 4.02 -6.64 7.65
N ALA A 84 3.81 -7.03 6.39
CA ALA A 84 4.72 -6.63 5.31
C ALA A 84 4.64 -5.12 5.07
N LEU A 85 3.42 -4.62 4.90
CA LEU A 85 3.22 -3.19 4.68
C LEU A 85 3.91 -2.37 5.76
N MET A 86 3.92 -2.90 6.98
CA MET A 86 4.54 -2.22 8.11
C MET A 86 5.98 -1.82 7.77
N HIS A 87 6.72 -2.73 7.15
CA HIS A 87 8.10 -2.48 6.77
C HIS A 87 8.17 -1.33 5.76
N VAL A 88 7.24 -1.32 4.82
CA VAL A 88 7.19 -0.28 3.80
C VAL A 88 6.97 1.09 4.44
N MET A 89 6.42 1.10 5.65
CA MET A 89 6.16 2.35 6.35
C MET A 89 7.41 2.81 7.08
N GLN A 90 8.27 1.86 7.42
CA GLN A 90 9.52 2.18 8.12
C GLN A 90 10.40 3.08 7.26
N LYS A 91 10.23 2.98 5.95
CA LYS A 91 10.99 3.79 5.01
C LYS A 91 10.73 5.28 5.21
N ARG A 92 9.45 5.64 5.23
CA ARG A 92 9.05 7.03 5.42
C ARG A 92 9.63 7.60 6.70
N SER A 93 9.58 6.80 7.78
CA SER A 93 10.10 7.23 9.07
C SER A 93 11.57 7.61 8.97
N ARG A 94 12.34 6.78 8.27
CA ARG A 94 13.77 7.03 8.10
C ARG A 94 14.01 8.39 7.47
N ALA A 95 13.29 8.69 6.40
CA ALA A 95 13.43 9.96 5.70
C ALA A 95 13.42 11.15 6.68
N ILE A 96 14.61 11.67 6.95
CA ILE A 96 14.75 12.80 7.87
C ILE A 96 14.52 14.12 7.15
N HIS A 97 15.08 14.24 5.95
CA HIS A 97 14.93 15.45 5.15
C HIS A 97 13.56 15.53 4.53
N SER A 98 12.62 16.12 5.25
CA SER A 98 11.25 16.26 4.77
C SER A 98 11.20 17.22 3.58
N SER A 99 12.02 18.26 3.63
CA SER A 99 12.08 19.24 2.55
C SER A 99 12.63 18.62 1.28
N ASP A 100 13.62 17.74 1.43
CA ASP A 100 14.23 17.07 0.30
C ASP A 100 14.64 18.07 -0.77
N GLU A 101 15.06 19.26 -0.34
CA GLU A 101 15.48 20.30 -1.26
C GLU A 101 16.73 21.02 -0.74
N GLY A 102 17.86 20.33 -0.78
CA GLY A 102 19.10 20.92 -0.31
C GLY A 102 20.32 20.28 -0.95
N GLU A 103 20.93 20.99 -1.90
CA GLU A 103 22.10 20.48 -2.59
C GLU A 103 23.33 21.33 -2.26
N ASP A 104 23.11 22.56 -1.81
CA ASP A 104 24.21 23.46 -1.48
C ASP A 104 23.90 24.25 -0.21
N GLN A 105 24.88 24.99 0.28
CA GLN A 105 24.70 25.79 1.48
C GLN A 105 23.56 26.79 1.32
N ALA A 106 23.38 27.27 0.10
CA ALA A 106 22.32 28.23 -0.19
C ALA A 106 20.97 27.70 0.28
N GLY A 107 20.41 28.35 1.30
CA GLY A 107 19.12 27.93 1.83
C GLY A 107 18.01 28.07 0.81
N SER A 1 -10.01 -8.00 -31.07
CA SER A 1 -9.97 -6.93 -30.04
C SER A 1 -11.33 -6.70 -29.42
N GLY A 2 -11.34 -6.32 -28.14
CA GLY A 2 -12.60 -6.07 -27.45
C GLY A 2 -12.39 -5.51 -26.06
N PHE A 3 -11.65 -6.23 -25.22
CA PHE A 3 -11.37 -5.80 -23.86
C PHE A 3 -9.99 -5.17 -23.76
N LYS A 4 -9.89 -4.06 -23.04
CA LYS A 4 -8.62 -3.37 -22.86
C LYS A 4 -7.59 -4.29 -22.23
N HIS A 5 -6.45 -4.44 -22.91
CA HIS A 5 -5.38 -5.30 -22.42
C HIS A 5 -4.50 -4.55 -21.42
N VAL A 6 -4.76 -4.75 -20.13
CA VAL A 6 -4.01 -4.08 -19.09
C VAL A 6 -4.50 -4.50 -17.70
N SER A 7 -3.57 -4.60 -16.75
CA SER A 7 -3.91 -4.99 -15.38
C SER A 7 -5.09 -4.17 -14.86
N HIS A 8 -5.24 -2.97 -15.40
CA HIS A 8 -6.33 -2.09 -15.02
C HIS A 8 -6.22 -1.66 -13.56
N VAL A 9 -5.04 -1.20 -13.18
CA VAL A 9 -4.80 -0.74 -11.81
C VAL A 9 -5.85 0.27 -11.39
N GLY A 10 -6.14 0.32 -10.09
CA GLY A 10 -7.11 1.25 -9.57
C GLY A 10 -6.49 2.57 -9.20
N TRP A 11 -5.26 2.52 -8.67
CA TRP A 11 -4.54 3.73 -8.28
C TRP A 11 -3.97 4.43 -9.51
N ASP A 12 -3.80 5.73 -9.37
CA ASP A 12 -3.22 6.55 -10.44
C ASP A 12 -2.15 7.48 -9.89
N PRO A 13 -1.08 7.74 -10.66
CA PRO A 13 0.02 8.60 -10.24
C PRO A 13 -0.44 10.01 -9.86
N GLN A 14 -1.65 10.37 -10.25
CA GLN A 14 -2.20 11.69 -9.97
C GLN A 14 -3.43 11.60 -9.07
N ASN A 15 -4.40 10.78 -9.47
CA ASN A 15 -5.63 10.62 -8.71
C ASN A 15 -5.34 10.40 -7.23
N GLY A 16 -4.39 9.51 -6.95
CA GLY A 16 -4.04 9.23 -5.56
C GLY A 16 -4.89 8.13 -4.97
N PHE A 17 -4.94 8.07 -3.64
CA PHE A 17 -5.73 7.06 -2.94
C PHE A 17 -7.21 7.37 -3.03
N ASP A 18 -8.04 6.33 -2.94
CA ASP A 18 -9.48 6.49 -2.98
C ASP A 18 -10.09 6.28 -1.60
N VAL A 19 -9.49 6.90 -0.60
CA VAL A 19 -9.97 6.78 0.77
C VAL A 19 -11.45 7.11 0.88
N ASN A 20 -11.95 7.90 -0.07
CA ASN A 20 -13.35 8.28 -0.08
C ASN A 20 -14.24 7.04 -0.08
N ASN A 21 -13.88 6.05 -0.89
CA ASN A 21 -14.64 4.81 -0.97
C ASN A 21 -13.70 3.61 -0.95
N LEU A 22 -12.76 3.64 0.00
CA LEU A 22 -11.79 2.55 0.15
C LEU A 22 -12.49 1.23 0.45
N ASP A 23 -12.14 0.21 -0.32
CA ASP A 23 -12.74 -1.12 -0.14
C ASP A 23 -12.61 -1.59 1.31
N PRO A 24 -13.62 -2.32 1.81
CA PRO A 24 -13.62 -2.82 3.19
C PRO A 24 -12.37 -3.64 3.50
N ASP A 25 -12.12 -4.65 2.67
CA ASP A 25 -10.95 -5.52 2.86
C ASP A 25 -9.67 -4.69 2.87
N LEU A 26 -9.59 -3.71 1.98
CA LEU A 26 -8.42 -2.84 1.89
C LEU A 26 -8.37 -1.88 3.07
N ARG A 27 -9.52 -1.32 3.42
CA ARG A 27 -9.61 -0.38 4.54
C ARG A 27 -9.05 -1.01 5.81
N SER A 28 -9.10 -2.34 5.88
CA SER A 28 -8.59 -3.06 7.04
C SER A 28 -7.10 -3.33 6.88
N LEU A 29 -6.67 -3.43 5.63
CA LEU A 29 -5.26 -3.67 5.32
C LEU A 29 -4.40 -2.50 5.77
N PHE A 30 -5.02 -1.33 5.91
CA PHE A 30 -4.30 -0.13 6.35
C PHE A 30 -4.33 0.00 7.86
N SER A 31 -5.53 0.09 8.41
CA SER A 31 -5.71 0.22 9.86
C SER A 31 -4.87 -0.82 10.61
N ARG A 32 -4.73 -1.99 10.02
CA ARG A 32 -3.95 -3.07 10.62
C ARG A 32 -2.47 -2.77 10.56
N ALA A 33 -2.03 -2.17 9.46
CA ALA A 33 -0.62 -1.84 9.26
C ALA A 33 -0.24 -0.59 10.07
N GLY A 34 -1.23 0.24 10.38
CA GLY A 34 -0.98 1.45 11.14
C GLY A 34 -0.85 2.67 10.25
N ILE A 35 -1.79 2.83 9.33
CA ILE A 35 -1.79 3.98 8.42
C ILE A 35 -3.10 4.76 8.53
N SER A 36 -2.98 6.08 8.48
CA SER A 36 -4.15 6.95 8.57
C SER A 36 -4.45 7.62 7.23
N GLU A 37 -5.46 8.49 7.22
CA GLU A 37 -5.85 9.19 6.01
C GLU A 37 -4.75 10.14 5.54
N ALA A 38 -4.05 10.74 6.50
CA ALA A 38 -2.97 11.67 6.18
C ALA A 38 -2.02 11.09 5.15
N GLN A 39 -1.56 9.86 5.40
CA GLN A 39 -0.63 9.19 4.49
C GLN A 39 -1.32 8.79 3.19
N LEU A 40 -2.61 8.46 3.28
CA LEU A 40 -3.38 8.07 2.11
C LEU A 40 -3.65 9.27 1.20
N THR A 41 -4.02 10.39 1.82
CA THR A 41 -4.31 11.61 1.06
C THR A 41 -3.04 12.21 0.50
N ASP A 42 -1.93 12.04 1.21
CA ASP A 42 -0.64 12.57 0.78
C ASP A 42 -0.18 11.88 -0.50
N ALA A 43 -0.20 12.62 -1.60
CA ALA A 43 0.23 12.08 -2.88
C ALA A 43 1.67 11.60 -2.82
N GLU A 44 2.48 12.26 -1.98
CA GLU A 44 3.89 11.89 -1.82
C GLU A 44 4.01 10.52 -1.18
N THR A 45 3.11 10.21 -0.26
CA THR A 45 3.12 8.92 0.42
C THR A 45 2.38 7.87 -0.40
N SER A 46 1.40 8.32 -1.18
CA SER A 46 0.62 7.42 -2.02
C SER A 46 1.54 6.54 -2.86
N LYS A 47 2.39 7.18 -3.66
CA LYS A 47 3.34 6.46 -4.49
C LYS A 47 4.27 5.63 -3.63
N LEU A 48 4.50 6.09 -2.41
CA LEU A 48 5.35 5.37 -1.47
C LEU A 48 4.62 4.14 -0.92
N ILE A 49 3.31 4.27 -0.77
CA ILE A 49 2.48 3.17 -0.28
C ILE A 49 2.00 2.29 -1.43
N TYR A 50 2.02 2.84 -2.64
CA TYR A 50 1.56 2.07 -3.80
C TYR A 50 2.50 0.89 -4.07
N ASP A 51 3.74 1.01 -3.61
CA ASP A 51 4.68 -0.09 -3.74
C ASP A 51 4.16 -1.32 -3.01
N PHE A 52 3.20 -1.11 -2.11
CA PHE A 52 2.62 -2.21 -1.34
C PHE A 52 1.43 -2.84 -2.06
N ILE A 53 0.42 -2.04 -2.40
CA ILE A 53 -0.75 -2.56 -3.11
C ILE A 53 -0.39 -2.92 -4.55
N GLU A 54 0.73 -2.38 -5.04
CA GLU A 54 1.19 -2.69 -6.39
C GLU A 54 2.01 -3.97 -6.42
N ASP A 55 2.78 -4.20 -5.36
CA ASP A 55 3.65 -5.37 -5.27
C ASP A 55 2.86 -6.61 -4.82
N GLN A 56 1.97 -6.43 -3.86
CA GLN A 56 1.18 -7.55 -3.34
C GLN A 56 0.42 -8.25 -4.46
N GLY A 57 0.23 -7.55 -5.58
CA GLY A 57 -0.49 -8.13 -6.70
C GLY A 57 -1.69 -7.30 -7.09
N GLY A 58 -2.25 -6.59 -6.13
CA GLY A 58 -3.40 -5.74 -6.39
C GLY A 58 -4.26 -5.54 -5.17
N LEU A 59 -4.91 -4.39 -5.10
CA LEU A 59 -5.78 -4.06 -3.98
C LEU A 59 -6.92 -5.06 -3.85
N GLU A 60 -7.68 -5.23 -4.92
CA GLU A 60 -8.75 -6.22 -4.94
C GLU A 60 -8.12 -7.61 -5.06
N ALA A 61 -7.01 -7.65 -5.77
CA ALA A 61 -6.22 -8.86 -5.92
C ALA A 61 -5.78 -9.36 -4.56
N VAL A 62 -5.66 -8.44 -3.60
CA VAL A 62 -5.30 -8.78 -2.22
C VAL A 62 -6.54 -9.30 -1.50
N ARG A 63 -7.68 -8.68 -1.77
CA ARG A 63 -8.94 -9.10 -1.17
C ARG A 63 -9.17 -10.58 -1.42
N GLN A 64 -8.67 -11.07 -2.56
CA GLN A 64 -8.80 -12.47 -2.91
C GLN A 64 -7.80 -13.31 -2.12
N GLU A 65 -6.67 -12.71 -1.78
CA GLU A 65 -5.63 -13.39 -1.03
C GLU A 65 -5.92 -13.33 0.47
N MET A 66 -6.29 -12.14 0.95
CA MET A 66 -6.60 -11.94 2.36
C MET A 66 -7.60 -12.99 2.84
N ARG A 67 -8.53 -13.35 1.96
CA ARG A 67 -9.55 -14.35 2.29
C ARG A 67 -8.93 -15.73 2.38
N ARG A 68 -8.07 -16.05 1.43
CA ARG A 68 -7.40 -17.35 1.39
C ARG A 68 -6.63 -17.60 2.68
N GLN A 69 -6.11 -16.53 3.27
CA GLN A 69 -5.36 -16.63 4.51
C GLN A 69 -6.24 -17.14 5.65
N GLY A 70 -6.18 -18.44 5.89
CA GLY A 70 -6.98 -19.03 6.95
C GLY A 70 -8.38 -19.40 6.49
N GLY A 71 -9.38 -18.91 7.22
CA GLY A 71 -10.76 -19.20 6.87
C GLY A 71 -11.07 -20.68 6.91
N SER A 72 -12.29 -21.04 6.50
CA SER A 72 -12.70 -22.43 6.50
C SER A 72 -12.81 -22.98 7.91
N GLY A 73 -13.46 -22.23 8.79
CA GLY A 73 -13.61 -22.64 10.16
C GLY A 73 -12.52 -22.10 11.07
N GLY A 74 -11.38 -21.77 10.47
CA GLY A 74 -10.27 -21.23 11.24
C GLY A 74 -10.47 -19.78 11.64
N SER A 75 -9.87 -19.39 12.76
CA SER A 75 -9.99 -18.03 13.25
C SER A 75 -8.63 -17.47 13.66
N GLN A 76 -7.61 -17.73 12.84
CA GLN A 76 -6.26 -17.28 13.12
C GLN A 76 -6.04 -15.86 12.58
N SER A 77 -5.24 -15.07 13.30
CA SER A 77 -4.96 -13.70 12.89
C SER A 77 -3.49 -13.38 13.09
N SER A 78 -2.82 -13.04 11.98
CA SER A 78 -1.40 -12.70 12.03
C SER A 78 -1.08 -11.59 11.03
N GLU A 79 -0.09 -10.77 11.37
CA GLU A 79 0.32 -9.67 10.51
C GLU A 79 1.09 -10.18 9.30
N GLY A 80 0.40 -10.91 8.44
CA GLY A 80 1.04 -11.44 7.24
C GLY A 80 1.37 -10.36 6.24
N LEU A 81 0.60 -10.29 5.16
CA LEU A 81 0.83 -9.29 4.12
C LEU A 81 0.78 -7.89 4.72
N VAL A 82 0.02 -7.73 5.81
CA VAL A 82 -0.09 -6.45 6.49
C VAL A 82 1.26 -6.00 7.03
N GLY A 83 2.00 -6.94 7.61
CA GLY A 83 3.31 -6.63 8.14
C GLY A 83 4.22 -6.00 7.10
N ALA A 84 4.16 -6.53 5.89
CA ALA A 84 4.97 -6.00 4.79
C ALA A 84 4.72 -4.51 4.60
N LEU A 85 3.46 -4.11 4.76
CA LEU A 85 3.09 -2.71 4.62
C LEU A 85 3.70 -1.88 5.75
N MET A 86 3.72 -2.46 6.95
CA MET A 86 4.28 -1.78 8.12
C MET A 86 5.73 -1.38 7.87
N HIS A 87 6.48 -2.27 7.22
CA HIS A 87 7.89 -2.01 6.93
C HIS A 87 8.03 -0.90 5.90
N VAL A 88 7.12 -0.87 4.93
CA VAL A 88 7.14 0.13 3.88
C VAL A 88 6.99 1.54 4.45
N MET A 89 6.26 1.63 5.56
CA MET A 89 6.03 2.92 6.21
C MET A 89 7.24 3.32 7.04
N GLN A 90 7.94 2.33 7.58
CA GLN A 90 9.13 2.58 8.37
C GLN A 90 10.26 3.11 7.51
N LYS A 91 10.30 2.67 6.25
CA LYS A 91 11.33 3.10 5.31
C LYS A 91 11.33 4.62 5.18
N ARG A 92 10.13 5.21 5.27
CA ARG A 92 10.00 6.66 5.17
C ARG A 92 10.42 7.33 6.47
N SER A 93 10.12 6.69 7.59
CA SER A 93 10.46 7.22 8.89
C SER A 93 11.94 7.58 8.96
N ARG A 94 12.80 6.62 8.60
CA ARG A 94 14.23 6.83 8.60
C ARG A 94 14.70 7.45 7.28
N ALA A 95 14.22 6.87 6.18
CA ALA A 95 14.58 7.36 4.85
C ALA A 95 16.08 7.29 4.63
N ILE A 96 16.50 6.42 3.71
CA ILE A 96 17.91 6.27 3.40
C ILE A 96 18.22 6.77 1.98
N HIS A 97 17.20 6.75 1.13
CA HIS A 97 17.36 7.21 -0.25
C HIS A 97 17.54 8.72 -0.30
N SER A 98 18.64 9.19 0.28
CA SER A 98 18.94 10.62 0.30
C SER A 98 19.64 11.05 -0.98
N SER A 99 20.31 10.10 -1.64
CA SER A 99 21.02 10.38 -2.88
C SER A 99 20.04 10.61 -4.03
N ASP A 100 18.85 10.02 -3.91
CA ASP A 100 17.84 10.17 -4.94
C ASP A 100 18.24 9.45 -6.22
N GLU A 101 19.25 9.98 -6.90
CA GLU A 101 19.75 9.39 -8.13
C GLU A 101 20.94 8.48 -7.87
N GLY A 102 22.10 9.09 -7.65
CA GLY A 102 23.31 8.33 -7.40
C GLY A 102 23.61 7.32 -8.49
N GLU A 103 24.31 7.79 -9.52
CA GLU A 103 24.67 6.92 -10.65
C GLU A 103 26.15 6.57 -10.61
N ASP A 104 26.48 5.38 -11.08
CA ASP A 104 27.87 4.92 -11.10
C ASP A 104 28.17 4.14 -12.37
N GLN A 105 29.38 3.61 -12.46
CA GLN A 105 29.80 2.84 -13.62
C GLN A 105 29.09 1.48 -13.66
N ALA A 106 28.99 0.85 -12.50
CA ALA A 106 28.34 -0.45 -12.39
C ALA A 106 26.97 -0.44 -13.04
N GLY A 107 26.76 -1.33 -14.00
CA GLY A 107 25.48 -1.40 -14.69
C GLY A 107 24.87 -2.79 -14.64
N SER A 1 -10.33 -0.96 -34.47
CA SER A 1 -10.57 -1.21 -33.02
C SER A 1 -9.99 -2.56 -32.59
N GLY A 2 -9.61 -2.65 -31.32
CA GLY A 2 -9.06 -3.89 -30.81
C GLY A 2 -7.90 -3.65 -29.85
N PHE A 3 -6.79 -3.13 -30.36
CA PHE A 3 -5.63 -2.85 -29.54
C PHE A 3 -5.90 -1.72 -28.57
N LYS A 4 -5.76 -2.00 -27.29
CA LYS A 4 -6.00 -1.00 -26.25
C LYS A 4 -4.98 -1.11 -25.13
N HIS A 5 -3.87 -0.39 -25.26
CA HIS A 5 -2.80 -0.42 -24.26
C HIS A 5 -3.36 -0.09 -22.88
N VAL A 6 -3.28 -1.05 -21.97
CA VAL A 6 -3.79 -0.85 -20.61
C VAL A 6 -2.98 -1.67 -19.61
N SER A 7 -2.52 -1.02 -18.55
CA SER A 7 -1.75 -1.69 -17.51
C SER A 7 -2.65 -2.41 -16.53
N HIS A 8 -3.87 -1.89 -16.38
CA HIS A 8 -4.85 -2.49 -15.47
C HIS A 8 -4.47 -2.23 -14.02
N VAL A 9 -4.92 -1.11 -13.47
CA VAL A 9 -4.65 -0.74 -12.09
C VAL A 9 -5.68 0.26 -11.59
N GLY A 10 -5.95 0.20 -10.29
CA GLY A 10 -6.92 1.11 -9.70
C GLY A 10 -6.27 2.43 -9.31
N TRP A 11 -4.99 2.36 -8.93
CA TRP A 11 -4.24 3.55 -8.55
C TRP A 11 -3.62 4.22 -9.78
N ASP A 12 -3.51 5.54 -9.72
CA ASP A 12 -2.94 6.31 -10.82
C ASP A 12 -2.15 7.52 -10.31
N PRO A 13 -1.15 7.98 -11.06
CA PRO A 13 -0.33 9.13 -10.68
C PRO A 13 -1.13 10.43 -10.64
N GLN A 14 -2.12 10.49 -9.75
CA GLN A 14 -2.96 11.67 -9.61
C GLN A 14 -3.71 11.66 -8.29
N ASN A 15 -4.83 10.94 -8.25
CA ASN A 15 -5.64 10.85 -7.05
C ASN A 15 -4.83 10.29 -5.88
N GLY A 16 -4.17 9.17 -6.12
CA GLY A 16 -3.37 8.55 -5.08
C GLY A 16 -4.12 7.50 -4.30
N PHE A 17 -4.71 7.92 -3.18
CA PHE A 17 -5.48 7.01 -2.34
C PHE A 17 -6.93 7.47 -2.21
N ASP A 18 -7.84 6.65 -2.73
CA ASP A 18 -9.27 6.97 -2.67
C ASP A 18 -9.88 6.52 -1.36
N VAL A 19 -9.48 7.17 -0.26
CA VAL A 19 -10.00 6.84 1.06
C VAL A 19 -11.53 6.91 1.09
N ASN A 20 -12.08 7.80 0.26
CA ASN A 20 -13.53 7.96 0.21
C ASN A 20 -14.21 6.65 -0.19
N ASN A 21 -13.63 5.96 -1.17
CA ASN A 21 -14.19 4.71 -1.64
C ASN A 21 -13.20 3.56 -1.48
N LEU A 22 -12.44 3.60 -0.39
CA LEU A 22 -11.45 2.56 -0.11
C LEU A 22 -12.13 1.22 0.17
N ASP A 23 -11.73 0.20 -0.56
CA ASP A 23 -12.32 -1.13 -0.39
C ASP A 23 -12.22 -1.59 1.06
N PRO A 24 -13.28 -2.22 1.59
CA PRO A 24 -13.31 -2.70 2.97
C PRO A 24 -12.12 -3.60 3.28
N ASP A 25 -11.97 -4.67 2.51
CA ASP A 25 -10.87 -5.61 2.70
C ASP A 25 -9.54 -4.89 2.84
N LEU A 26 -9.25 -4.02 1.88
CA LEU A 26 -8.01 -3.25 1.90
C LEU A 26 -8.01 -2.25 3.05
N ARG A 27 -9.20 -1.82 3.46
CA ARG A 27 -9.34 -0.88 4.56
C ARG A 27 -8.65 -1.39 5.81
N SER A 28 -8.84 -2.68 6.10
CA SER A 28 -8.23 -3.30 7.27
C SER A 28 -6.74 -3.54 7.03
N LEU A 29 -6.37 -3.70 5.77
CA LEU A 29 -4.97 -3.94 5.41
C LEU A 29 -4.11 -2.72 5.70
N PHE A 30 -4.75 -1.57 5.86
CA PHE A 30 -4.04 -0.33 6.16
C PHE A 30 -4.13 0.02 7.64
N SER A 31 -5.35 0.20 8.12
CA SER A 31 -5.57 0.54 9.52
C SER A 31 -4.82 -0.41 10.45
N ARG A 32 -4.63 -1.65 9.98
CA ARG A 32 -3.94 -2.66 10.77
C ARG A 32 -2.42 -2.45 10.72
N ALA A 33 -1.93 -1.93 9.61
CA ALA A 33 -0.51 -1.68 9.45
C ALA A 33 -0.09 -0.39 10.15
N GLY A 34 -1.05 0.51 10.36
CA GLY A 34 -0.75 1.77 11.02
C GLY A 34 -0.73 2.94 10.06
N ILE A 35 -1.79 3.09 9.28
CA ILE A 35 -1.90 4.18 8.32
C ILE A 35 -3.20 4.95 8.49
N SER A 36 -3.12 6.27 8.42
CA SER A 36 -4.29 7.12 8.57
C SER A 36 -4.45 8.05 7.37
N GLU A 37 -5.62 8.67 7.25
CA GLU A 37 -5.90 9.59 6.14
C GLU A 37 -4.75 10.56 5.91
N ALA A 38 -4.14 11.02 7.01
CA ALA A 38 -3.02 11.96 6.92
C ALA A 38 -1.96 11.44 5.94
N GLN A 39 -1.81 10.13 5.87
CA GLN A 39 -0.84 9.51 4.98
C GLN A 39 -1.42 9.35 3.58
N LEU A 40 -2.55 8.65 3.49
CA LEU A 40 -3.20 8.39 2.22
C LEU A 40 -3.59 9.69 1.52
N THR A 41 -4.19 10.61 2.26
CA THR A 41 -4.61 11.89 1.70
C THR A 41 -3.47 12.55 0.94
N ASP A 42 -2.25 12.24 1.33
CA ASP A 42 -1.07 12.80 0.67
C ASP A 42 -0.74 12.05 -0.62
N ALA A 43 -0.70 12.78 -1.72
CA ALA A 43 -0.42 12.18 -3.02
C ALA A 43 1.00 11.59 -3.05
N GLU A 44 1.96 12.34 -2.53
CA GLU A 44 3.34 11.89 -2.50
C GLU A 44 3.48 10.64 -1.63
N THR A 45 2.74 10.59 -0.52
CA THR A 45 2.79 9.46 0.39
C THR A 45 2.10 8.25 -0.22
N SER A 46 1.11 8.49 -1.07
CA SER A 46 0.36 7.42 -1.71
C SER A 46 1.28 6.59 -2.60
N LYS A 47 1.92 7.24 -3.57
CA LYS A 47 2.84 6.57 -4.48
C LYS A 47 3.86 5.75 -3.72
N LEU A 48 4.50 6.37 -2.73
CA LEU A 48 5.49 5.70 -1.90
C LEU A 48 4.94 4.41 -1.32
N ILE A 49 3.66 4.43 -0.97
CA ILE A 49 3.01 3.26 -0.39
C ILE A 49 2.44 2.34 -1.47
N TYR A 50 2.20 2.89 -2.66
CA TYR A 50 1.64 2.09 -3.75
C TYR A 50 2.56 0.91 -4.08
N ASP A 51 3.83 1.01 -3.68
CA ASP A 51 4.77 -0.09 -3.88
C ASP A 51 4.27 -1.36 -3.19
N PHE A 52 3.35 -1.19 -2.24
CA PHE A 52 2.80 -2.33 -1.49
C PHE A 52 1.63 -2.98 -2.24
N ILE A 53 0.55 -2.22 -2.46
CA ILE A 53 -0.60 -2.74 -3.16
C ILE A 53 -0.25 -3.09 -4.61
N GLU A 54 0.87 -2.53 -5.10
CA GLU A 54 1.34 -2.81 -6.45
C GLU A 54 2.12 -4.11 -6.50
N ASP A 55 2.97 -4.32 -5.50
CA ASP A 55 3.80 -5.52 -5.42
C ASP A 55 2.98 -6.72 -4.93
N GLN A 56 2.03 -6.46 -4.05
CA GLN A 56 1.18 -7.53 -3.51
C GLN A 56 0.49 -8.29 -4.64
N GLY A 57 0.39 -7.66 -5.80
CA GLY A 57 -0.27 -8.30 -6.93
C GLY A 57 -1.51 -7.55 -7.36
N GLY A 58 -2.04 -6.72 -6.48
CA GLY A 58 -3.23 -5.96 -6.79
C GLY A 58 -4.18 -5.85 -5.60
N LEU A 59 -4.72 -4.67 -5.40
CA LEU A 59 -5.63 -4.41 -4.28
C LEU A 59 -6.82 -5.37 -4.31
N GLU A 60 -7.53 -5.40 -5.44
CA GLU A 60 -8.65 -6.32 -5.59
C GLU A 60 -8.12 -7.73 -5.69
N ALA A 61 -6.93 -7.82 -6.26
CA ALA A 61 -6.23 -9.08 -6.39
C ALA A 61 -5.87 -9.64 -5.00
N VAL A 62 -5.75 -8.74 -4.03
CA VAL A 62 -5.45 -9.13 -2.65
C VAL A 62 -6.73 -9.52 -1.92
N ARG A 63 -7.82 -8.82 -2.24
CA ARG A 63 -9.12 -9.07 -1.64
C ARG A 63 -9.43 -10.57 -1.60
N GLN A 64 -8.86 -11.30 -2.56
CA GLN A 64 -9.07 -12.74 -2.65
C GLN A 64 -8.53 -13.44 -1.40
N GLU A 65 -7.35 -13.01 -0.95
CA GLU A 65 -6.73 -13.59 0.24
C GLU A 65 -7.34 -13.01 1.50
N MET A 66 -7.45 -11.68 1.56
CA MET A 66 -8.02 -11.01 2.72
C MET A 66 -9.39 -11.59 3.07
N ARG A 67 -10.06 -12.14 2.06
CA ARG A 67 -11.38 -12.73 2.26
C ARG A 67 -11.33 -13.85 3.29
N ARG A 68 -10.27 -14.66 3.23
CA ARG A 68 -10.11 -15.77 4.15
C ARG A 68 -8.74 -16.43 3.97
N GLN A 69 -7.70 -15.81 4.52
CA GLN A 69 -6.35 -16.33 4.42
C GLN A 69 -6.16 -17.55 5.31
N GLY A 70 -4.96 -18.12 5.28
CA GLY A 70 -4.68 -19.29 6.10
C GLY A 70 -3.87 -20.33 5.36
N GLY A 71 -3.06 -21.09 6.10
CA GLY A 71 -2.24 -22.11 5.49
C GLY A 71 -1.47 -22.92 6.53
N SER A 72 -0.16 -23.01 6.34
CA SER A 72 0.70 -23.76 7.26
C SER A 72 2.00 -23.00 7.52
N GLY A 73 2.77 -23.49 8.49
CA GLY A 73 4.03 -22.84 8.83
C GLY A 73 4.14 -22.53 10.31
N GLY A 74 3.03 -22.12 10.91
CA GLY A 74 3.02 -21.80 12.32
C GLY A 74 2.97 -20.30 12.58
N SER A 75 1.94 -19.65 12.06
CA SER A 75 1.78 -18.21 12.23
C SER A 75 0.45 -17.89 12.93
N GLN A 76 0.18 -18.59 14.02
CA GLN A 76 -1.05 -18.39 14.77
C GLN A 76 -1.13 -16.95 15.30
N SER A 77 -1.99 -16.15 14.68
CA SER A 77 -2.15 -14.75 15.09
C SER A 77 -0.86 -13.97 14.89
N SER A 78 -0.75 -13.31 13.74
CA SER A 78 0.42 -12.51 13.41
C SER A 78 0.16 -11.60 12.23
N GLU A 79 0.70 -10.39 12.28
CA GLU A 79 0.53 -9.43 11.21
C GLU A 79 1.30 -9.85 9.96
N GLY A 80 0.73 -10.75 9.18
CA GLY A 80 1.39 -11.21 7.98
C GLY A 80 1.21 -10.26 6.81
N LEU A 81 0.12 -10.43 6.06
CA LEU A 81 -0.15 -9.59 4.91
C LEU A 81 -0.08 -8.11 5.29
N VAL A 82 -0.31 -7.81 6.57
CA VAL A 82 -0.27 -6.43 7.05
C VAL A 82 1.16 -6.03 7.42
N GLY A 83 1.87 -6.94 8.09
CA GLY A 83 3.24 -6.66 8.49
C GLY A 83 4.08 -6.13 7.34
N ALA A 84 3.92 -6.73 6.17
CA ALA A 84 4.67 -6.31 5.00
C ALA A 84 4.53 -4.82 4.75
N LEU A 85 3.32 -4.31 4.95
CA LEU A 85 3.04 -2.88 4.76
C LEU A 85 3.78 -2.05 5.80
N MET A 86 3.78 -2.51 7.05
CA MET A 86 4.46 -1.81 8.12
C MET A 86 5.90 -1.50 7.75
N HIS A 87 6.48 -2.32 6.88
CA HIS A 87 7.86 -2.14 6.44
C HIS A 87 7.94 -1.04 5.38
N VAL A 88 6.82 -0.76 4.72
CA VAL A 88 6.77 0.27 3.69
C VAL A 88 6.45 1.64 4.28
N MET A 89 5.86 1.65 5.48
CA MET A 89 5.50 2.89 6.14
C MET A 89 6.70 3.49 6.85
N GLN A 90 7.66 2.65 7.21
CA GLN A 90 8.86 3.11 7.91
C GLN A 90 9.76 3.90 6.96
N LYS A 91 9.71 3.55 5.68
CA LYS A 91 10.52 4.23 4.67
C LYS A 91 10.22 5.72 4.65
N ARG A 92 9.00 6.09 5.02
CA ARG A 92 8.59 7.48 5.05
C ARG A 92 9.07 8.17 6.33
N SER A 93 8.74 7.57 7.47
CA SER A 93 9.14 8.12 8.76
C SER A 93 10.66 8.21 8.88
N ARG A 94 11.35 7.37 8.11
CA ARG A 94 12.80 7.35 8.13
C ARG A 94 13.38 8.21 7.01
N ALA A 95 12.61 8.35 5.94
CA ALA A 95 13.04 9.14 4.79
C ALA A 95 13.55 10.51 5.21
N ILE A 96 12.67 11.49 5.25
CA ILE A 96 13.04 12.85 5.61
C ILE A 96 14.12 13.38 4.67
N HIS A 97 13.71 14.07 3.62
CA HIS A 97 14.64 14.63 2.65
C HIS A 97 15.78 15.37 3.33
N SER A 98 16.97 14.79 3.30
CA SER A 98 18.14 15.40 3.93
C SER A 98 18.81 16.40 2.99
N SER A 99 18.59 16.21 1.69
CA SER A 99 19.17 17.10 0.69
C SER A 99 18.68 18.53 0.87
N ASP A 100 17.35 18.69 0.94
CA ASP A 100 16.75 20.01 1.10
C ASP A 100 16.90 20.84 -0.16
N GLU A 101 18.14 21.13 -0.53
CA GLU A 101 18.41 21.92 -1.72
C GLU A 101 18.80 21.03 -2.90
N GLY A 102 18.84 21.61 -4.09
CA GLY A 102 19.19 20.85 -5.28
C GLY A 102 20.68 20.88 -5.56
N GLU A 103 21.19 22.07 -5.88
CA GLU A 103 22.61 22.23 -6.18
C GLU A 103 23.36 22.77 -4.97
N ASP A 104 23.94 21.88 -4.18
CA ASP A 104 24.69 22.28 -2.99
C ASP A 104 26.06 22.83 -3.36
N GLN A 105 26.26 24.12 -3.15
CA GLN A 105 27.53 24.76 -3.46
C GLN A 105 27.68 26.08 -2.70
N ALA A 106 28.91 26.54 -2.57
CA ALA A 106 29.18 27.78 -1.86
C ALA A 106 29.70 28.86 -2.80
N GLY A 107 29.30 30.10 -2.55
CA GLY A 107 29.73 31.21 -3.40
C GLY A 107 31.14 31.65 -3.09
N SER A 1 -11.93 -12.86 -32.62
CA SER A 1 -11.52 -12.77 -31.19
C SER A 1 -10.34 -11.81 -31.03
N GLY A 2 -10.64 -10.59 -30.59
CA GLY A 2 -9.60 -9.60 -30.40
C GLY A 2 -8.89 -9.75 -29.07
N PHE A 3 -7.57 -9.60 -29.08
CA PHE A 3 -6.78 -9.72 -27.86
C PHE A 3 -6.49 -8.35 -27.26
N LYS A 4 -6.60 -8.25 -25.93
CA LYS A 4 -6.35 -7.00 -25.24
C LYS A 4 -5.85 -7.25 -23.82
N HIS A 5 -4.55 -7.16 -23.63
CA HIS A 5 -3.94 -7.38 -22.32
C HIS A 5 -3.88 -6.08 -21.53
N VAL A 6 -4.70 -5.99 -20.48
CA VAL A 6 -4.74 -4.79 -19.64
C VAL A 6 -4.99 -5.15 -18.18
N SER A 7 -3.92 -5.16 -17.39
CA SER A 7 -4.03 -5.47 -15.97
C SER A 7 -5.07 -4.59 -15.29
N HIS A 8 -5.01 -3.29 -15.55
CA HIS A 8 -5.95 -2.33 -14.97
C HIS A 8 -5.64 -2.08 -13.50
N VAL A 9 -5.37 -0.83 -13.16
CA VAL A 9 -5.07 -0.45 -11.79
C VAL A 9 -6.08 0.57 -11.27
N GLY A 10 -6.29 0.57 -9.96
CA GLY A 10 -7.22 1.50 -9.35
C GLY A 10 -6.55 2.82 -9.02
N TRP A 11 -5.32 2.76 -8.53
CA TRP A 11 -4.56 3.96 -8.19
C TRP A 11 -4.17 4.72 -9.46
N ASP A 12 -4.12 6.03 -9.35
CA ASP A 12 -3.75 6.89 -10.47
C ASP A 12 -2.51 7.72 -10.13
N PRO A 13 -1.82 8.24 -11.16
CA PRO A 13 -0.61 9.04 -10.97
C PRO A 13 -0.89 10.45 -10.44
N GLN A 14 -2.17 10.77 -10.22
CA GLN A 14 -2.55 12.07 -9.72
C GLN A 14 -3.14 11.98 -8.32
N ASN A 15 -4.44 11.69 -8.24
CA ASN A 15 -5.12 11.57 -6.96
C ASN A 15 -4.33 10.68 -6.00
N GLY A 16 -4.23 9.41 -6.35
CA GLY A 16 -3.49 8.47 -5.53
C GLY A 16 -4.38 7.42 -4.88
N PHE A 17 -4.76 7.66 -3.63
CA PHE A 17 -5.61 6.73 -2.90
C PHE A 17 -7.08 7.10 -3.02
N ASP A 18 -7.91 6.12 -3.33
CA ASP A 18 -9.35 6.34 -3.44
C ASP A 18 -10.03 6.08 -2.10
N VAL A 19 -9.50 6.69 -1.05
CA VAL A 19 -10.03 6.51 0.29
C VAL A 19 -11.55 6.57 0.33
N ASN A 20 -12.13 7.30 -0.61
CA ASN A 20 -13.59 7.43 -0.68
C ASN A 20 -14.25 6.07 -0.85
N ASN A 21 -13.83 5.33 -1.87
CA ASN A 21 -14.38 4.01 -2.14
C ASN A 21 -13.33 2.92 -1.89
N LEU A 22 -12.58 3.06 -0.81
CA LEU A 22 -11.56 2.09 -0.46
C LEU A 22 -12.18 0.76 -0.06
N ASP A 23 -11.72 -0.32 -0.70
CA ASP A 23 -12.24 -1.65 -0.41
C ASP A 23 -12.07 -1.99 1.06
N PRO A 24 -13.09 -2.58 1.70
CA PRO A 24 -13.04 -2.95 3.12
C PRO A 24 -11.80 -3.77 3.45
N ASP A 25 -11.58 -4.83 2.69
CA ASP A 25 -10.43 -5.70 2.90
C ASP A 25 -9.14 -4.88 2.96
N LEU A 26 -8.92 -4.05 1.94
CA LEU A 26 -7.73 -3.20 1.90
C LEU A 26 -7.77 -2.15 2.99
N ARG A 27 -8.96 -1.59 3.23
CA ARG A 27 -9.13 -0.58 4.26
C ARG A 27 -8.70 -1.12 5.62
N SER A 28 -8.89 -2.43 5.81
CA SER A 28 -8.50 -3.08 7.06
C SER A 28 -7.01 -3.36 7.08
N LEU A 29 -6.43 -3.52 5.88
CA LEU A 29 -5.00 -3.77 5.75
C LEU A 29 -4.20 -2.58 6.26
N PHE A 30 -4.78 -1.39 6.15
CA PHE A 30 -4.13 -0.17 6.62
C PHE A 30 -4.32 0.02 8.12
N SER A 31 -5.57 0.04 8.54
CA SER A 31 -5.90 0.21 9.95
C SER A 31 -5.10 -0.75 10.83
N ARG A 32 -4.69 -1.88 10.24
CA ARG A 32 -3.92 -2.89 10.96
C ARG A 32 -2.44 -2.55 10.93
N ALA A 33 -1.94 -2.15 9.77
CA ALA A 33 -0.54 -1.80 9.62
C ALA A 33 -0.18 -0.54 10.39
N GLY A 34 -1.19 0.29 10.67
CA GLY A 34 -0.97 1.52 11.40
C GLY A 34 -0.92 2.73 10.50
N ILE A 35 -1.81 2.76 9.50
CA ILE A 35 -1.87 3.88 8.57
C ILE A 35 -3.23 4.57 8.61
N SER A 36 -3.24 5.87 8.38
CA SER A 36 -4.48 6.64 8.41
C SER A 36 -4.74 7.31 7.07
N GLU A 37 -5.81 8.09 7.00
CA GLU A 37 -6.18 8.79 5.77
C GLU A 37 -5.06 9.71 5.30
N ALA A 38 -4.41 10.37 6.25
CA ALA A 38 -3.32 11.28 5.93
C ALA A 38 -2.30 10.63 5.00
N GLN A 39 -1.87 9.43 5.36
CA GLN A 39 -0.90 8.70 4.56
C GLN A 39 -1.46 8.39 3.17
N LEU A 40 -2.76 8.09 3.12
CA LEU A 40 -3.42 7.78 1.86
C LEU A 40 -3.63 9.04 1.02
N THR A 41 -4.10 10.09 1.65
CA THR A 41 -4.35 11.36 0.97
C THR A 41 -3.05 11.96 0.43
N ASP A 42 -2.01 11.94 1.26
CA ASP A 42 -0.72 12.49 0.86
C ASP A 42 -0.28 11.93 -0.49
N ALA A 43 -0.38 12.76 -1.52
CA ALA A 43 0.00 12.34 -2.87
C ALA A 43 1.44 11.83 -2.89
N GLU A 44 2.27 12.40 -2.03
CA GLU A 44 3.68 11.99 -1.95
C GLU A 44 3.80 10.59 -1.36
N THR A 45 3.30 10.42 -0.14
CA THR A 45 3.34 9.12 0.53
C THR A 45 2.57 8.07 -0.26
N SER A 46 1.53 8.52 -0.96
CA SER A 46 0.71 7.63 -1.76
C SER A 46 1.58 6.78 -2.68
N LYS A 47 2.34 7.46 -3.54
CA LYS A 47 3.25 6.76 -4.45
C LYS A 47 4.21 5.88 -3.67
N LEU A 48 4.62 6.36 -2.51
CA LEU A 48 5.52 5.62 -1.63
C LEU A 48 4.83 4.37 -1.10
N ILE A 49 3.51 4.48 -0.89
CA ILE A 49 2.72 3.37 -0.38
C ILE A 49 2.21 2.50 -1.53
N TYR A 50 2.13 3.08 -2.73
CA TYR A 50 1.63 2.32 -3.87
C TYR A 50 2.57 1.18 -4.21
N ASP A 51 3.83 1.28 -3.79
CA ASP A 51 4.78 0.20 -3.99
C ASP A 51 4.27 -1.06 -3.28
N PHE A 52 3.33 -0.89 -2.36
CA PHE A 52 2.78 -2.01 -1.60
C PHE A 52 1.58 -2.65 -2.31
N ILE A 53 0.50 -1.88 -2.51
CA ILE A 53 -0.70 -2.43 -3.15
C ILE A 53 -0.40 -2.85 -4.59
N GLU A 54 0.69 -2.34 -5.15
CA GLU A 54 1.09 -2.69 -6.50
C GLU A 54 1.81 -4.04 -6.53
N ASP A 55 2.80 -4.18 -5.65
CA ASP A 55 3.59 -5.41 -5.56
C ASP A 55 2.72 -6.62 -5.24
N GLN A 56 1.82 -6.46 -4.27
CA GLN A 56 0.95 -7.56 -3.85
C GLN A 56 0.18 -8.13 -5.03
N GLY A 57 0.07 -7.36 -6.11
CA GLY A 57 -0.67 -7.82 -7.27
C GLY A 57 -1.90 -6.98 -7.53
N GLY A 58 -2.42 -6.38 -6.48
CA GLY A 58 -3.59 -5.54 -6.62
C GLY A 58 -4.37 -5.41 -5.32
N LEU A 59 -4.99 -4.26 -5.14
CA LEU A 59 -5.79 -3.99 -3.94
C LEU A 59 -6.94 -4.98 -3.82
N GLU A 60 -7.74 -5.07 -4.88
CA GLU A 60 -8.84 -6.04 -4.91
C GLU A 60 -8.25 -7.43 -5.04
N ALA A 61 -7.11 -7.48 -5.72
CA ALA A 61 -6.35 -8.71 -5.89
C ALA A 61 -5.88 -9.21 -4.52
N VAL A 62 -5.70 -8.28 -3.59
CA VAL A 62 -5.31 -8.61 -2.23
C VAL A 62 -6.51 -9.13 -1.47
N ARG A 63 -7.66 -8.51 -1.70
CA ARG A 63 -8.90 -8.92 -1.06
C ARG A 63 -9.12 -10.41 -1.28
N GLN A 64 -8.63 -10.91 -2.41
CA GLN A 64 -8.76 -12.32 -2.73
C GLN A 64 -7.91 -13.17 -1.79
N GLU A 65 -6.81 -12.59 -1.31
CA GLU A 65 -5.91 -13.29 -0.39
C GLU A 65 -6.39 -13.15 1.04
N MET A 66 -6.61 -11.90 1.47
CA MET A 66 -7.06 -11.62 2.83
C MET A 66 -8.28 -12.47 3.18
N ARG A 67 -9.23 -12.55 2.26
CA ARG A 67 -10.44 -13.33 2.48
C ARG A 67 -10.13 -14.81 2.67
N ARG A 68 -9.00 -15.24 2.12
CA ARG A 68 -8.58 -16.63 2.22
C ARG A 68 -7.06 -16.75 2.23
N GLN A 69 -6.45 -16.20 3.28
CA GLN A 69 -4.99 -16.24 3.41
C GLN A 69 -4.53 -17.63 3.81
N GLY A 70 -3.41 -18.07 3.23
CA GLY A 70 -2.88 -19.39 3.54
C GLY A 70 -3.82 -20.50 3.14
N GLY A 71 -4.80 -20.78 4.00
CA GLY A 71 -5.76 -21.84 3.72
C GLY A 71 -6.58 -22.21 4.93
N SER A 72 -6.64 -23.50 5.24
CA SER A 72 -7.41 -23.97 6.37
C SER A 72 -6.50 -24.64 7.41
N GLY A 73 -6.89 -24.56 8.67
CA GLY A 73 -6.09 -25.15 9.73
C GLY A 73 -5.81 -24.17 10.86
N GLY A 74 -6.83 -23.83 11.62
CA GLY A 74 -6.67 -22.90 12.72
C GLY A 74 -6.21 -21.54 12.27
N SER A 75 -5.94 -20.66 13.23
CA SER A 75 -5.48 -19.30 12.92
C SER A 75 -3.99 -19.15 13.20
N GLN A 76 -3.17 -19.86 12.43
CA GLN A 76 -1.73 -19.81 12.60
C GLN A 76 -1.08 -18.88 11.57
N SER A 77 -1.16 -17.58 11.82
CA SER A 77 -0.59 -16.60 10.91
C SER A 77 -0.66 -15.19 11.51
N SER A 78 0.50 -14.64 11.86
CA SER A 78 0.57 -13.30 12.44
C SER A 78 0.28 -12.23 11.39
N GLU A 79 0.66 -11.00 11.70
CA GLU A 79 0.44 -9.88 10.80
C GLU A 79 1.41 -9.93 9.62
N GLY A 80 1.26 -10.96 8.79
CA GLY A 80 2.13 -11.11 7.63
C GLY A 80 1.84 -10.08 6.56
N LEU A 81 0.70 -10.24 5.89
CA LEU A 81 0.30 -9.31 4.84
C LEU A 81 0.26 -7.88 5.35
N VAL A 82 -0.24 -7.71 6.57
CA VAL A 82 -0.34 -6.40 7.19
C VAL A 82 1.04 -5.92 7.65
N GLY A 83 1.87 -6.85 8.10
CA GLY A 83 3.20 -6.50 8.55
C GLY A 83 4.10 -6.07 7.41
N ALA A 84 3.86 -6.61 6.23
CA ALA A 84 4.66 -6.27 5.05
C ALA A 84 4.59 -4.77 4.75
N LEU A 85 3.51 -4.14 5.22
CA LEU A 85 3.32 -2.70 5.00
C LEU A 85 4.06 -1.90 6.06
N MET A 86 3.93 -2.33 7.32
CA MET A 86 4.58 -1.65 8.43
C MET A 86 6.07 -1.46 8.15
N HIS A 87 6.63 -2.31 7.31
CA HIS A 87 8.04 -2.25 6.98
C HIS A 87 8.29 -1.25 5.84
N VAL A 88 7.31 -1.13 4.95
CA VAL A 88 7.43 -0.22 3.82
C VAL A 88 7.28 1.23 4.26
N MET A 89 6.60 1.45 5.38
CA MET A 89 6.39 2.79 5.90
C MET A 89 7.61 3.25 6.70
N GLN A 90 8.36 2.29 7.23
CA GLN A 90 9.55 2.61 8.01
C GLN A 90 10.66 3.18 7.14
N LYS A 91 10.79 2.63 5.93
CA LYS A 91 11.80 3.08 4.98
C LYS A 91 11.73 4.58 4.78
N ARG A 92 10.52 5.10 4.59
CA ARG A 92 10.30 6.53 4.39
C ARG A 92 10.91 7.33 5.54
N SER A 93 10.63 6.91 6.76
CA SER A 93 11.13 7.60 7.95
C SER A 93 12.63 7.82 7.85
N ARG A 94 13.37 6.73 7.66
CA ARG A 94 14.83 6.80 7.57
C ARG A 94 15.26 7.35 6.21
N ALA A 95 14.79 6.73 5.15
CA ALA A 95 15.13 7.15 3.79
C ALA A 95 14.80 8.63 3.58
N ILE A 96 15.82 9.48 3.64
CA ILE A 96 15.64 10.91 3.44
C ILE A 96 15.43 11.23 1.97
N HIS A 97 16.04 10.45 1.09
CA HIS A 97 15.92 10.66 -0.34
C HIS A 97 15.54 9.35 -1.05
N SER A 98 14.36 9.33 -1.65
CA SER A 98 13.87 8.16 -2.36
C SER A 98 14.66 7.92 -3.64
N SER A 99 15.05 9.00 -4.30
CA SER A 99 15.81 8.91 -5.54
C SER A 99 17.21 8.36 -5.27
N ASP A 100 17.98 9.08 -4.45
CA ASP A 100 19.33 8.67 -4.11
C ASP A 100 20.26 8.80 -5.33
N GLU A 101 20.01 7.98 -6.35
CA GLU A 101 20.83 8.00 -7.55
C GLU A 101 20.24 7.07 -8.61
N GLY A 102 19.57 7.65 -9.59
CA GLY A 102 18.97 6.86 -10.66
C GLY A 102 17.47 7.03 -10.72
N GLU A 103 16.93 7.03 -11.94
CA GLU A 103 15.49 7.18 -12.14
C GLU A 103 15.14 7.17 -13.62
N ASP A 104 14.73 6.00 -14.11
CA ASP A 104 14.37 5.85 -15.52
C ASP A 104 12.90 5.47 -15.66
N GLN A 105 12.22 6.06 -16.65
CA GLN A 105 10.81 5.78 -16.89
C GLN A 105 10.57 5.44 -18.36
N ALA A 106 9.45 4.77 -18.62
CA ALA A 106 9.10 4.39 -20.00
C ALA A 106 8.93 5.63 -20.87
N GLY A 107 9.97 5.96 -21.62
CA GLY A 107 9.92 7.12 -22.49
C GLY A 107 9.77 6.73 -23.95
N SER A 1 6.15 -4.94 -29.23
CA SER A 1 5.16 -4.42 -30.21
C SER A 1 3.89 -5.26 -30.21
N GLY A 2 4.01 -6.50 -30.63
CA GLY A 2 2.87 -7.40 -30.68
C GLY A 2 2.39 -7.78 -29.30
N PHE A 3 3.32 -7.86 -28.35
CA PHE A 3 2.98 -8.21 -26.98
C PHE A 3 2.99 -6.99 -26.07
N LYS A 4 1.97 -6.88 -25.23
CA LYS A 4 1.87 -5.75 -24.31
C LYS A 4 1.20 -6.17 -23.00
N HIS A 5 2.00 -6.56 -22.02
CA HIS A 5 1.48 -6.99 -20.73
C HIS A 5 0.73 -5.86 -20.04
N VAL A 6 -0.59 -5.98 -19.97
CA VAL A 6 -1.43 -4.97 -19.33
C VAL A 6 -1.14 -4.87 -17.85
N SER A 7 -1.06 -3.65 -17.34
CA SER A 7 -0.78 -3.42 -15.92
C SER A 7 -2.03 -3.67 -15.08
N HIS A 8 -3.19 -3.39 -15.66
CA HIS A 8 -4.47 -3.58 -14.96
C HIS A 8 -4.41 -3.02 -13.54
N VAL A 9 -4.04 -1.76 -13.44
CA VAL A 9 -3.92 -1.11 -12.13
C VAL A 9 -5.04 -0.11 -11.90
N GLY A 10 -5.38 0.09 -10.63
CA GLY A 10 -6.41 1.04 -10.27
C GLY A 10 -5.82 2.38 -9.89
N TRP A 11 -4.60 2.36 -9.38
CA TRP A 11 -3.90 3.57 -8.96
C TRP A 11 -3.24 4.25 -10.17
N ASP A 12 -3.30 5.58 -10.18
CA ASP A 12 -2.70 6.36 -11.26
C ASP A 12 -2.10 7.66 -10.72
N PRO A 13 -0.91 8.04 -11.20
CA PRO A 13 -0.23 9.25 -10.76
C PRO A 13 -1.10 10.50 -10.92
N GLN A 14 -1.95 10.75 -9.93
CA GLN A 14 -2.84 11.91 -9.97
C GLN A 14 -3.65 12.01 -8.69
N ASN A 15 -4.33 10.93 -8.33
CA ASN A 15 -5.14 10.89 -7.12
C ASN A 15 -4.43 10.12 -6.01
N GLY A 16 -4.05 8.88 -6.30
CA GLY A 16 -3.37 8.05 -5.32
C GLY A 16 -4.29 7.00 -4.73
N PHE A 17 -4.82 7.29 -3.54
CA PHE A 17 -5.72 6.36 -2.86
C PHE A 17 -7.16 6.82 -2.98
N ASP A 18 -8.08 6.01 -2.47
CA ASP A 18 -9.50 6.34 -2.51
C ASP A 18 -10.18 5.95 -1.20
N VAL A 19 -9.44 6.07 -0.10
CA VAL A 19 -9.94 5.73 1.23
C VAL A 19 -11.40 6.17 1.42
N ASN A 20 -11.78 7.26 0.75
CA ASN A 20 -13.13 7.78 0.84
C ASN A 20 -14.12 6.80 0.20
N ASN A 21 -13.81 6.36 -1.02
CA ASN A 21 -14.65 5.41 -1.74
C ASN A 21 -13.92 4.09 -1.92
N LEU A 22 -13.08 3.75 -0.96
CA LEU A 22 -12.29 2.53 -1.01
C LEU A 22 -12.89 1.47 -0.06
N ASP A 23 -12.92 0.22 -0.54
CA ASP A 23 -13.47 -0.88 0.24
C ASP A 23 -12.88 -0.94 1.65
N PRO A 24 -13.49 -1.75 2.52
CA PRO A 24 -13.03 -1.90 3.91
C PRO A 24 -11.83 -2.84 4.02
N ASP A 25 -11.84 -3.90 3.23
CA ASP A 25 -10.75 -4.88 3.24
C ASP A 25 -9.41 -4.18 3.09
N LEU A 26 -9.31 -3.32 2.06
CA LEU A 26 -8.08 -2.58 1.82
C LEU A 26 -7.86 -1.52 2.89
N ARG A 27 -8.95 -1.09 3.51
CA ARG A 27 -8.87 -0.09 4.58
C ARG A 27 -8.23 -0.67 5.83
N SER A 28 -8.82 -1.75 6.33
CA SER A 28 -8.30 -2.41 7.52
C SER A 28 -6.87 -2.89 7.30
N LEU A 29 -6.57 -3.26 6.06
CA LEU A 29 -5.23 -3.73 5.70
C LEU A 29 -4.18 -2.68 6.05
N PHE A 30 -4.61 -1.43 6.14
CA PHE A 30 -3.71 -0.33 6.46
C PHE A 30 -3.72 -0.02 7.95
N SER A 31 -4.90 0.24 8.50
CA SER A 31 -5.04 0.56 9.91
C SER A 31 -4.33 -0.49 10.77
N ARG A 32 -4.17 -1.69 10.23
CA ARG A 32 -3.52 -2.77 10.95
C ARG A 32 -2.00 -2.68 10.83
N ALA A 33 -1.54 -2.04 9.74
CA ALA A 33 -0.11 -1.90 9.50
C ALA A 33 0.44 -0.67 10.22
N GLY A 34 -0.44 0.29 10.52
CA GLY A 34 0.00 1.50 11.21
C GLY A 34 -0.10 2.73 10.34
N ILE A 35 -1.09 2.75 9.45
CA ILE A 35 -1.29 3.88 8.55
C ILE A 35 -2.69 4.48 8.73
N SER A 36 -2.76 5.80 8.79
CA SER A 36 -4.04 6.48 8.97
C SER A 36 -4.51 7.09 7.65
N GLU A 37 -5.69 7.72 7.69
CA GLU A 37 -6.26 8.35 6.51
C GLU A 37 -5.35 9.44 5.97
N ALA A 38 -4.75 10.20 6.88
CA ALA A 38 -3.84 11.29 6.50
C ALA A 38 -2.82 10.83 5.48
N GLN A 39 -2.21 9.68 5.73
CA GLN A 39 -1.21 9.12 4.83
C GLN A 39 -1.84 8.68 3.51
N LEU A 40 -3.08 8.18 3.60
CA LEU A 40 -3.79 7.73 2.42
C LEU A 40 -4.25 8.91 1.56
N THR A 41 -4.37 10.08 2.19
CA THR A 41 -4.79 11.28 1.48
C THR A 41 -3.59 12.16 1.13
N ASP A 42 -2.50 11.52 0.72
CA ASP A 42 -1.29 12.25 0.35
C ASP A 42 -0.80 11.82 -1.04
N ALA A 43 -0.43 12.80 -1.86
CA ALA A 43 0.05 12.53 -3.20
C ALA A 43 1.51 12.10 -3.18
N GLU A 44 2.28 12.69 -2.27
CA GLU A 44 3.71 12.36 -2.14
C GLU A 44 3.89 11.06 -1.37
N THR A 45 3.00 10.79 -0.43
CA THR A 45 3.07 9.58 0.37
C THR A 45 2.39 8.42 -0.33
N SER A 46 1.44 8.73 -1.21
CA SER A 46 0.71 7.71 -1.95
C SER A 46 1.65 6.84 -2.77
N LYS A 47 2.41 7.48 -3.66
CA LYS A 47 3.36 6.77 -4.51
C LYS A 47 4.33 5.95 -3.68
N LEU A 48 4.58 6.39 -2.45
CA LEU A 48 5.48 5.69 -1.56
C LEU A 48 4.84 4.42 -1.01
N ILE A 49 3.53 4.49 -0.80
CA ILE A 49 2.78 3.35 -0.27
C ILE A 49 2.29 2.43 -1.39
N TYR A 50 2.10 2.99 -2.58
CA TYR A 50 1.60 2.19 -3.70
C TYR A 50 2.49 0.97 -3.94
N ASP A 51 3.73 1.03 -3.46
CA ASP A 51 4.64 -0.08 -3.59
C ASP A 51 4.08 -1.33 -2.90
N PHE A 52 3.10 -1.12 -2.01
CA PHE A 52 2.49 -2.22 -1.27
C PHE A 52 1.36 -2.87 -2.07
N ILE A 53 0.32 -2.09 -2.38
CA ILE A 53 -0.80 -2.62 -3.15
C ILE A 53 -0.35 -3.02 -4.56
N GLU A 54 0.82 -2.51 -4.97
CA GLU A 54 1.37 -2.83 -6.29
C GLU A 54 2.12 -4.16 -6.26
N ASP A 55 2.99 -4.32 -5.26
CA ASP A 55 3.79 -5.53 -5.12
C ASP A 55 2.92 -6.74 -4.76
N GLN A 56 1.92 -6.50 -3.91
CA GLN A 56 1.02 -7.56 -3.47
C GLN A 56 0.36 -8.26 -4.67
N GLY A 57 0.34 -7.57 -5.81
CA GLY A 57 -0.27 -8.14 -7.00
C GLY A 57 -1.47 -7.35 -7.46
N GLY A 58 -2.12 -6.68 -6.52
CA GLY A 58 -3.29 -5.88 -6.86
C GLY A 58 -4.24 -5.71 -5.69
N LEU A 59 -4.80 -4.52 -5.58
CA LEU A 59 -5.73 -4.20 -4.51
C LEU A 59 -6.91 -5.17 -4.48
N GLU A 60 -7.59 -5.29 -5.61
CA GLU A 60 -8.69 -6.24 -5.73
C GLU A 60 -8.11 -7.64 -5.73
N ALA A 61 -6.93 -7.75 -6.32
CA ALA A 61 -6.19 -8.99 -6.37
C ALA A 61 -5.84 -9.47 -4.95
N VAL A 62 -5.82 -8.53 -4.00
CA VAL A 62 -5.53 -8.84 -2.60
C VAL A 62 -6.78 -9.33 -1.88
N ARG A 63 -7.88 -8.60 -2.04
CA ARG A 63 -9.14 -8.95 -1.40
C ARG A 63 -9.45 -10.44 -1.57
N GLN A 64 -8.93 -11.02 -2.66
CA GLN A 64 -9.14 -12.44 -2.93
C GLN A 64 -8.39 -13.31 -1.94
N GLU A 65 -7.27 -12.81 -1.45
CA GLU A 65 -6.44 -13.54 -0.49
C GLU A 65 -6.96 -13.34 0.93
N MET A 66 -7.15 -12.07 1.31
CA MET A 66 -7.64 -11.75 2.64
C MET A 66 -8.90 -12.54 2.97
N ARG A 67 -9.66 -12.89 1.94
CA ARG A 67 -10.90 -13.65 2.12
C ARG A 67 -10.60 -15.11 2.44
N ARG A 68 -9.56 -15.65 1.81
CA ARG A 68 -9.17 -17.04 2.01
C ARG A 68 -8.89 -17.31 3.49
N GLN A 69 -7.96 -16.55 4.06
CA GLN A 69 -7.60 -16.72 5.47
C GLN A 69 -7.53 -15.37 6.16
N GLY A 70 -7.37 -15.40 7.48
CA GLY A 70 -7.29 -14.17 8.25
C GLY A 70 -6.77 -14.41 9.65
N GLY A 71 -7.67 -14.44 10.64
CA GLY A 71 -7.26 -14.65 12.01
C GLY A 71 -8.40 -15.17 12.87
N SER A 72 -8.12 -15.39 14.15
CA SER A 72 -9.13 -15.88 15.08
C SER A 72 -8.60 -15.89 16.51
N GLY A 73 -8.48 -14.71 17.11
CA GLY A 73 -7.98 -14.60 18.46
C GLY A 73 -8.19 -13.23 19.06
N GLY A 74 -7.59 -12.22 18.44
CA GLY A 74 -7.72 -10.85 18.93
C GLY A 74 -8.38 -9.95 17.92
N SER A 75 -8.21 -8.64 18.10
CA SER A 75 -8.79 -7.65 17.19
C SER A 75 -7.87 -6.45 17.04
N GLN A 76 -6.58 -6.71 16.86
CA GLN A 76 -5.60 -5.65 16.70
C GLN A 76 -4.82 -5.81 15.41
N SER A 77 -3.79 -6.64 15.46
CA SER A 77 -2.96 -6.89 14.29
C SER A 77 -3.00 -8.37 13.90
N SER A 78 -2.94 -8.63 12.61
CA SER A 78 -2.97 -10.00 12.09
C SER A 78 -1.58 -10.44 11.63
N GLU A 79 -0.74 -9.47 11.29
CA GLU A 79 0.62 -9.76 10.82
C GLU A 79 0.59 -10.47 9.47
N GLY A 80 1.77 -10.76 8.94
CA GLY A 80 1.86 -11.42 7.65
C GLY A 80 1.64 -10.48 6.49
N LEU A 81 0.44 -10.52 5.91
CA LEU A 81 0.10 -9.65 4.79
C LEU A 81 0.25 -8.19 5.18
N VAL A 82 -0.19 -7.85 6.38
CA VAL A 82 -0.10 -6.48 6.88
C VAL A 82 1.30 -6.18 7.38
N GLY A 83 1.98 -7.20 7.90
CA GLY A 83 3.32 -7.02 8.40
C GLY A 83 4.27 -6.44 7.37
N ALA A 84 4.13 -6.88 6.13
CA ALA A 84 4.97 -6.39 5.05
C ALA A 84 4.84 -4.88 4.89
N LEU A 85 3.61 -4.39 4.93
CA LEU A 85 3.36 -2.96 4.80
C LEU A 85 4.10 -2.16 5.86
N MET A 86 4.09 -2.67 7.09
CA MET A 86 4.77 -2.01 8.20
C MET A 86 6.22 -1.70 7.84
N HIS A 87 6.81 -2.56 7.03
CA HIS A 87 8.20 -2.39 6.61
C HIS A 87 8.33 -1.29 5.55
N VAL A 88 7.22 -0.99 4.88
CA VAL A 88 7.21 0.03 3.83
C VAL A 88 6.97 1.42 4.41
N MET A 89 6.41 1.48 5.62
CA MET A 89 6.12 2.76 6.26
C MET A 89 7.36 3.30 6.96
N GLN A 90 8.14 2.39 7.55
CA GLN A 90 9.34 2.79 8.26
C GLN A 90 10.23 3.65 7.38
N LYS A 91 10.25 3.35 6.09
CA LYS A 91 11.06 4.09 5.14
C LYS A 91 10.75 5.59 5.20
N ARG A 92 9.55 5.96 4.81
CA ARG A 92 9.12 7.36 4.83
C ARG A 92 9.45 8.02 6.16
N SER A 93 9.16 7.30 7.25
CA SER A 93 9.42 7.81 8.59
C SER A 93 10.81 8.41 8.70
N ARG A 94 11.75 7.84 7.94
CA ARG A 94 13.13 8.32 7.96
C ARG A 94 13.37 9.35 6.85
N ALA A 95 13.27 8.91 5.60
CA ALA A 95 13.46 9.80 4.47
C ALA A 95 14.73 10.62 4.62
N ILE A 96 15.87 10.03 4.31
CA ILE A 96 17.15 10.72 4.42
C ILE A 96 17.75 10.96 3.03
N HIS A 97 17.69 9.95 2.18
CA HIS A 97 18.23 10.06 0.82
C HIS A 97 17.45 9.17 -0.15
N SER A 98 16.14 9.39 -0.21
CA SER A 98 15.28 8.61 -1.09
C SER A 98 15.48 9.01 -2.54
N SER A 99 15.92 10.25 -2.75
CA SER A 99 16.16 10.76 -4.09
C SER A 99 17.13 9.86 -4.86
N ASP A 100 18.09 9.29 -4.14
CA ASP A 100 19.08 8.41 -4.75
C ASP A 100 18.94 6.98 -4.22
N GLU A 101 17.83 6.33 -4.57
CA GLU A 101 17.58 4.96 -4.12
C GLU A 101 17.23 4.07 -5.32
N GLY A 102 16.88 2.82 -5.02
CA GLY A 102 16.54 1.88 -6.07
C GLY A 102 17.76 1.29 -6.74
N GLU A 103 18.84 1.14 -5.99
CA GLU A 103 20.07 0.59 -6.52
C GLU A 103 20.36 -0.78 -5.90
N ASP A 104 20.81 -0.76 -4.66
CA ASP A 104 21.13 -1.99 -3.94
C ASP A 104 20.13 -2.24 -2.81
N GLN A 105 18.85 -2.08 -3.12
CA GLN A 105 17.79 -2.28 -2.12
C GLN A 105 16.88 -3.44 -2.53
N ALA A 106 16.28 -4.08 -1.53
CA ALA A 106 15.39 -5.20 -1.79
C ALA A 106 14.06 -5.02 -1.06
N GLY A 107 12.99 -4.84 -1.83
CA GLY A 107 11.68 -4.66 -1.23
C GLY A 107 10.56 -4.70 -2.27
N SER A 1 1.00 -15.14 -30.91
CA SER A 1 1.08 -15.11 -29.44
C SER A 1 -0.28 -14.85 -28.80
N GLY A 2 -0.29 -14.66 -27.48
CA GLY A 2 -1.53 -14.40 -26.79
C GLY A 2 -1.77 -12.92 -26.57
N PHE A 3 -3.02 -12.56 -26.29
CA PHE A 3 -3.38 -11.17 -26.06
C PHE A 3 -2.90 -10.70 -24.68
N LYS A 4 -2.46 -9.45 -24.61
CA LYS A 4 -1.97 -8.89 -23.36
C LYS A 4 -3.10 -8.78 -22.33
N HIS A 5 -2.80 -9.22 -21.11
CA HIS A 5 -3.78 -9.18 -20.03
C HIS A 5 -3.55 -7.97 -19.13
N VAL A 6 -4.36 -6.94 -19.31
CA VAL A 6 -4.25 -5.73 -18.50
C VAL A 6 -4.99 -5.87 -17.18
N SER A 7 -4.26 -5.67 -16.09
CA SER A 7 -4.84 -5.78 -14.76
C SER A 7 -5.77 -4.61 -14.46
N HIS A 8 -5.42 -3.43 -14.97
CA HIS A 8 -6.23 -2.23 -14.77
C HIS A 8 -6.18 -1.79 -13.32
N VAL A 9 -5.09 -1.13 -12.96
CA VAL A 9 -4.90 -0.63 -11.60
C VAL A 9 -5.95 0.41 -11.24
N GLY A 10 -6.17 0.58 -9.94
CA GLY A 10 -7.11 1.57 -9.47
C GLY A 10 -6.41 2.88 -9.16
N TRP A 11 -5.25 2.78 -8.52
CA TRP A 11 -4.44 3.95 -8.19
C TRP A 11 -3.97 4.64 -9.46
N ASP A 12 -4.17 5.96 -9.50
CA ASP A 12 -3.77 6.75 -10.66
C ASP A 12 -2.68 7.75 -10.29
N PRO A 13 -1.55 7.78 -11.04
CA PRO A 13 -0.45 8.70 -10.77
C PRO A 13 -0.87 10.16 -10.93
N GLN A 14 -1.67 10.65 -9.98
CA GLN A 14 -2.14 12.03 -10.02
C GLN A 14 -3.08 12.30 -8.85
N ASN A 15 -4.19 11.57 -8.81
CA ASN A 15 -5.18 11.73 -7.74
C ASN A 15 -4.62 11.22 -6.41
N GLY A 16 -4.06 10.02 -6.44
CA GLY A 16 -3.49 9.44 -5.24
C GLY A 16 -4.25 8.22 -4.77
N PHE A 17 -4.70 8.25 -3.51
CA PHE A 17 -5.44 7.13 -2.93
C PHE A 17 -6.94 7.31 -3.12
N ASP A 18 -7.63 6.22 -3.41
CA ASP A 18 -9.08 6.26 -3.58
C ASP A 18 -9.78 5.98 -2.26
N VAL A 19 -9.39 6.70 -1.22
CA VAL A 19 -9.95 6.51 0.10
C VAL A 19 -11.48 6.64 0.08
N ASN A 20 -11.99 7.45 -0.84
CA ASN A 20 -13.43 7.66 -0.96
C ASN A 20 -14.16 6.34 -1.18
N ASN A 21 -13.62 5.51 -2.06
CA ASN A 21 -14.23 4.22 -2.36
C ASN A 21 -13.26 3.08 -2.06
N LEU A 22 -12.57 3.18 -0.93
CA LEU A 22 -11.60 2.17 -0.53
C LEU A 22 -12.30 0.89 -0.11
N ASP A 23 -11.74 -0.25 -0.51
CA ASP A 23 -12.32 -1.55 -0.17
C ASP A 23 -12.21 -1.81 1.33
N PRO A 24 -13.31 -2.24 1.97
CA PRO A 24 -13.33 -2.52 3.41
C PRO A 24 -12.19 -3.44 3.83
N ASP A 25 -11.94 -4.47 3.04
CA ASP A 25 -10.87 -5.43 3.33
C ASP A 25 -9.51 -4.73 3.28
N LEU A 26 -9.19 -4.16 2.13
CA LEU A 26 -7.93 -3.46 1.95
C LEU A 26 -7.79 -2.32 2.96
N ARG A 27 -8.90 -1.65 3.26
CA ARG A 27 -8.90 -0.56 4.21
C ARG A 27 -8.31 -1.01 5.54
N SER A 28 -8.81 -2.12 6.06
CA SER A 28 -8.32 -2.66 7.32
C SER A 28 -6.84 -2.99 7.23
N LEU A 29 -6.37 -3.28 6.02
CA LEU A 29 -4.96 -3.60 5.80
C LEU A 29 -4.08 -2.43 6.21
N PHE A 30 -4.65 -1.23 6.19
CA PHE A 30 -3.90 -0.03 6.56
C PHE A 30 -3.94 0.19 8.07
N SER A 31 -5.13 0.41 8.61
CA SER A 31 -5.30 0.64 10.04
C SER A 31 -4.59 -0.45 10.84
N ARG A 32 -4.44 -1.62 10.24
CA ARG A 32 -3.79 -2.74 10.90
C ARG A 32 -2.27 -2.61 10.83
N ALA A 33 -1.78 -2.00 9.77
CA ALA A 33 -0.34 -1.80 9.58
C ALA A 33 0.14 -0.56 10.31
N GLY A 34 -0.77 0.38 10.55
CA GLY A 34 -0.43 1.60 11.25
C GLY A 34 -0.49 2.82 10.35
N ILE A 35 -1.51 2.87 9.50
CA ILE A 35 -1.68 3.99 8.57
C ILE A 35 -3.09 4.57 8.68
N SER A 36 -3.23 5.85 8.32
CA SER A 36 -4.52 6.52 8.39
C SER A 36 -4.79 7.29 7.09
N GLU A 37 -5.96 7.92 7.02
CA GLU A 37 -6.35 8.70 5.85
C GLU A 37 -5.29 9.75 5.53
N ALA A 38 -4.80 10.43 6.56
CA ALA A 38 -3.79 11.47 6.38
C ALA A 38 -2.63 10.97 5.52
N GLN A 39 -2.33 9.68 5.64
CA GLN A 39 -1.23 9.09 4.88
C GLN A 39 -1.66 8.82 3.44
N LEU A 40 -2.93 8.46 3.26
CA LEU A 40 -3.46 8.17 1.94
C LEU A 40 -3.69 9.46 1.14
N THR A 41 -4.07 10.52 1.86
CA THR A 41 -4.33 11.81 1.22
C THR A 41 -3.05 12.42 0.68
N ASP A 42 -1.91 12.04 1.27
CA ASP A 42 -0.62 12.55 0.84
C ASP A 42 -0.19 11.90 -0.47
N ALA A 43 -0.10 12.71 -1.52
CA ALA A 43 0.31 12.22 -2.83
C ALA A 43 1.69 11.57 -2.78
N GLU A 44 2.63 12.26 -2.15
CA GLU A 44 3.99 11.75 -2.03
C GLU A 44 4.04 10.47 -1.21
N THR A 45 3.20 10.40 -0.18
CA THR A 45 3.14 9.23 0.69
C THR A 45 2.40 8.08 0.00
N SER A 46 1.53 8.43 -0.94
CA SER A 46 0.76 7.42 -1.67
C SER A 46 1.66 6.58 -2.56
N LYS A 47 2.68 7.21 -3.12
CA LYS A 47 3.63 6.53 -4.00
C LYS A 47 4.37 5.41 -3.27
N LEU A 48 4.98 5.76 -2.14
CA LEU A 48 5.75 4.79 -1.37
C LEU A 48 4.86 3.66 -0.86
N ILE A 49 3.57 3.95 -0.70
CA ILE A 49 2.62 2.95 -0.21
C ILE A 49 2.04 2.12 -1.34
N TYR A 50 2.03 2.68 -2.55
CA TYR A 50 1.48 1.96 -3.69
C TYR A 50 2.34 0.75 -4.03
N ASP A 51 3.61 0.81 -3.65
CA ASP A 51 4.50 -0.32 -3.86
C ASP A 51 3.96 -1.56 -3.16
N PHE A 52 3.06 -1.35 -2.20
CA PHE A 52 2.46 -2.45 -1.44
C PHE A 52 1.22 -3.00 -2.15
N ILE A 53 0.20 -2.16 -2.34
CA ILE A 53 -1.02 -2.61 -3.03
C ILE A 53 -0.71 -2.95 -4.48
N GLU A 54 0.42 -2.46 -4.99
CA GLU A 54 0.83 -2.74 -6.36
C GLU A 54 1.57 -4.07 -6.45
N ASP A 55 2.54 -4.27 -5.56
CA ASP A 55 3.36 -5.48 -5.56
C ASP A 55 2.60 -6.67 -4.97
N GLN A 56 1.81 -6.42 -3.93
CA GLN A 56 1.06 -7.48 -3.28
C GLN A 56 0.18 -8.24 -4.27
N GLY A 57 -0.11 -7.60 -5.40
CA GLY A 57 -0.93 -8.23 -6.41
C GLY A 57 -2.09 -7.36 -6.84
N GLY A 58 -2.56 -6.51 -5.92
CA GLY A 58 -3.65 -5.62 -6.23
C GLY A 58 -4.54 -5.37 -5.02
N LEU A 59 -5.21 -4.23 -5.02
CA LEU A 59 -6.10 -3.86 -3.92
C LEU A 59 -7.24 -4.86 -3.78
N GLU A 60 -7.98 -5.06 -4.87
CA GLU A 60 -9.05 -6.05 -4.90
C GLU A 60 -8.45 -7.41 -5.13
N ALA A 61 -7.37 -7.42 -5.90
CA ALA A 61 -6.60 -8.62 -6.16
C ALA A 61 -6.11 -9.21 -4.84
N VAL A 62 -5.90 -8.34 -3.85
CA VAL A 62 -5.49 -8.76 -2.52
C VAL A 62 -6.71 -9.23 -1.73
N ARG A 63 -7.83 -8.54 -1.95
CA ARG A 63 -9.08 -8.89 -1.28
C ARG A 63 -9.39 -10.37 -1.50
N GLN A 64 -8.97 -10.88 -2.65
CA GLN A 64 -9.19 -12.29 -2.98
C GLN A 64 -8.22 -13.17 -2.19
N GLU A 65 -7.07 -12.61 -1.84
CA GLU A 65 -6.06 -13.33 -1.07
C GLU A 65 -6.33 -13.24 0.42
N MET A 66 -6.79 -12.09 0.88
CA MET A 66 -7.09 -11.88 2.29
C MET A 66 -7.96 -13.00 2.83
N ARG A 67 -8.90 -13.45 2.01
CA ARG A 67 -9.81 -14.53 2.41
C ARG A 67 -9.15 -15.89 2.19
N ARG A 68 -8.24 -15.95 1.23
CA ARG A 68 -7.54 -17.18 0.92
C ARG A 68 -6.69 -17.64 2.10
N GLN A 69 -6.03 -16.69 2.75
CA GLN A 69 -5.19 -16.99 3.90
C GLN A 69 -5.94 -17.84 4.91
N GLY A 70 -5.26 -18.84 5.46
CA GLY A 70 -5.88 -19.71 6.45
C GLY A 70 -4.87 -20.61 7.13
N GLY A 71 -5.38 -21.65 7.80
CA GLY A 71 -4.50 -22.58 8.50
C GLY A 71 -5.13 -23.94 8.66
N SER A 72 -4.34 -24.99 8.40
CA SER A 72 -4.83 -26.35 8.53
C SER A 72 -5.00 -26.74 9.99
N GLY A 73 -6.08 -26.27 10.60
CA GLY A 73 -6.34 -26.58 12.00
C GLY A 73 -7.29 -25.60 12.64
N GLY A 74 -6.97 -24.32 12.53
CA GLY A 74 -7.83 -23.30 13.11
C GLY A 74 -7.57 -21.92 12.54
N SER A 75 -7.99 -20.88 13.26
CA SER A 75 -7.81 -19.51 12.81
C SER A 75 -6.64 -18.85 13.55
N GLN A 76 -5.46 -18.91 12.94
CA GLN A 76 -4.27 -18.33 13.54
C GLN A 76 -3.79 -17.12 12.73
N SER A 77 -4.51 -16.01 12.87
CA SER A 77 -4.16 -14.79 12.17
C SER A 77 -2.83 -14.23 12.66
N SER A 78 -2.18 -13.42 11.83
CA SER A 78 -0.90 -12.83 12.19
C SER A 78 -0.62 -11.58 11.37
N GLU A 79 0.59 -11.04 11.50
CA GLU A 79 0.97 -9.85 10.76
C GLU A 79 1.13 -10.13 9.27
N GLY A 80 1.05 -11.41 8.88
CA GLY A 80 1.18 -11.77 7.48
C GLY A 80 0.40 -10.83 6.57
N LEU A 81 1.06 -10.35 5.50
CA LEU A 81 0.44 -9.43 4.55
C LEU A 81 0.42 -8.00 5.10
N VAL A 82 -0.15 -7.82 6.28
CA VAL A 82 -0.24 -6.51 6.90
C VAL A 82 1.13 -6.02 7.33
N GLY A 83 2.01 -6.95 7.67
CA GLY A 83 3.35 -6.60 8.09
C GLY A 83 4.19 -6.10 6.93
N ALA A 84 3.99 -6.69 5.76
CA ALA A 84 4.71 -6.28 4.56
C ALA A 84 4.60 -4.78 4.36
N LEU A 85 3.52 -4.19 4.87
CA LEU A 85 3.29 -2.76 4.76
C LEU A 85 4.00 -2.01 5.88
N MET A 86 4.00 -2.61 7.07
CA MET A 86 4.65 -2.00 8.23
C MET A 86 6.12 -1.72 7.94
N HIS A 87 6.75 -2.58 7.14
CA HIS A 87 8.15 -2.43 6.79
C HIS A 87 8.33 -1.32 5.76
N VAL A 88 7.29 -1.06 4.98
CA VAL A 88 7.33 -0.03 3.95
C VAL A 88 7.10 1.36 4.54
N MET A 89 6.47 1.40 5.72
CA MET A 89 6.20 2.67 6.38
C MET A 89 7.43 3.20 7.09
N GLN A 90 8.35 2.30 7.42
CA GLN A 90 9.58 2.68 8.11
C GLN A 90 10.46 3.54 7.22
N LYS A 91 10.33 3.34 5.90
CA LYS A 91 11.12 4.10 4.95
C LYS A 91 10.83 5.59 5.04
N ARG A 92 9.54 5.94 5.04
CA ARG A 92 9.12 7.32 5.13
C ARG A 92 9.83 8.05 6.28
N SER A 93 9.99 7.35 7.39
CA SER A 93 10.65 7.91 8.56
C SER A 93 12.17 7.82 8.42
N ARG A 94 12.63 6.84 7.66
CA ARG A 94 14.06 6.65 7.45
C ARG A 94 14.61 7.65 6.44
N ALA A 95 13.72 8.22 5.63
CA ALA A 95 14.12 9.19 4.62
C ALA A 95 14.03 10.62 5.16
N ILE A 96 15.16 11.32 5.16
CA ILE A 96 15.21 12.69 5.64
C ILE A 96 15.68 13.65 4.53
N HIS A 97 15.57 13.21 3.28
CA HIS A 97 15.98 14.03 2.15
C HIS A 97 15.03 15.20 1.95
N SER A 98 15.45 16.38 2.40
CA SER A 98 14.63 17.58 2.28
C SER A 98 14.56 18.06 0.85
N SER A 99 15.56 17.68 0.05
CA SER A 99 15.61 18.08 -1.36
C SER A 99 14.27 17.82 -2.05
N ASP A 100 13.61 16.74 -1.66
CA ASP A 100 12.32 16.38 -2.24
C ASP A 100 11.21 17.26 -1.68
N GLU A 101 10.87 17.06 -0.41
CA GLU A 101 9.83 17.86 0.23
C GLU A 101 10.24 19.32 0.33
N GLY A 102 10.02 20.06 -0.74
CA GLY A 102 10.37 21.48 -0.75
C GLY A 102 9.52 22.28 -1.71
N GLU A 103 10.16 22.93 -2.66
CA GLU A 103 9.45 23.75 -3.64
C GLU A 103 9.80 23.32 -5.07
N ASP A 104 9.15 23.95 -6.05
CA ASP A 104 9.41 23.63 -7.44
C ASP A 104 9.96 24.84 -8.19
N GLN A 105 11.25 24.78 -8.51
CA GLN A 105 11.90 25.87 -9.22
C GLN A 105 12.04 27.11 -8.33
N ALA A 106 13.22 27.28 -7.75
CA ALA A 106 13.47 28.41 -6.87
C ALA A 106 13.59 29.71 -7.66
N GLY A 107 12.79 30.70 -7.31
CA GLY A 107 12.82 31.97 -8.00
C GLY A 107 11.68 32.13 -8.97
N SER A 1 -2.33 -9.12 -32.25
CA SER A 1 -2.90 -8.25 -31.18
C SER A 1 -4.00 -8.97 -30.41
N GLY A 2 -3.62 -9.64 -29.32
CA GLY A 2 -4.58 -10.36 -28.51
C GLY A 2 -5.28 -9.46 -27.51
N PHE A 3 -4.53 -9.00 -26.51
CA PHE A 3 -5.09 -8.13 -25.48
C PHE A 3 -4.73 -6.68 -25.75
N LYS A 4 -5.35 -5.77 -25.00
CA LYS A 4 -5.10 -4.35 -25.16
C LYS A 4 -4.12 -3.85 -24.10
N HIS A 5 -3.46 -2.72 -24.39
CA HIS A 5 -2.49 -2.15 -23.47
C HIS A 5 -3.19 -1.23 -22.46
N VAL A 6 -3.34 -1.73 -21.23
CA VAL A 6 -3.99 -0.95 -20.18
C VAL A 6 -3.29 -1.14 -18.84
N SER A 7 -3.14 -0.06 -18.10
CA SER A 7 -2.48 -0.11 -16.79
C SER A 7 -3.11 -1.20 -15.92
N HIS A 8 -4.44 -1.29 -15.97
CA HIS A 8 -5.17 -2.29 -15.21
C HIS A 8 -4.95 -2.11 -13.71
N VAL A 9 -4.94 -0.85 -13.27
CA VAL A 9 -4.75 -0.54 -11.86
C VAL A 9 -5.80 0.45 -11.36
N GLY A 10 -6.04 0.40 -10.05
CA GLY A 10 -6.99 1.31 -9.45
C GLY A 10 -6.35 2.64 -9.09
N TRP A 11 -5.18 2.57 -8.46
CA TRP A 11 -4.44 3.76 -8.07
C TRP A 11 -3.88 4.46 -9.31
N ASP A 12 -4.11 5.77 -9.39
CA ASP A 12 -3.63 6.57 -10.51
C ASP A 12 -2.64 7.62 -10.03
N PRO A 13 -1.56 7.86 -10.80
CA PRO A 13 -0.54 8.86 -10.44
C PRO A 13 -1.11 10.29 -10.43
N GLN A 14 -1.98 10.56 -9.46
CA GLN A 14 -2.60 11.88 -9.34
C GLN A 14 -2.95 12.17 -7.89
N ASN A 15 -4.01 11.54 -7.40
CA ASN A 15 -4.47 11.75 -6.03
C ASN A 15 -3.94 10.65 -5.11
N GLY A 16 -3.97 9.41 -5.61
CA GLY A 16 -3.49 8.30 -4.81
C GLY A 16 -4.60 7.29 -4.51
N PHE A 17 -5.27 7.47 -3.38
CA PHE A 17 -6.35 6.58 -2.98
C PHE A 17 -7.70 7.25 -3.14
N ASP A 18 -8.76 6.53 -2.78
CA ASP A 18 -10.11 7.07 -2.86
C ASP A 18 -10.92 6.68 -1.61
N VAL A 19 -10.53 7.24 -0.47
CA VAL A 19 -11.19 6.95 0.79
C VAL A 19 -12.71 7.02 0.65
N ASN A 20 -13.18 7.89 -0.23
CA ASN A 20 -14.62 8.04 -0.45
C ASN A 20 -15.25 6.72 -0.85
N ASN A 21 -14.46 5.84 -1.46
CA ASN A 21 -14.94 4.53 -1.88
C ASN A 21 -13.86 3.47 -1.70
N LEU A 22 -13.04 3.64 -0.68
CA LEU A 22 -11.95 2.71 -0.40
C LEU A 22 -12.50 1.31 -0.10
N ASP A 23 -11.86 0.29 -0.66
CA ASP A 23 -12.28 -1.09 -0.44
C ASP A 23 -12.32 -1.40 1.05
N PRO A 24 -13.23 -2.28 1.48
CA PRO A 24 -13.37 -2.67 2.88
C PRO A 24 -12.21 -3.55 3.36
N ASP A 25 -11.76 -4.43 2.49
CA ASP A 25 -10.66 -5.34 2.83
C ASP A 25 -9.34 -4.58 2.94
N LEU A 26 -9.15 -3.60 2.07
CA LEU A 26 -7.92 -2.80 2.07
C LEU A 26 -7.95 -1.79 3.21
N ARG A 27 -9.10 -1.17 3.44
CA ARG A 27 -9.24 -0.19 4.51
C ARG A 27 -8.72 -0.76 5.83
N SER A 28 -8.84 -2.07 5.98
CA SER A 28 -8.38 -2.74 7.18
C SER A 28 -6.89 -3.04 7.09
N LEU A 29 -6.43 -3.37 5.88
CA LEU A 29 -5.03 -3.66 5.66
C LEU A 29 -4.15 -2.53 6.19
N PHE A 30 -4.71 -1.32 6.25
CA PHE A 30 -3.98 -0.16 6.73
C PHE A 30 -4.07 -0.08 8.26
N SER A 31 -5.29 -0.08 8.78
CA SER A 31 -5.51 -0.01 10.21
C SER A 31 -4.65 -1.02 10.95
N ARG A 32 -4.28 -2.10 10.27
CA ARG A 32 -3.47 -3.16 10.85
C ARG A 32 -1.99 -2.84 10.71
N ALA A 33 -1.63 -2.12 9.65
CA ALA A 33 -0.24 -1.77 9.40
C ALA A 33 0.13 -0.46 10.12
N GLY A 34 -0.88 0.34 10.42
CA GLY A 34 -0.65 1.60 11.11
C GLY A 34 -0.63 2.79 10.18
N ILE A 35 -1.63 2.88 9.31
CA ILE A 35 -1.73 4.00 8.37
C ILE A 35 -3.11 4.64 8.44
N SER A 36 -3.16 5.94 8.17
CA SER A 36 -4.41 6.69 8.22
C SER A 36 -4.67 7.42 6.91
N GLU A 37 -5.66 8.31 6.93
CA GLU A 37 -6.02 9.08 5.75
C GLU A 37 -4.89 10.03 5.35
N ALA A 38 -4.31 10.71 6.33
CA ALA A 38 -3.23 11.66 6.08
C ALA A 38 -2.16 11.04 5.19
N GLN A 39 -1.97 9.74 5.31
CA GLN A 39 -0.96 9.03 4.53
C GLN A 39 -1.46 8.75 3.11
N LEU A 40 -2.73 8.36 3.00
CA LEU A 40 -3.32 8.06 1.70
C LEU A 40 -3.56 9.32 0.89
N THR A 41 -4.05 10.38 1.53
CA THR A 41 -4.31 11.63 0.86
C THR A 41 -3.05 12.23 0.27
N ASP A 42 -1.93 12.01 0.94
CA ASP A 42 -0.64 12.53 0.48
C ASP A 42 -0.22 11.86 -0.83
N ALA A 43 0.06 12.67 -1.84
CA ALA A 43 0.48 12.16 -3.14
C ALA A 43 1.90 11.62 -3.08
N GLU A 44 2.73 12.22 -2.23
CA GLU A 44 4.12 11.80 -2.08
C GLU A 44 4.20 10.48 -1.32
N THR A 45 3.51 10.41 -0.19
CA THR A 45 3.51 9.19 0.62
C THR A 45 2.72 8.08 -0.08
N SER A 46 1.75 8.47 -0.89
CA SER A 46 0.95 7.50 -1.63
C SER A 46 1.84 6.65 -2.53
N LYS A 47 2.55 7.30 -3.44
CA LYS A 47 3.46 6.59 -4.34
C LYS A 47 4.43 5.74 -3.53
N LEU A 48 4.77 6.23 -2.34
CA LEU A 48 5.65 5.51 -1.44
C LEU A 48 4.96 4.27 -0.89
N ILE A 49 3.66 4.38 -0.69
CA ILE A 49 2.85 3.27 -0.19
C ILE A 49 2.33 2.41 -1.33
N TYR A 50 2.30 2.95 -2.54
CA TYR A 50 1.80 2.19 -3.67
C TYR A 50 2.74 1.03 -4.01
N ASP A 51 4.00 1.15 -3.58
CA ASP A 51 4.95 0.06 -3.78
C ASP A 51 4.46 -1.20 -3.07
N PHE A 52 3.52 -1.02 -2.14
CA PHE A 52 2.98 -2.14 -1.37
C PHE A 52 1.79 -2.77 -2.08
N ILE A 53 0.72 -2.00 -2.31
CA ILE A 53 -0.46 -2.52 -3.00
C ILE A 53 -0.13 -2.87 -4.45
N GLU A 54 0.98 -2.33 -4.96
CA GLU A 54 1.39 -2.59 -6.33
C GLU A 54 2.10 -3.95 -6.44
N ASP A 55 2.69 -4.40 -5.33
CA ASP A 55 3.39 -5.67 -5.31
C ASP A 55 2.42 -6.84 -5.17
N GLN A 56 1.44 -6.69 -4.28
CA GLN A 56 0.45 -7.73 -4.06
C GLN A 56 -0.28 -8.07 -5.35
N GLY A 57 -0.31 -7.13 -6.28
CA GLY A 57 -1.00 -7.34 -7.54
C GLY A 57 -2.20 -6.44 -7.72
N GLY A 58 -2.78 -6.00 -6.61
CA GLY A 58 -3.92 -5.12 -6.68
C GLY A 58 -4.78 -5.18 -5.43
N LEU A 59 -5.95 -4.55 -5.49
CA LEU A 59 -6.86 -4.53 -4.36
C LEU A 59 -7.70 -5.79 -4.33
N GLU A 60 -8.38 -6.06 -5.44
CA GLU A 60 -9.11 -7.31 -5.59
C GLU A 60 -8.12 -8.45 -5.57
N ALA A 61 -6.91 -8.15 -6.04
CA ALA A 61 -5.81 -9.10 -6.04
C ALA A 61 -5.47 -9.47 -4.61
N VAL A 62 -5.66 -8.51 -3.69
CA VAL A 62 -5.41 -8.73 -2.28
C VAL A 62 -6.62 -9.40 -1.61
N ARG A 63 -7.81 -8.90 -1.94
CA ARG A 63 -9.04 -9.44 -1.38
C ARG A 63 -9.08 -10.95 -1.54
N GLN A 64 -8.69 -11.43 -2.72
CA GLN A 64 -8.67 -12.87 -3.00
C GLN A 64 -7.95 -13.63 -1.90
N GLU A 65 -6.83 -13.07 -1.44
CA GLU A 65 -6.04 -13.70 -0.38
C GLU A 65 -6.57 -13.31 0.99
N MET A 66 -6.98 -12.05 1.13
CA MET A 66 -7.50 -11.54 2.39
C MET A 66 -8.75 -12.31 2.82
N ARG A 67 -9.40 -12.97 1.87
CA ARG A 67 -10.61 -13.73 2.15
C ARG A 67 -10.42 -14.62 3.37
N ARG A 68 -9.40 -15.47 3.33
CA ARG A 68 -9.11 -16.38 4.43
C ARG A 68 -8.01 -17.36 4.05
N GLN A 69 -6.76 -16.90 4.14
CA GLN A 69 -5.62 -17.75 3.79
C GLN A 69 -4.32 -17.17 4.36
N GLY A 70 -4.21 -17.16 5.69
CA GLY A 70 -3.02 -16.63 6.33
C GLY A 70 -2.86 -17.15 7.74
N GLY A 71 -3.76 -16.75 8.63
CA GLY A 71 -3.70 -17.19 10.01
C GLY A 71 -3.53 -18.69 10.13
N SER A 72 -4.45 -19.44 9.52
CA SER A 72 -4.39 -20.89 9.57
C SER A 72 -4.32 -21.40 11.01
N GLY A 73 -5.47 -21.71 11.58
CA GLY A 73 -5.51 -22.19 12.95
C GLY A 73 -5.74 -21.08 13.95
N GLY A 74 -6.21 -19.93 13.47
CA GLY A 74 -6.46 -18.81 14.35
C GLY A 74 -6.67 -17.51 13.60
N SER A 75 -7.30 -16.54 14.25
CA SER A 75 -7.56 -15.25 13.64
C SER A 75 -7.57 -14.13 14.68
N GLN A 76 -6.85 -14.36 15.77
CA GLN A 76 -6.77 -13.37 16.85
C GLN A 76 -5.46 -12.59 16.81
N SER A 77 -4.69 -12.75 15.73
CA SER A 77 -3.42 -12.06 15.59
C SER A 77 -2.65 -12.58 14.37
N SER A 78 -2.87 -11.95 13.23
CA SER A 78 -2.20 -12.34 11.99
C SER A 78 -1.97 -11.15 11.08
N GLU A 79 -0.71 -10.87 10.78
CA GLU A 79 -0.36 -9.74 9.92
C GLU A 79 -0.12 -10.21 8.49
N GLY A 80 0.72 -11.22 8.34
CA GLY A 80 1.02 -11.74 7.01
C GLY A 80 1.49 -10.66 6.05
N LEU A 81 0.62 -10.25 5.14
CA LEU A 81 0.94 -9.21 4.18
C LEU A 81 0.95 -7.84 4.85
N VAL A 82 0.17 -7.70 5.91
CA VAL A 82 0.09 -6.44 6.64
C VAL A 82 1.46 -6.03 7.15
N GLY A 83 2.19 -6.97 7.73
CA GLY A 83 3.51 -6.69 8.25
C GLY A 83 4.42 -6.07 7.21
N ALA A 84 4.34 -6.57 5.99
CA ALA A 84 5.15 -6.05 4.89
C ALA A 84 4.94 -4.54 4.72
N LEU A 85 3.70 -4.11 4.86
CA LEU A 85 3.37 -2.69 4.74
C LEU A 85 3.97 -1.90 5.89
N MET A 86 4.12 -2.55 7.04
CA MET A 86 4.70 -1.90 8.22
C MET A 86 6.16 -1.54 7.97
N HIS A 87 6.91 -2.48 7.40
CA HIS A 87 8.32 -2.26 7.11
C HIS A 87 8.50 -1.12 6.11
N VAL A 88 7.70 -1.15 5.05
CA VAL A 88 7.76 -0.12 4.02
C VAL A 88 7.42 1.25 4.58
N MET A 89 6.72 1.27 5.72
CA MET A 89 6.33 2.52 6.36
C MET A 89 7.47 3.06 7.22
N GLN A 90 8.33 2.15 7.68
CA GLN A 90 9.46 2.54 8.52
C GLN A 90 10.53 3.25 7.70
N LYS A 91 10.65 2.86 6.43
CA LYS A 91 11.63 3.46 5.53
C LYS A 91 11.32 4.94 5.31
N ARG A 92 10.04 5.29 5.40
CA ARG A 92 9.61 6.67 5.21
C ARG A 92 10.42 7.62 6.08
N SER A 93 10.51 7.29 7.37
CA SER A 93 11.25 8.13 8.31
C SER A 93 12.73 8.14 7.99
N ARG A 94 13.22 7.05 7.41
CA ARG A 94 14.62 6.93 7.04
C ARG A 94 14.94 7.79 5.82
N ALA A 95 13.93 8.07 5.02
CA ALA A 95 14.10 8.89 3.82
C ALA A 95 13.63 10.32 4.05
N ILE A 96 14.58 11.25 4.06
CA ILE A 96 14.27 12.65 4.27
C ILE A 96 14.75 13.49 3.10
N HIS A 97 16.05 13.42 2.81
CA HIS A 97 16.63 14.17 1.71
C HIS A 97 16.72 13.30 0.45
N SER A 98 15.69 13.38 -0.38
CA SER A 98 15.65 12.61 -1.61
C SER A 98 16.39 13.32 -2.75
N SER A 99 16.34 14.65 -2.72
CA SER A 99 17.02 15.45 -3.74
C SER A 99 18.51 15.49 -3.51
N ASP A 100 18.92 15.89 -2.31
CA ASP A 100 20.33 15.99 -1.95
C ASP A 100 21.03 17.07 -2.77
N GLU A 101 20.24 18.05 -3.21
CA GLU A 101 20.79 19.16 -4.00
C GLU A 101 21.42 20.21 -3.11
N GLY A 102 20.94 20.29 -1.87
CA GLY A 102 21.46 21.27 -0.93
C GLY A 102 20.57 21.44 0.29
N GLU A 103 19.74 22.47 0.27
CA GLU A 103 18.84 22.74 1.38
C GLU A 103 17.39 22.77 0.91
N ASP A 104 17.10 22.00 -0.13
CA ASP A 104 15.75 21.94 -0.68
C ASP A 104 15.30 23.30 -1.19
N GLN A 105 15.33 23.48 -2.51
CA GLN A 105 14.93 24.74 -3.13
C GLN A 105 14.14 24.49 -4.40
N ALA A 106 14.77 23.86 -5.38
CA ALA A 106 14.12 23.58 -6.66
C ALA A 106 13.32 22.27 -6.58
N GLY A 107 12.02 22.37 -6.84
CA GLY A 107 11.18 21.20 -6.78
C GLY A 107 11.18 20.54 -5.42
N SER A 1 0.19 -6.32 -35.09
CA SER A 1 1.40 -6.53 -34.27
C SER A 1 2.03 -5.21 -33.85
N GLY A 2 1.70 -4.76 -32.64
CA GLY A 2 2.25 -3.50 -32.15
C GLY A 2 2.55 -3.56 -30.66
N PHE A 3 1.90 -2.68 -29.89
CA PHE A 3 2.10 -2.63 -28.45
C PHE A 3 0.79 -2.44 -27.72
N LYS A 4 0.55 -3.26 -26.69
CA LYS A 4 -0.67 -3.18 -25.91
C LYS A 4 -0.36 -3.17 -24.41
N HIS A 5 -0.57 -2.03 -23.78
CA HIS A 5 -0.32 -1.89 -22.35
C HIS A 5 -1.61 -1.98 -21.54
N VAL A 6 -1.76 -3.08 -20.80
CA VAL A 6 -2.94 -3.30 -19.99
C VAL A 6 -2.58 -3.43 -18.52
N SER A 7 -2.28 -2.31 -17.89
CA SER A 7 -1.91 -2.30 -16.47
C SER A 7 -3.10 -2.69 -15.60
N HIS A 8 -4.28 -2.26 -16.01
CA HIS A 8 -5.51 -2.55 -15.27
C HIS A 8 -5.32 -2.30 -13.78
N VAL A 9 -4.92 -1.09 -13.44
CA VAL A 9 -4.69 -0.72 -12.06
C VAL A 9 -5.69 0.32 -11.59
N GLY A 10 -6.04 0.24 -10.31
CA GLY A 10 -6.97 1.19 -9.74
C GLY A 10 -6.30 2.50 -9.38
N TRP A 11 -5.05 2.40 -8.93
CA TRP A 11 -4.27 3.57 -8.56
C TRP A 11 -3.61 4.20 -9.79
N ASP A 12 -3.55 5.52 -9.81
CA ASP A 12 -2.95 6.26 -10.92
C ASP A 12 -2.24 7.51 -10.42
N PRO A 13 -1.19 7.96 -11.13
CA PRO A 13 -0.42 9.15 -10.76
C PRO A 13 -1.27 10.42 -10.82
N GLN A 14 -2.23 10.53 -9.90
CA GLN A 14 -3.10 11.69 -9.86
C GLN A 14 -3.59 11.95 -8.44
N ASN A 15 -4.65 11.24 -8.05
CA ASN A 15 -5.22 11.39 -6.72
C ASN A 15 -4.49 10.52 -5.71
N GLY A 16 -4.27 9.26 -6.07
CA GLY A 16 -3.57 8.34 -5.19
C GLY A 16 -4.52 7.44 -4.42
N PHE A 17 -4.92 7.89 -3.23
CA PHE A 17 -5.83 7.11 -2.40
C PHE A 17 -7.21 7.75 -2.35
N ASP A 18 -8.13 7.12 -1.63
CA ASP A 18 -9.49 7.64 -1.50
C ASP A 18 -10.33 6.72 -0.62
N VAL A 19 -10.03 6.71 0.68
CA VAL A 19 -10.76 5.88 1.63
C VAL A 19 -12.27 5.95 1.40
N ASN A 20 -12.73 7.09 0.88
CA ASN A 20 -14.14 7.29 0.61
C ASN A 20 -14.62 6.34 -0.49
N ASN A 21 -13.89 6.30 -1.60
CA ASN A 21 -14.24 5.41 -2.71
C ASN A 21 -13.29 4.22 -2.77
N LEU A 22 -12.65 3.92 -1.63
CA LEU A 22 -11.71 2.82 -1.55
C LEU A 22 -12.35 1.64 -0.80
N ASP A 23 -12.18 0.44 -1.34
CA ASP A 23 -12.74 -0.77 -0.73
C ASP A 23 -12.32 -0.90 0.72
N PRO A 24 -13.21 -1.46 1.57
CA PRO A 24 -12.91 -1.65 3.00
C PRO A 24 -11.84 -2.71 3.22
N ASP A 25 -11.86 -3.74 2.38
CA ASP A 25 -10.87 -4.82 2.49
C ASP A 25 -9.46 -4.26 2.56
N LEU A 26 -9.15 -3.35 1.65
CA LEU A 26 -7.83 -2.72 1.62
C LEU A 26 -7.72 -1.69 2.74
N ARG A 27 -8.85 -1.10 3.11
CA ARG A 27 -8.88 -0.12 4.19
C ARG A 27 -8.34 -0.73 5.48
N SER A 28 -8.81 -1.93 5.80
CA SER A 28 -8.36 -2.62 7.00
C SER A 28 -6.91 -3.07 6.85
N LEU A 29 -6.48 -3.27 5.61
CA LEU A 29 -5.11 -3.67 5.32
C LEU A 29 -4.15 -2.53 5.60
N PHE A 30 -4.66 -1.30 5.57
CA PHE A 30 -3.85 -0.12 5.83
C PHE A 30 -3.84 0.22 7.32
N SER A 31 -5.00 0.56 7.86
CA SER A 31 -5.12 0.92 9.27
C SER A 31 -4.42 -0.12 10.16
N ARG A 32 -4.48 -1.37 9.74
CA ARG A 32 -3.85 -2.45 10.49
C ARG A 32 -2.33 -2.33 10.46
N ALA A 33 -1.81 -1.73 9.39
CA ALA A 33 -0.38 -1.54 9.25
C ALA A 33 0.11 -0.35 10.07
N GLY A 34 -0.80 0.57 10.37
CA GLY A 34 -0.44 1.75 11.14
C GLY A 34 -0.44 3.01 10.31
N ILE A 35 -1.35 3.09 9.36
CA ILE A 35 -1.46 4.26 8.48
C ILE A 35 -2.79 4.96 8.67
N SER A 36 -2.78 6.28 8.63
CA SER A 36 -4.00 7.07 8.78
C SER A 36 -4.39 7.74 7.47
N GLU A 37 -5.50 8.47 7.50
CA GLU A 37 -5.99 9.16 6.30
C GLU A 37 -4.96 10.18 5.81
N ALA A 38 -4.30 10.85 6.76
CA ALA A 38 -3.30 11.85 6.43
C ALA A 38 -2.25 11.28 5.48
N GLN A 39 -1.70 10.12 5.85
CA GLN A 39 -0.69 9.48 5.04
C GLN A 39 -1.25 9.04 3.69
N LEU A 40 -2.54 8.79 3.65
CA LEU A 40 -3.22 8.36 2.43
C LEU A 40 -3.55 9.56 1.55
N THR A 41 -4.07 10.62 2.16
CA THR A 41 -4.44 11.82 1.42
C THR A 41 -3.22 12.48 0.80
N ASP A 42 -2.05 12.23 1.40
CA ASP A 42 -0.80 12.81 0.89
C ASP A 42 -0.34 12.09 -0.37
N ALA A 43 -0.24 12.82 -1.47
CA ALA A 43 0.19 12.25 -2.73
C ALA A 43 1.63 11.75 -2.65
N GLU A 44 2.47 12.51 -1.95
CA GLU A 44 3.87 12.14 -1.79
C GLU A 44 4.01 10.75 -1.17
N THR A 45 3.16 10.46 -0.20
CA THR A 45 3.19 9.16 0.47
C THR A 45 2.35 8.13 -0.29
N SER A 46 1.31 8.60 -0.95
CA SER A 46 0.43 7.72 -1.72
C SER A 46 1.23 6.79 -2.64
N LYS A 47 1.99 7.39 -3.54
CA LYS A 47 2.80 6.62 -4.48
C LYS A 47 3.89 5.84 -3.76
N LEU A 48 4.35 6.38 -2.64
CA LEU A 48 5.38 5.73 -1.84
C LEU A 48 4.84 4.43 -1.25
N ILE A 49 3.56 4.42 -0.92
CA ILE A 49 2.93 3.24 -0.34
C ILE A 49 2.38 2.33 -1.43
N TYR A 50 2.16 2.87 -2.62
CA TYR A 50 1.60 2.08 -3.72
C TYR A 50 2.50 0.88 -4.03
N ASP A 51 3.76 0.96 -3.63
CA ASP A 51 4.68 -0.15 -3.82
C ASP A 51 4.16 -1.40 -3.12
N PHE A 52 3.21 -1.23 -2.19
CA PHE A 52 2.65 -2.34 -1.45
C PHE A 52 1.48 -3.00 -2.18
N ILE A 53 0.40 -2.24 -2.42
CA ILE A 53 -0.76 -2.79 -3.12
C ILE A 53 -0.39 -3.17 -4.56
N GLU A 54 0.73 -2.65 -5.05
CA GLU A 54 1.19 -2.97 -6.40
C GLU A 54 1.96 -4.27 -6.42
N ASP A 55 2.62 -4.59 -5.31
CA ASP A 55 3.42 -5.80 -5.20
C ASP A 55 2.54 -7.02 -4.93
N GLN A 56 1.55 -6.84 -4.06
CA GLN A 56 0.65 -7.93 -3.71
C GLN A 56 -0.01 -8.53 -4.95
N GLY A 57 -0.04 -7.75 -6.03
CA GLY A 57 -0.63 -8.22 -7.27
C GLY A 57 -1.87 -7.42 -7.64
N GLY A 58 -2.47 -6.78 -6.65
CA GLY A 58 -3.67 -5.99 -6.90
C GLY A 58 -4.54 -5.85 -5.67
N LEU A 59 -5.03 -4.64 -5.43
CA LEU A 59 -5.88 -4.36 -4.28
C LEU A 59 -7.09 -5.29 -4.25
N GLU A 60 -7.84 -5.31 -5.35
CA GLU A 60 -8.99 -6.21 -5.47
C GLU A 60 -8.49 -7.63 -5.59
N ALA A 61 -7.31 -7.76 -6.19
CA ALA A 61 -6.65 -9.04 -6.35
C ALA A 61 -6.23 -9.59 -4.99
N VAL A 62 -6.14 -8.70 -4.00
CA VAL A 62 -5.76 -9.10 -2.64
C VAL A 62 -6.96 -9.64 -1.87
N ARG A 63 -8.14 -9.10 -2.17
CA ARG A 63 -9.37 -9.51 -1.51
C ARG A 63 -9.49 -11.03 -1.47
N GLN A 64 -8.89 -11.70 -2.45
CA GLN A 64 -8.92 -13.15 -2.53
C GLN A 64 -7.85 -13.76 -1.62
N GLU A 65 -6.74 -13.04 -1.46
CA GLU A 65 -5.65 -13.51 -0.62
C GLU A 65 -5.99 -13.38 0.85
N MET A 66 -6.47 -12.21 1.24
CA MET A 66 -6.86 -11.95 2.63
C MET A 66 -7.76 -13.07 3.17
N ARG A 67 -8.68 -13.52 2.32
CA ARG A 67 -9.60 -14.58 2.71
C ARG A 67 -8.85 -15.84 3.13
N ARG A 68 -7.79 -16.16 2.39
CA ARG A 68 -6.99 -17.34 2.68
C ARG A 68 -6.29 -17.21 4.02
N GLN A 69 -5.86 -15.99 4.35
CA GLN A 69 -5.18 -15.72 5.61
C GLN A 69 -6.06 -16.10 6.80
N GLY A 70 -5.93 -17.34 7.26
CA GLY A 70 -6.72 -17.82 8.38
C GLY A 70 -6.65 -19.32 8.55
N GLY A 71 -6.34 -19.76 9.76
CA GLY A 71 -6.26 -21.19 10.02
C GLY A 71 -5.69 -21.49 11.40
N SER A 72 -4.52 -22.13 11.41
CA SER A 72 -3.86 -22.48 12.67
C SER A 72 -4.81 -23.26 13.59
N GLY A 73 -4.28 -23.75 14.70
CA GLY A 73 -5.09 -24.50 15.64
C GLY A 73 -5.73 -23.62 16.69
N GLY A 74 -4.94 -23.24 17.70
CA GLY A 74 -5.45 -22.39 18.75
C GLY A 74 -6.03 -21.10 18.24
N SER A 75 -5.21 -20.05 18.22
CA SER A 75 -5.64 -18.74 17.74
C SER A 75 -4.46 -17.81 17.55
N GLN A 76 -3.69 -18.04 16.49
CA GLN A 76 -2.52 -17.21 16.20
C GLN A 76 -2.80 -16.26 15.04
N SER A 77 -2.47 -14.99 15.22
CA SER A 77 -2.68 -13.99 14.18
C SER A 77 -1.71 -12.82 14.35
N SER A 78 -0.57 -12.89 13.65
CA SER A 78 0.44 -11.85 13.72
C SER A 78 0.77 -11.32 12.33
N GLU A 79 0.76 -9.99 12.19
CA GLU A 79 1.06 -9.34 10.91
C GLU A 79 0.34 -10.04 9.75
N GLY A 80 1.01 -11.00 9.13
CA GLY A 80 0.40 -11.72 8.02
C GLY A 80 -0.22 -10.79 7.00
N LEU A 81 0.52 -10.47 5.93
CA LEU A 81 0.04 -9.58 4.88
C LEU A 81 0.23 -8.11 5.27
N VAL A 82 -0.27 -7.75 6.45
CA VAL A 82 -0.16 -6.37 6.92
C VAL A 82 1.23 -6.08 7.48
N GLY A 83 1.94 -7.14 7.86
CA GLY A 83 3.27 -6.96 8.40
C GLY A 83 4.24 -6.38 7.37
N ALA A 84 4.01 -6.71 6.10
CA ALA A 84 4.85 -6.20 5.02
C ALA A 84 4.67 -4.71 4.84
N LEU A 85 3.42 -4.26 4.76
CA LEU A 85 3.11 -2.85 4.59
C LEU A 85 3.86 -2.00 5.61
N MET A 86 3.81 -2.42 6.87
CA MET A 86 4.49 -1.70 7.94
C MET A 86 5.94 -1.44 7.58
N HIS A 87 6.65 -2.51 7.25
CA HIS A 87 8.07 -2.41 6.89
C HIS A 87 8.27 -1.35 5.80
N VAL A 88 7.22 -1.08 5.04
CA VAL A 88 7.28 -0.10 3.97
C VAL A 88 7.04 1.32 4.50
N MET A 89 6.30 1.41 5.60
CA MET A 89 6.00 2.69 6.22
C MET A 89 7.15 3.13 7.12
N GLN A 90 7.76 2.16 7.78
CA GLN A 90 8.87 2.43 8.68
C GLN A 90 10.05 3.02 7.92
N LYS A 91 10.20 2.61 6.67
CA LYS A 91 11.28 3.10 5.83
C LYS A 91 11.09 4.57 5.50
N ARG A 92 9.89 4.92 5.03
CA ARG A 92 9.57 6.30 4.68
C ARG A 92 9.58 7.18 5.93
N SER A 93 8.99 6.69 7.00
CA SER A 93 8.94 7.45 8.25
C SER A 93 10.33 7.88 8.69
N ARG A 94 11.33 7.04 8.43
CA ARG A 94 12.70 7.34 8.79
C ARG A 94 13.28 8.44 7.91
N ALA A 95 12.79 8.53 6.67
CA ALA A 95 13.26 9.54 5.73
C ALA A 95 13.21 10.93 6.36
N ILE A 96 14.34 11.62 6.34
CA ILE A 96 14.42 12.97 6.90
C ILE A 96 14.35 14.03 5.81
N HIS A 97 15.41 14.14 5.02
CA HIS A 97 15.45 15.12 3.93
C HIS A 97 14.51 14.72 2.82
N SER A 98 13.22 15.00 3.01
CA SER A 98 12.20 14.69 2.01
C SER A 98 12.14 15.75 0.93
N SER A 99 12.19 17.01 1.34
CA SER A 99 12.13 18.13 0.41
C SER A 99 13.24 18.03 -0.64
N ASP A 100 14.38 17.49 -0.23
CA ASP A 100 15.52 17.34 -1.13
C ASP A 100 15.78 15.87 -1.43
N GLU A 101 14.71 15.08 -1.48
CA GLU A 101 14.83 13.65 -1.77
C GLU A 101 14.44 13.34 -3.21
N GLY A 102 15.45 13.15 -4.06
CA GLY A 102 15.19 12.85 -5.45
C GLY A 102 16.24 11.95 -6.05
N GLU A 103 17.49 12.42 -6.07
CA GLU A 103 18.59 11.65 -6.63
C GLU A 103 18.99 10.51 -5.68
N ASP A 104 18.27 9.40 -5.76
CA ASP A 104 18.54 8.25 -4.92
C ASP A 104 19.61 7.36 -5.53
N GLN A 105 20.87 7.65 -5.22
CA GLN A 105 22.00 6.89 -5.74
C GLN A 105 21.78 5.39 -5.55
N ALA A 106 22.47 4.59 -6.35
CA ALA A 106 22.35 3.14 -6.26
C ALA A 106 23.71 2.47 -6.48
N GLY A 107 24.12 1.64 -5.53
CA GLY A 107 25.39 0.96 -5.64
C GLY A 107 26.55 1.91 -5.86
N SER A 1 -4.76 -1.22 -36.38
CA SER A 1 -6.25 -1.15 -36.33
C SER A 1 -6.77 -1.74 -35.02
N GLY A 2 -7.23 -0.86 -34.13
CA GLY A 2 -7.75 -1.31 -32.85
C GLY A 2 -7.67 -0.24 -31.78
N PHE A 3 -8.80 0.07 -31.16
CA PHE A 3 -8.86 1.07 -30.11
C PHE A 3 -9.33 0.46 -28.79
N LYS A 4 -8.46 0.50 -27.79
CA LYS A 4 -8.79 -0.06 -26.48
C LYS A 4 -8.70 1.01 -25.39
N HIS A 5 -9.76 1.13 -24.60
CA HIS A 5 -9.80 2.11 -23.53
C HIS A 5 -9.96 1.42 -22.17
N VAL A 6 -8.89 1.41 -21.39
CA VAL A 6 -8.91 0.78 -20.07
C VAL A 6 -8.16 1.61 -19.04
N SER A 7 -8.82 1.89 -17.92
CA SER A 7 -8.21 2.67 -16.85
C SER A 7 -7.03 1.92 -16.23
N HIS A 8 -7.26 0.66 -15.90
CA HIS A 8 -6.22 -0.18 -15.30
C HIS A 8 -5.87 0.30 -13.91
N VAL A 9 -5.96 -0.61 -12.93
CA VAL A 9 -5.65 -0.29 -11.54
C VAL A 9 -6.66 0.69 -10.97
N GLY A 10 -6.76 0.71 -9.65
CA GLY A 10 -7.65 1.62 -8.98
C GLY A 10 -6.96 2.94 -8.69
N TRP A 11 -5.75 2.87 -8.13
CA TRP A 11 -4.96 4.06 -7.83
C TRP A 11 -4.52 4.72 -9.13
N ASP A 12 -4.87 6.00 -9.29
CA ASP A 12 -4.50 6.75 -10.47
C ASP A 12 -3.36 7.72 -10.18
N PRO A 13 -2.26 7.68 -10.96
CA PRO A 13 -1.12 8.57 -10.76
C PRO A 13 -1.49 10.04 -10.92
N GLN A 14 -2.12 10.59 -9.89
CA GLN A 14 -2.53 11.99 -9.91
C GLN A 14 -3.34 12.33 -8.66
N ASN A 15 -4.47 11.66 -8.49
CA ASN A 15 -5.34 11.89 -7.34
C ASN A 15 -4.77 11.23 -6.09
N GLY A 16 -4.39 9.96 -6.21
CA GLY A 16 -3.83 9.24 -5.09
C GLY A 16 -4.73 8.10 -4.65
N PHE A 17 -4.86 7.94 -3.33
CA PHE A 17 -5.70 6.87 -2.79
C PHE A 17 -7.18 7.15 -3.05
N ASP A 18 -8.02 6.18 -2.72
CA ASP A 18 -9.46 6.32 -2.91
C ASP A 18 -10.22 5.97 -1.64
N VAL A 19 -10.00 6.76 -0.59
CA VAL A 19 -10.65 6.54 0.68
C VAL A 19 -12.16 6.77 0.59
N ASN A 20 -12.55 7.66 -0.32
CA ASN A 20 -13.96 7.97 -0.53
C ASN A 20 -14.75 6.70 -0.87
N ASN A 21 -14.10 5.79 -1.57
CA ASN A 21 -14.73 4.53 -1.97
C ASN A 21 -13.78 3.37 -1.75
N LEU A 22 -13.02 3.41 -0.66
CA LEU A 22 -12.07 2.37 -0.33
C LEU A 22 -12.78 1.09 0.12
N ASP A 23 -12.25 -0.05 -0.29
CA ASP A 23 -12.83 -1.34 0.07
C ASP A 23 -12.58 -1.65 1.54
N PRO A 24 -13.47 -2.46 2.16
CA PRO A 24 -13.32 -2.84 3.58
C PRO A 24 -12.14 -3.77 3.81
N ASP A 25 -11.92 -4.68 2.88
CA ASP A 25 -10.81 -5.63 2.98
C ASP A 25 -9.48 -4.89 2.92
N LEU A 26 -9.35 -3.97 1.96
CA LEU A 26 -8.14 -3.20 1.81
C LEU A 26 -8.04 -2.13 2.89
N ARG A 27 -9.15 -1.44 3.13
CA ARG A 27 -9.18 -0.39 4.15
C ARG A 27 -8.68 -0.94 5.48
N SER A 28 -8.96 -2.22 5.73
CA SER A 28 -8.51 -2.87 6.97
C SER A 28 -7.03 -3.18 6.90
N LEU A 29 -6.53 -3.35 5.67
CA LEU A 29 -5.12 -3.65 5.46
C LEU A 29 -4.24 -2.52 6.00
N PHE A 30 -4.79 -1.33 6.05
CA PHE A 30 -4.06 -0.17 6.56
C PHE A 30 -4.30 0.02 8.05
N SER A 31 -5.57 -0.06 8.46
CA SER A 31 -5.92 0.07 9.87
C SER A 31 -5.11 -0.88 10.73
N ARG A 32 -4.65 -1.97 10.13
CA ARG A 32 -3.85 -2.96 10.84
C ARG A 32 -2.38 -2.57 10.85
N ALA A 33 -1.90 -2.05 9.72
CA ALA A 33 -0.51 -1.63 9.61
C ALA A 33 -0.26 -0.35 10.38
N GLY A 34 -1.32 0.42 10.62
CA GLY A 34 -1.18 1.67 11.34
C GLY A 34 -1.04 2.87 10.44
N ILE A 35 -1.94 2.99 9.47
CA ILE A 35 -1.90 4.10 8.52
C ILE A 35 -3.25 4.82 8.48
N SER A 36 -3.20 6.13 8.26
CA SER A 36 -4.42 6.93 8.19
C SER A 36 -4.50 7.70 6.87
N GLU A 37 -5.53 8.53 6.74
CA GLU A 37 -5.73 9.32 5.53
C GLU A 37 -4.53 10.24 5.28
N ALA A 38 -4.01 10.83 6.35
CA ALA A 38 -2.86 11.74 6.25
C ALA A 38 -1.76 11.15 5.38
N GLN A 39 -1.51 9.85 5.53
CA GLN A 39 -0.47 9.17 4.78
C GLN A 39 -0.97 8.79 3.39
N LEU A 40 -2.28 8.66 3.25
CA LEU A 40 -2.89 8.28 1.98
C LEU A 40 -3.13 9.51 1.10
N THR A 41 -3.21 10.67 1.73
CA THR A 41 -3.45 11.92 0.99
C THR A 41 -2.15 12.45 0.39
N ASP A 42 -1.07 12.36 1.15
CA ASP A 42 0.23 12.84 0.70
C ASP A 42 0.67 12.11 -0.57
N ALA A 43 1.06 12.88 -1.58
CA ALA A 43 1.50 12.30 -2.85
C ALA A 43 2.86 11.63 -2.71
N GLU A 44 3.67 12.14 -1.79
CA GLU A 44 4.99 11.58 -1.55
C GLU A 44 4.90 10.24 -0.84
N THR A 45 3.97 10.13 0.10
CA THR A 45 3.78 8.90 0.85
C THR A 45 2.88 7.92 0.10
N SER A 46 1.82 8.45 -0.50
CA SER A 46 0.88 7.62 -1.27
C SER A 46 1.63 6.73 -2.25
N LYS A 47 2.37 7.35 -3.17
CA LYS A 47 3.15 6.61 -4.15
C LYS A 47 4.09 5.65 -3.44
N LEU A 48 4.70 6.13 -2.36
CA LEU A 48 5.61 5.31 -1.56
C LEU A 48 4.88 4.07 -1.04
N ILE A 49 3.59 4.24 -0.75
CA ILE A 49 2.77 3.15 -0.27
C ILE A 49 2.15 2.37 -1.42
N TYR A 50 2.01 3.01 -2.58
CA TYR A 50 1.42 2.32 -3.72
C TYR A 50 2.27 1.13 -4.15
N ASP A 51 3.55 1.18 -3.81
CA ASP A 51 4.44 0.06 -4.10
C ASP A 51 3.94 -1.19 -3.38
N PHE A 52 3.08 -1.00 -2.38
CA PHE A 52 2.53 -2.11 -1.61
C PHE A 52 1.30 -2.72 -2.28
N ILE A 53 0.24 -1.91 -2.46
CA ILE A 53 -0.97 -2.41 -3.13
C ILE A 53 -0.69 -2.72 -4.59
N GLU A 54 0.41 -2.18 -5.12
CA GLU A 54 0.79 -2.40 -6.51
C GLU A 54 1.48 -3.75 -6.68
N ASP A 55 2.20 -4.18 -5.66
CA ASP A 55 2.91 -5.45 -5.71
C ASP A 55 1.94 -6.61 -5.56
N GLN A 56 0.95 -6.45 -4.68
CA GLN A 56 -0.04 -7.49 -4.44
C GLN A 56 -0.79 -7.83 -5.72
N GLY A 57 -0.82 -6.88 -6.66
CA GLY A 57 -1.51 -7.10 -7.92
C GLY A 57 -2.77 -6.27 -8.05
N GLY A 58 -3.34 -5.89 -6.91
CA GLY A 58 -4.54 -5.08 -6.92
C GLY A 58 -5.31 -5.17 -5.60
N LEU A 59 -6.46 -4.52 -5.54
CA LEU A 59 -7.27 -4.54 -4.33
C LEU A 59 -8.08 -5.83 -4.27
N GLU A 60 -8.83 -6.10 -5.33
CA GLU A 60 -9.54 -7.36 -5.44
C GLU A 60 -8.49 -8.47 -5.53
N ALA A 61 -7.35 -8.10 -6.14
CA ALA A 61 -6.21 -8.98 -6.25
C ALA A 61 -5.69 -9.37 -4.87
N VAL A 62 -5.84 -8.45 -3.92
CA VAL A 62 -5.43 -8.69 -2.54
C VAL A 62 -6.52 -9.47 -1.80
N ARG A 63 -7.77 -9.06 -2.00
CA ARG A 63 -8.90 -9.73 -1.35
C ARG A 63 -8.84 -11.24 -1.58
N GLN A 64 -8.35 -11.62 -2.76
CA GLN A 64 -8.24 -13.03 -3.11
C GLN A 64 -7.27 -13.75 -2.17
N GLU A 65 -6.14 -13.10 -1.88
CA GLU A 65 -5.14 -13.68 -1.00
C GLU A 65 -5.47 -13.39 0.46
N MET A 66 -5.94 -12.17 0.73
CA MET A 66 -6.30 -11.77 2.08
C MET A 66 -7.23 -12.80 2.73
N ARG A 67 -8.04 -13.45 1.91
CA ARG A 67 -8.98 -14.45 2.39
C ARG A 67 -8.33 -15.83 2.43
N ARG A 68 -7.60 -16.17 1.37
CA ARG A 68 -6.93 -17.46 1.29
C ARG A 68 -5.98 -17.66 2.46
N GLN A 69 -5.14 -16.65 2.71
CA GLN A 69 -4.18 -16.72 3.81
C GLN A 69 -4.67 -15.93 5.02
N GLY A 70 -4.36 -16.42 6.21
CA GLY A 70 -4.78 -15.76 7.43
C GLY A 70 -6.05 -16.35 8.00
N GLY A 71 -6.03 -16.67 9.28
CA GLY A 71 -7.20 -17.24 9.93
C GLY A 71 -7.75 -18.45 9.18
N SER A 72 -7.05 -19.57 9.28
CA SER A 72 -7.47 -20.79 8.60
C SER A 72 -6.65 -21.99 9.07
N GLY A 73 -6.28 -21.98 10.35
CA GLY A 73 -5.50 -23.06 10.91
C GLY A 73 -4.53 -22.59 11.97
N GLY A 74 -5.08 -22.11 13.08
CA GLY A 74 -4.24 -21.63 14.17
C GLY A 74 -4.18 -20.11 14.24
N SER A 75 -4.05 -19.48 13.08
CA SER A 75 -3.98 -18.02 13.02
C SER A 75 -2.65 -17.52 13.57
N GLN A 76 -1.55 -17.95 12.94
CA GLN A 76 -0.22 -17.54 13.37
C GLN A 76 -0.10 -16.04 13.48
N SER A 77 -0.92 -15.34 12.71
CA SER A 77 -0.91 -13.89 12.70
C SER A 77 -1.94 -13.35 11.70
N SER A 78 -2.98 -12.70 12.21
CA SER A 78 -4.02 -12.15 11.36
C SER A 78 -3.46 -11.07 10.44
N GLU A 79 -2.40 -10.40 10.90
CA GLU A 79 -1.78 -9.34 10.12
C GLU A 79 -1.34 -9.84 8.76
N GLY A 80 -0.68 -11.00 8.74
CA GLY A 80 -0.23 -11.56 7.48
C GLY A 80 0.53 -10.56 6.63
N LEU A 81 -0.04 -10.22 5.47
CA LEU A 81 0.59 -9.26 4.57
C LEU A 81 0.67 -7.89 5.22
N VAL A 82 -0.23 -7.63 6.16
CA VAL A 82 -0.25 -6.34 6.85
C VAL A 82 1.10 -6.08 7.52
N GLY A 83 1.63 -7.09 8.20
CA GLY A 83 2.92 -6.94 8.87
C GLY A 83 4.00 -6.45 7.92
N ALA A 84 3.83 -6.75 6.64
CA ALA A 84 4.80 -6.34 5.62
C ALA A 84 4.66 -4.86 5.31
N LEU A 85 3.43 -4.35 5.39
CA LEU A 85 3.16 -2.95 5.12
C LEU A 85 3.88 -2.07 6.15
N MET A 86 3.75 -2.42 7.43
CA MET A 86 4.39 -1.67 8.50
C MET A 86 5.86 -1.44 8.20
N HIS A 87 6.45 -2.30 7.38
CA HIS A 87 7.85 -2.19 7.01
C HIS A 87 8.08 -1.10 5.97
N VAL A 88 7.11 -0.92 5.08
CA VAL A 88 7.22 0.08 4.02
C VAL A 88 7.24 1.50 4.61
N MET A 89 6.60 1.65 5.77
CA MET A 89 6.54 2.94 6.44
C MET A 89 7.88 3.27 7.11
N GLN A 90 8.50 2.26 7.71
CA GLN A 90 9.78 2.44 8.38
C GLN A 90 10.82 3.00 7.42
N LYS A 91 10.76 2.58 6.16
CA LYS A 91 11.69 3.06 5.15
C LYS A 91 11.59 4.57 4.99
N ARG A 92 10.36 5.07 4.95
CA ARG A 92 10.12 6.50 4.81
C ARG A 92 10.37 7.22 6.12
N SER A 93 9.78 6.70 7.20
CA SER A 93 9.95 7.30 8.52
C SER A 93 11.43 7.45 8.88
N ARG A 94 12.21 6.45 8.52
CA ARG A 94 13.64 6.46 8.80
C ARG A 94 14.38 7.43 7.89
N ALA A 95 13.93 7.51 6.64
CA ALA A 95 14.55 8.40 5.67
C ALA A 95 13.90 9.78 5.69
N ILE A 96 14.71 10.81 5.92
CA ILE A 96 14.21 12.18 5.96
C ILE A 96 14.31 12.83 4.59
N HIS A 97 15.52 13.19 4.19
CA HIS A 97 15.75 13.83 2.90
C HIS A 97 16.17 12.81 1.85
N SER A 98 16.08 13.20 0.58
CA SER A 98 16.46 12.32 -0.52
C SER A 98 17.96 12.38 -0.78
N SER A 99 18.52 13.58 -0.70
CA SER A 99 19.95 13.78 -0.93
C SER A 99 20.77 13.04 0.13
N ASP A 100 20.13 12.69 1.25
CA ASP A 100 20.83 11.99 2.32
C ASP A 100 21.81 12.91 3.03
N GLU A 101 21.49 14.21 3.04
CA GLU A 101 22.34 15.20 3.68
C GLU A 101 22.81 14.75 5.05
N GLY A 102 23.98 15.22 5.47
CA GLY A 102 24.52 14.86 6.76
C GLY A 102 26.02 15.12 6.85
N GLU A 103 26.73 14.24 7.54
CA GLU A 103 28.17 14.37 7.69
C GLU A 103 28.53 15.67 8.39
N ASP A 104 28.14 15.78 9.66
CA ASP A 104 28.41 16.97 10.44
C ASP A 104 28.86 16.61 11.86
N GLN A 105 27.88 16.30 12.71
CA GLN A 105 28.16 15.93 14.10
C GLN A 105 27.11 14.98 14.63
N ALA A 106 27.44 13.70 14.71
CA ALA A 106 26.52 12.69 15.21
C ALA A 106 27.22 11.75 16.19
N GLY A 107 26.88 11.88 17.48
CA GLY A 107 27.47 11.04 18.49
C GLY A 107 27.98 11.83 19.68
N SER A 1 -16.78 -17.28 -20.67
CA SER A 1 -15.93 -18.01 -21.65
C SER A 1 -15.24 -17.05 -22.61
N GLY A 2 -14.27 -16.30 -22.09
CA GLY A 2 -13.55 -15.34 -22.91
C GLY A 2 -13.77 -13.91 -22.46
N PHE A 3 -13.20 -13.56 -21.31
CA PHE A 3 -13.34 -12.22 -20.77
C PHE A 3 -12.01 -11.47 -20.81
N LYS A 4 -12.07 -10.15 -20.95
CA LYS A 4 -10.87 -9.33 -21.00
C LYS A 4 -10.34 -9.07 -19.60
N HIS A 5 -9.52 -10.00 -19.10
CA HIS A 5 -8.95 -9.88 -17.76
C HIS A 5 -7.85 -8.82 -17.74
N VAL A 6 -8.19 -7.64 -17.22
CA VAL A 6 -7.24 -6.54 -17.14
C VAL A 6 -7.40 -5.77 -15.83
N SER A 7 -6.50 -6.02 -14.88
CA SER A 7 -6.54 -5.34 -13.59
C SER A 7 -6.62 -3.83 -13.79
N HIS A 8 -5.72 -3.30 -14.61
CA HIS A 8 -5.68 -1.88 -14.91
C HIS A 8 -5.00 -1.11 -13.78
N VAL A 9 -5.68 -1.10 -12.64
CA VAL A 9 -5.24 -0.42 -11.40
C VAL A 9 -6.29 0.57 -10.93
N GLY A 10 -6.40 0.73 -9.61
CA GLY A 10 -7.32 1.68 -9.05
C GLY A 10 -6.62 2.99 -8.75
N TRP A 11 -5.33 2.88 -8.41
CA TRP A 11 -4.50 4.05 -8.13
C TRP A 11 -4.13 4.76 -9.42
N ASP A 12 -4.65 5.97 -9.59
CA ASP A 12 -4.38 6.76 -10.79
C ASP A 12 -3.34 7.85 -10.50
N PRO A 13 -2.25 7.90 -11.29
CA PRO A 13 -1.20 8.90 -11.10
C PRO A 13 -1.73 10.32 -11.26
N GLN A 14 -2.20 10.89 -10.15
CA GLN A 14 -2.73 12.25 -10.17
C GLN A 14 -3.30 12.63 -8.80
N ASN A 15 -4.32 11.90 -8.37
CA ASN A 15 -4.95 12.16 -7.08
C ASN A 15 -4.31 11.34 -5.97
N GLY A 16 -4.15 10.04 -6.23
CA GLY A 16 -3.54 9.16 -5.24
C GLY A 16 -4.44 8.01 -4.85
N PHE A 17 -4.79 7.93 -3.58
CA PHE A 17 -5.66 6.86 -3.09
C PHE A 17 -7.12 7.17 -3.37
N ASP A 18 -7.93 6.12 -3.47
CA ASP A 18 -9.36 6.27 -3.72
C ASP A 18 -10.17 5.89 -2.50
N VAL A 19 -10.03 6.67 -1.43
CA VAL A 19 -10.74 6.41 -0.19
C VAL A 19 -12.25 6.42 -0.39
N ASN A 20 -12.70 7.14 -1.42
CA ASN A 20 -14.13 7.22 -1.73
C ASN A 20 -14.70 5.84 -1.97
N ASN A 21 -14.04 5.05 -2.79
CA ASN A 21 -14.49 3.69 -3.10
C ASN A 21 -13.48 2.66 -2.62
N LEU A 22 -12.79 2.99 -1.53
CA LEU A 22 -11.79 2.08 -0.96
C LEU A 22 -12.42 0.77 -0.52
N ASP A 23 -11.74 -0.33 -0.81
CA ASP A 23 -12.25 -1.65 -0.43
C ASP A 23 -12.17 -1.86 1.07
N PRO A 24 -13.18 -2.53 1.65
CA PRO A 24 -13.22 -2.80 3.10
C PRO A 24 -11.95 -3.46 3.60
N ASP A 25 -11.64 -4.64 3.06
CA ASP A 25 -10.45 -5.39 3.45
C ASP A 25 -9.22 -4.49 3.43
N LEU A 26 -8.90 -3.95 2.26
CA LEU A 26 -7.75 -3.07 2.10
C LEU A 26 -7.79 -1.93 3.11
N ARG A 27 -9.00 -1.44 3.39
CA ARG A 27 -9.18 -0.37 4.36
C ARG A 27 -8.71 -0.80 5.74
N SER A 28 -8.84 -2.10 6.01
CA SER A 28 -8.39 -2.67 7.27
C SER A 28 -6.92 -3.03 7.20
N LEU A 29 -6.45 -3.33 5.99
CA LEU A 29 -5.06 -3.66 5.77
C LEU A 29 -4.14 -2.53 6.21
N PHE A 30 -4.68 -1.31 6.22
CA PHE A 30 -3.93 -0.14 6.65
C PHE A 30 -3.93 0.00 8.16
N SER A 31 -5.13 0.12 8.74
CA SER A 31 -5.27 0.25 10.18
C SER A 31 -4.46 -0.81 10.91
N ARG A 32 -4.29 -1.96 10.28
CA ARG A 32 -3.53 -3.06 10.87
C ARG A 32 -2.04 -2.85 10.68
N ALA A 33 -1.67 -2.15 9.61
CA ALA A 33 -0.27 -1.88 9.32
C ALA A 33 0.19 -0.57 9.96
N GLY A 34 -0.77 0.31 10.23
CA GLY A 34 -0.44 1.58 10.85
C GLY A 34 -0.53 2.75 9.89
N ILE A 35 -1.55 2.74 9.04
CA ILE A 35 -1.75 3.82 8.07
C ILE A 35 -3.17 4.37 8.13
N SER A 36 -3.31 5.66 7.84
CA SER A 36 -4.61 6.32 7.87
C SER A 36 -4.80 7.22 6.67
N GLU A 37 -6.00 7.78 6.53
CA GLU A 37 -6.31 8.68 5.43
C GLU A 37 -5.28 9.79 5.32
N ALA A 38 -4.65 10.13 6.44
CA ALA A 38 -3.64 11.18 6.47
C ALA A 38 -2.50 10.88 5.50
N GLN A 39 -2.02 9.65 5.53
CA GLN A 39 -0.91 9.24 4.67
C GLN A 39 -1.40 8.93 3.26
N LEU A 40 -2.64 8.46 3.15
CA LEU A 40 -3.21 8.12 1.86
C LEU A 40 -3.47 9.36 1.02
N THR A 41 -3.79 10.46 1.69
CA THR A 41 -4.06 11.72 0.99
C THR A 41 -2.80 12.27 0.35
N ASP A 42 -1.69 12.21 1.08
CA ASP A 42 -0.41 12.71 0.57
C ASP A 42 -0.04 11.99 -0.72
N ALA A 43 0.32 12.77 -1.75
CA ALA A 43 0.70 12.22 -3.04
C ALA A 43 2.09 11.59 -2.97
N GLU A 44 3.01 12.27 -2.29
CA GLU A 44 4.38 11.79 -2.16
C GLU A 44 4.41 10.49 -1.37
N THR A 45 3.52 10.37 -0.38
CA THR A 45 3.45 9.18 0.46
C THR A 45 2.74 8.04 -0.27
N SER A 46 1.63 8.36 -0.91
CA SER A 46 0.85 7.36 -1.63
C SER A 46 1.73 6.59 -2.62
N LYS A 47 2.70 7.28 -3.20
CA LYS A 47 3.60 6.67 -4.18
C LYS A 47 4.42 5.55 -3.54
N LEU A 48 5.16 5.88 -2.48
CA LEU A 48 5.98 4.89 -1.80
C LEU A 48 5.13 3.74 -1.28
N ILE A 49 3.88 4.03 -0.96
CA ILE A 49 2.96 3.02 -0.47
C ILE A 49 2.38 2.19 -1.62
N TYR A 50 2.26 2.80 -2.79
CA TYR A 50 1.70 2.10 -3.93
C TYR A 50 2.57 0.91 -4.32
N ASP A 51 3.85 0.99 -3.96
CA ASP A 51 4.75 -0.13 -4.19
C ASP A 51 4.26 -1.38 -3.45
N PHE A 52 3.36 -1.16 -2.48
CA PHE A 52 2.81 -2.26 -1.69
C PHE A 52 1.57 -2.86 -2.34
N ILE A 53 0.55 -2.03 -2.59
CA ILE A 53 -0.67 -2.53 -3.25
C ILE A 53 -0.41 -2.84 -4.72
N GLU A 54 0.67 -2.30 -5.26
CA GLU A 54 1.03 -2.55 -6.66
C GLU A 54 1.82 -3.85 -6.81
N ASP A 55 2.44 -4.29 -5.72
CA ASP A 55 3.27 -5.50 -5.74
C ASP A 55 2.46 -6.76 -5.46
N GLN A 56 1.63 -6.71 -4.43
CA GLN A 56 0.82 -7.86 -4.04
C GLN A 56 -0.03 -8.36 -5.21
N GLY A 57 -0.23 -7.50 -6.21
CA GLY A 57 -1.03 -7.88 -7.35
C GLY A 57 -2.21 -6.96 -7.56
N GLY A 58 -2.73 -6.43 -6.45
CA GLY A 58 -3.85 -5.53 -6.54
C GLY A 58 -4.56 -5.35 -5.20
N LEU A 59 -5.16 -4.18 -5.02
CA LEU A 59 -5.87 -3.88 -3.79
C LEU A 59 -7.04 -4.84 -3.58
N GLU A 60 -7.91 -4.92 -4.58
CA GLU A 60 -9.03 -5.86 -4.53
C GLU A 60 -8.48 -7.27 -4.74
N ALA A 61 -7.41 -7.33 -5.52
CA ALA A 61 -6.71 -8.57 -5.77
C ALA A 61 -6.13 -9.11 -4.46
N VAL A 62 -5.85 -8.21 -3.53
CA VAL A 62 -5.35 -8.59 -2.21
C VAL A 62 -6.51 -9.08 -1.35
N ARG A 63 -7.65 -8.40 -1.44
CA ARG A 63 -8.84 -8.78 -0.70
C ARG A 63 -9.15 -10.25 -0.92
N GLN A 64 -8.85 -10.74 -2.13
CA GLN A 64 -9.07 -12.14 -2.46
C GLN A 64 -8.13 -13.03 -1.66
N GLU A 65 -6.93 -12.53 -1.40
CA GLU A 65 -5.94 -13.27 -0.64
C GLU A 65 -6.24 -13.21 0.85
N MET A 66 -6.74 -12.06 1.30
CA MET A 66 -7.07 -11.87 2.71
C MET A 66 -8.06 -12.94 3.19
N ARG A 67 -8.90 -13.40 2.27
CA ARG A 67 -9.89 -14.42 2.60
C ARG A 67 -9.21 -15.71 3.06
N ARG A 68 -8.04 -16.00 2.50
CA ARG A 68 -7.28 -17.19 2.87
C ARG A 68 -5.82 -17.05 2.47
N GLN A 69 -5.11 -16.18 3.16
CA GLN A 69 -3.69 -15.95 2.88
C GLN A 69 -2.90 -17.25 2.98
N GLY A 70 -3.42 -18.19 3.77
CA GLY A 70 -2.76 -19.46 3.94
C GLY A 70 -3.47 -20.36 4.94
N GLY A 71 -2.73 -21.33 5.48
CA GLY A 71 -3.31 -22.24 6.46
C GLY A 71 -2.43 -22.43 7.68
N SER A 72 -1.79 -23.58 7.77
CA SER A 72 -0.91 -23.88 8.90
C SER A 72 0.27 -24.75 8.46
N GLY A 73 1.20 -24.98 9.38
CA GLY A 73 2.37 -25.78 9.06
C GLY A 73 3.66 -25.04 9.28
N GLY A 74 3.61 -23.71 9.17
CA GLY A 74 4.80 -22.90 9.35
C GLY A 74 4.50 -21.59 10.07
N SER A 75 3.47 -20.89 9.61
CA SER A 75 3.08 -19.63 10.20
C SER A 75 1.61 -19.62 10.59
N GLN A 76 1.31 -19.13 11.79
CA GLN A 76 -0.07 -19.07 12.26
C GLN A 76 -0.49 -17.64 12.57
N SER A 77 -0.16 -16.73 11.65
CA SER A 77 -0.50 -15.33 11.82
C SER A 77 -1.48 -14.87 10.76
N SER A 78 -2.24 -13.82 11.06
CA SER A 78 -3.23 -13.29 10.13
C SER A 78 -2.67 -12.07 9.39
N GLU A 79 -1.82 -11.31 10.07
CA GLU A 79 -1.22 -10.12 9.48
C GLU A 79 -0.62 -10.43 8.11
N GLY A 80 0.35 -11.35 8.09
CA GLY A 80 0.99 -11.71 6.84
C GLY A 80 1.42 -10.51 6.02
N LEU A 81 0.78 -10.34 4.86
CA LEU A 81 1.09 -9.22 3.98
C LEU A 81 1.00 -7.90 4.75
N VAL A 82 0.16 -7.88 5.77
CA VAL A 82 -0.01 -6.68 6.60
C VAL A 82 1.33 -6.20 7.15
N GLY A 83 2.09 -7.12 7.71
CA GLY A 83 3.38 -6.78 8.28
C GLY A 83 4.32 -6.20 7.24
N ALA A 84 4.32 -6.78 6.05
CA ALA A 84 5.18 -6.31 4.96
C ALA A 84 5.00 -4.81 4.74
N LEU A 85 3.79 -4.32 5.04
CA LEU A 85 3.48 -2.90 4.88
C LEU A 85 4.08 -2.09 6.02
N MET A 86 4.05 -2.67 7.22
CA MET A 86 4.58 -2.00 8.40
C MET A 86 6.03 -1.58 8.18
N HIS A 87 6.82 -2.48 7.61
CA HIS A 87 8.23 -2.21 7.34
C HIS A 87 8.36 -1.09 6.32
N VAL A 88 7.44 -1.05 5.37
CA VAL A 88 7.46 -0.02 4.33
C VAL A 88 7.16 1.35 4.92
N MET A 89 6.26 1.38 5.90
CA MET A 89 5.89 2.63 6.56
C MET A 89 7.03 3.13 7.43
N GLN A 90 7.72 2.20 8.08
CA GLN A 90 8.84 2.54 8.95
C GLN A 90 9.99 3.12 8.14
N LYS A 91 10.10 2.69 6.89
CA LYS A 91 11.16 3.16 6.00
C LYS A 91 11.11 4.68 5.86
N ARG A 92 9.90 5.21 5.69
CA ARG A 92 9.70 6.66 5.55
C ARG A 92 9.64 7.32 6.92
N SER A 93 9.14 6.59 7.91
CA SER A 93 9.02 7.10 9.26
C SER A 93 10.39 7.28 9.91
N ARG A 94 11.20 6.23 9.84
CA ARG A 94 12.54 6.28 10.42
C ARG A 94 13.54 6.86 9.43
N ALA A 95 13.73 6.17 8.31
CA ALA A 95 14.67 6.61 7.29
C ALA A 95 16.07 6.79 7.88
N ILE A 96 16.98 5.89 7.54
CA ILE A 96 18.35 5.95 8.03
C ILE A 96 19.32 6.27 6.91
N HIS A 97 19.07 7.38 6.22
CA HIS A 97 19.93 7.80 5.11
C HIS A 97 19.92 9.31 4.96
N SER A 98 21.05 9.94 5.24
CA SER A 98 21.18 11.39 5.13
C SER A 98 21.42 11.80 3.68
N SER A 99 22.19 11.00 2.97
CA SER A 99 22.50 11.28 1.57
C SER A 99 21.39 10.78 0.66
N ASP A 100 20.67 9.76 1.12
CA ASP A 100 19.58 9.18 0.34
C ASP A 100 20.11 8.44 -0.88
N GLU A 101 20.63 9.19 -1.84
CA GLU A 101 21.16 8.60 -3.07
C GLU A 101 22.22 9.51 -3.69
N GLY A 102 21.84 10.75 -3.95
CA GLY A 102 22.76 11.71 -4.54
C GLY A 102 24.05 11.84 -3.75
N GLU A 103 25.04 12.48 -4.36
CA GLU A 103 26.33 12.68 -3.71
C GLU A 103 26.65 14.16 -3.57
N ASP A 104 26.42 14.91 -4.65
CA ASP A 104 26.68 16.34 -4.65
C ASP A 104 25.95 17.03 -3.51
N GLN A 105 26.71 17.67 -2.63
CA GLN A 105 26.14 18.37 -1.48
C GLN A 105 26.24 19.88 -1.66
N ALA A 106 25.79 20.36 -2.81
CA ALA A 106 25.83 21.79 -3.11
C ALA A 106 24.80 22.55 -2.29
N GLY A 107 25.27 23.20 -1.22
CA GLY A 107 24.36 23.96 -0.38
C GLY A 107 24.21 25.40 -0.83
N SER A 1 14.87 -8.37 -20.38
CA SER A 1 13.41 -8.52 -20.17
C SER A 1 12.64 -7.34 -20.77
N GLY A 2 13.20 -6.13 -20.59
CA GLY A 2 12.56 -4.94 -21.12
C GLY A 2 11.52 -4.37 -20.18
N PHE A 3 10.66 -3.50 -20.69
CA PHE A 3 9.61 -2.89 -19.89
C PHE A 3 8.26 -3.02 -20.57
N LYS A 4 7.33 -3.71 -19.90
CA LYS A 4 5.99 -3.91 -20.45
C LYS A 4 4.94 -3.25 -19.57
N HIS A 5 4.20 -2.31 -20.15
CA HIS A 5 3.16 -1.60 -19.42
C HIS A 5 1.94 -2.50 -19.19
N VAL A 6 1.45 -2.50 -17.95
CA VAL A 6 0.29 -3.31 -17.60
C VAL A 6 -0.86 -2.44 -17.09
N SER A 7 -2.01 -2.58 -17.72
CA SER A 7 -3.19 -1.80 -17.34
C SER A 7 -3.83 -2.34 -16.06
N HIS A 8 -3.51 -3.58 -15.72
CA HIS A 8 -4.05 -4.22 -14.53
C HIS A 8 -3.67 -3.42 -13.27
N VAL A 9 -4.47 -2.41 -12.96
CA VAL A 9 -4.21 -1.58 -11.79
C VAL A 9 -5.32 -0.55 -11.61
N GLY A 10 -5.46 -0.07 -10.38
CA GLY A 10 -6.47 0.93 -10.09
C GLY A 10 -5.85 2.24 -9.67
N TRP A 11 -4.60 2.18 -9.21
CA TRP A 11 -3.89 3.37 -8.80
C TRP A 11 -3.59 4.25 -10.00
N ASP A 12 -4.39 5.29 -10.16
CA ASP A 12 -4.22 6.24 -11.26
C ASP A 12 -3.18 7.30 -10.90
N PRO A 13 -2.14 7.47 -11.74
CA PRO A 13 -1.09 8.48 -11.49
C PRO A 13 -1.65 9.89 -11.41
N GLN A 14 -2.24 10.23 -10.27
CA GLN A 14 -2.80 11.55 -10.05
C GLN A 14 -3.59 11.60 -8.75
N ASN A 15 -4.67 10.84 -8.67
CA ASN A 15 -5.50 10.79 -7.48
C ASN A 15 -4.75 10.13 -6.32
N GLY A 16 -4.21 8.94 -6.58
CA GLY A 16 -3.47 8.24 -5.55
C GLY A 16 -4.33 7.26 -4.78
N PHE A 17 -4.98 7.74 -3.72
CA PHE A 17 -5.83 6.90 -2.89
C PHE A 17 -7.28 7.37 -2.94
N ASP A 18 -8.20 6.47 -2.60
CA ASP A 18 -9.62 6.77 -2.58
C ASP A 18 -10.22 6.53 -1.20
N VAL A 19 -9.52 7.01 -0.17
CA VAL A 19 -9.97 6.84 1.21
C VAL A 19 -11.45 7.21 1.37
N ASN A 20 -11.94 8.08 0.49
CA ASN A 20 -13.33 8.51 0.55
C ASN A 20 -14.28 7.33 0.40
N ASN A 21 -13.83 6.30 -0.34
CA ASN A 21 -14.65 5.11 -0.55
C ASN A 21 -13.78 3.87 -0.72
N LEU A 22 -12.66 3.85 0.00
CA LEU A 22 -11.74 2.72 -0.06
C LEU A 22 -12.44 1.43 0.34
N ASP A 23 -12.12 0.35 -0.37
CA ASP A 23 -12.71 -0.95 -0.09
C ASP A 23 -12.47 -1.37 1.36
N PRO A 24 -13.49 -1.93 2.02
CA PRO A 24 -13.37 -2.36 3.42
C PRO A 24 -12.15 -3.27 3.64
N ASP A 25 -11.96 -4.22 2.73
CA ASP A 25 -10.84 -5.14 2.81
C ASP A 25 -9.52 -4.39 2.87
N LEU A 26 -9.28 -3.57 1.84
CA LEU A 26 -8.05 -2.78 1.79
C LEU A 26 -7.97 -1.82 2.97
N ARG A 27 -9.13 -1.33 3.40
CA ARG A 27 -9.19 -0.41 4.54
C ARG A 27 -8.55 -1.03 5.77
N SER A 28 -8.90 -2.28 6.04
CA SER A 28 -8.35 -3.01 7.19
C SER A 28 -6.87 -3.32 6.97
N LEU A 29 -6.54 -3.72 5.74
CA LEU A 29 -5.16 -4.04 5.40
C LEU A 29 -4.22 -2.90 5.78
N PHE A 30 -4.77 -1.69 5.87
CA PHE A 30 -3.99 -0.52 6.22
C PHE A 30 -4.06 -0.24 7.72
N SER A 31 -5.27 -0.19 8.24
CA SER A 31 -5.47 0.06 9.67
C SER A 31 -4.68 -0.93 10.51
N ARG A 32 -4.38 -2.09 9.93
CA ARG A 32 -3.63 -3.12 10.63
C ARG A 32 -2.14 -2.78 10.66
N ALA A 33 -1.70 -1.97 9.70
CA ALA A 33 -0.30 -1.57 9.62
C ALA A 33 -0.07 -0.27 10.38
N GLY A 34 -1.13 0.52 10.56
CA GLY A 34 -1.01 1.77 11.28
C GLY A 34 -0.83 2.96 10.35
N ILE A 35 -1.84 3.21 9.52
CA ILE A 35 -1.80 4.32 8.58
C ILE A 35 -3.01 5.23 8.75
N SER A 36 -2.78 6.54 8.69
CA SER A 36 -3.85 7.51 8.86
C SER A 36 -4.25 8.13 7.51
N GLU A 37 -5.31 8.92 7.52
CA GLU A 37 -5.79 9.57 6.30
C GLU A 37 -4.73 10.49 5.72
N ALA A 38 -3.93 11.08 6.58
CA ALA A 38 -2.87 11.99 6.16
C ALA A 38 -1.96 11.34 5.12
N GLN A 39 -1.54 10.11 5.40
CA GLN A 39 -0.67 9.37 4.49
C GLN A 39 -1.41 8.97 3.22
N LEU A 40 -2.68 8.61 3.37
CA LEU A 40 -3.49 8.19 2.24
C LEU A 40 -3.78 9.37 1.30
N THR A 41 -4.10 10.52 1.88
CA THR A 41 -4.41 11.70 1.10
C THR A 41 -3.15 12.31 0.50
N ASP A 42 -2.08 12.35 1.29
CA ASP A 42 -0.81 12.91 0.83
C ASP A 42 -0.42 12.34 -0.52
N ALA A 43 -0.16 13.22 -1.48
CA ALA A 43 0.23 12.80 -2.82
C ALA A 43 1.66 12.28 -2.84
N GLU A 44 2.46 12.77 -1.91
CA GLU A 44 3.86 12.35 -1.81
C GLU A 44 3.97 10.95 -1.22
N THR A 45 3.17 10.68 -0.19
CA THR A 45 3.18 9.38 0.46
C THR A 45 2.27 8.39 -0.27
N SER A 46 1.26 8.93 -0.98
CA SER A 46 0.32 8.10 -1.72
C SER A 46 1.06 7.08 -2.58
N LYS A 47 1.90 7.58 -3.49
CA LYS A 47 2.66 6.72 -4.37
C LYS A 47 3.67 5.89 -3.58
N LEU A 48 4.25 6.50 -2.56
CA LEU A 48 5.21 5.81 -1.70
C LEU A 48 4.58 4.57 -1.08
N ILE A 49 3.27 4.63 -0.84
CA ILE A 49 2.55 3.52 -0.24
C ILE A 49 2.05 2.56 -1.30
N TYR A 50 1.90 3.03 -2.53
CA TYR A 50 1.39 2.18 -3.61
C TYR A 50 2.32 0.99 -3.85
N ASP A 51 3.57 1.11 -3.40
CA ASP A 51 4.51 0.01 -3.51
C ASP A 51 3.99 -1.23 -2.80
N PHE A 52 3.00 -1.04 -1.91
CA PHE A 52 2.44 -2.15 -1.13
C PHE A 52 1.31 -2.85 -1.89
N ILE A 53 0.23 -2.12 -2.18
CA ILE A 53 -0.90 -2.72 -2.90
C ILE A 53 -0.45 -3.19 -4.29
N GLU A 54 0.68 -2.68 -4.76
CA GLU A 54 1.24 -3.09 -6.05
C GLU A 54 2.05 -4.36 -5.91
N ASP A 55 2.63 -4.56 -4.72
CA ASP A 55 3.47 -5.73 -4.46
C ASP A 55 2.63 -7.01 -4.37
N GLN A 56 1.58 -6.97 -3.56
CA GLN A 56 0.72 -8.14 -3.37
C GLN A 56 0.19 -8.65 -4.71
N GLY A 57 0.21 -7.79 -5.73
CA GLY A 57 -0.29 -8.19 -7.04
C GLY A 57 -1.47 -7.37 -7.47
N GLY A 58 -2.22 -6.84 -6.50
CA GLY A 58 -3.36 -6.02 -6.82
C GLY A 58 -4.30 -5.85 -5.65
N LEU A 59 -4.86 -4.66 -5.52
CA LEU A 59 -5.78 -4.34 -4.43
C LEU A 59 -6.92 -5.35 -4.35
N GLU A 60 -7.64 -5.52 -5.46
CA GLU A 60 -8.71 -6.50 -5.53
C GLU A 60 -8.10 -7.89 -5.59
N ALA A 61 -6.97 -7.95 -6.28
CA ALA A 61 -6.20 -9.18 -6.38
C ALA A 61 -5.79 -9.68 -5.00
N VAL A 62 -5.80 -8.77 -4.02
CA VAL A 62 -5.45 -9.11 -2.64
C VAL A 62 -6.66 -9.70 -1.91
N ARG A 63 -7.80 -9.03 -2.05
CA ARG A 63 -9.04 -9.46 -1.40
C ARG A 63 -9.25 -10.96 -1.59
N GLN A 64 -8.94 -11.46 -2.77
CA GLN A 64 -9.09 -12.88 -3.06
C GLN A 64 -8.39 -13.73 -2.00
N GLU A 65 -7.24 -13.25 -1.55
CA GLU A 65 -6.47 -13.96 -0.52
C GLU A 65 -6.95 -13.58 0.87
N MET A 66 -6.95 -12.29 1.16
CA MET A 66 -7.38 -11.81 2.47
C MET A 66 -8.72 -12.40 2.87
N ARG A 67 -9.58 -12.63 1.89
CA ARG A 67 -10.91 -13.20 2.14
C ARG A 67 -10.82 -14.44 3.01
N ARG A 68 -9.80 -15.26 2.77
CA ARG A 68 -9.61 -16.48 3.54
C ARG A 68 -8.32 -16.43 4.35
N GLN A 69 -7.26 -15.89 3.74
CA GLN A 69 -5.97 -15.78 4.40
C GLN A 69 -5.33 -17.16 4.55
N GLY A 70 -5.97 -18.02 5.33
CA GLY A 70 -5.44 -19.36 5.54
C GLY A 70 -6.17 -20.10 6.65
N GLY A 71 -5.45 -20.46 7.70
CA GLY A 71 -6.05 -21.18 8.80
C GLY A 71 -5.47 -20.78 10.14
N SER A 72 -4.88 -19.59 10.20
CA SER A 72 -4.29 -19.08 11.43
C SER A 72 -4.82 -17.70 11.77
N GLY A 73 -5.42 -17.57 12.95
CA GLY A 73 -5.96 -16.30 13.37
C GLY A 73 -6.10 -16.19 14.88
N GLY A 74 -7.29 -15.82 15.34
CA GLY A 74 -7.53 -15.69 16.76
C GLY A 74 -7.40 -14.26 17.24
N SER A 75 -6.41 -13.99 18.08
CA SER A 75 -6.18 -12.65 18.61
C SER A 75 -4.75 -12.21 18.38
N GLN A 76 -4.12 -12.73 17.32
CA GLN A 76 -2.75 -12.39 16.99
C GLN A 76 -2.64 -11.84 15.58
N SER A 77 -3.72 -11.23 15.11
CA SER A 77 -3.75 -10.64 13.77
C SER A 77 -2.83 -9.42 13.69
N SER A 78 -1.76 -9.55 12.93
CA SER A 78 -0.79 -8.47 12.78
C SER A 78 0.07 -8.64 11.54
N GLU A 79 0.49 -9.88 11.27
CA GLU A 79 1.33 -10.17 10.11
C GLU A 79 0.49 -10.63 8.93
N GLY A 80 1.12 -11.35 8.00
CA GLY A 80 0.42 -11.77 6.81
C GLY A 80 -0.04 -10.55 6.01
N LEU A 81 0.72 -10.21 4.98
CA LEU A 81 0.44 -9.04 4.16
C LEU A 81 0.71 -7.75 4.94
N VAL A 82 0.02 -7.60 6.05
CA VAL A 82 0.09 -6.39 6.84
C VAL A 82 1.53 -6.08 7.23
N GLY A 83 2.26 -7.10 7.66
CA GLY A 83 3.64 -6.92 8.05
C GLY A 83 4.47 -6.30 6.94
N ALA A 84 4.21 -6.72 5.70
CA ALA A 84 4.94 -6.20 4.56
C ALA A 84 4.84 -4.68 4.48
N LEU A 85 3.65 -4.16 4.81
CA LEU A 85 3.42 -2.72 4.79
C LEU A 85 4.14 -2.04 5.94
N MET A 86 4.08 -2.64 7.13
CA MET A 86 4.75 -2.09 8.30
C MET A 86 6.21 -1.77 7.99
N HIS A 87 6.80 -2.51 7.07
CA HIS A 87 8.18 -2.31 6.67
C HIS A 87 8.29 -1.12 5.73
N VAL A 88 7.20 -0.80 5.04
CA VAL A 88 7.17 0.31 4.09
C VAL A 88 6.89 1.63 4.79
N MET A 89 6.09 1.56 5.86
CA MET A 89 5.73 2.75 6.61
C MET A 89 6.82 3.12 7.60
N GLN A 90 7.53 2.12 8.09
CA GLN A 90 8.62 2.35 9.03
C GLN A 90 9.76 3.11 8.34
N LYS A 91 9.84 2.99 7.02
CA LYS A 91 10.88 3.67 6.25
C LYS A 91 10.75 5.18 6.36
N ARG A 92 9.59 5.70 5.97
CA ARG A 92 9.33 7.13 6.02
C ARG A 92 9.43 7.66 7.45
N SER A 93 9.11 6.81 8.41
CA SER A 93 9.16 7.19 9.82
C SER A 93 10.60 7.47 10.25
N ARG A 94 11.55 6.83 9.59
CA ARG A 94 12.96 7.00 9.92
C ARG A 94 13.59 8.08 9.04
N ALA A 95 13.04 8.24 7.83
CA ALA A 95 13.55 9.24 6.90
C ALA A 95 12.68 10.49 6.88
N ILE A 96 13.05 11.47 7.69
CA ILE A 96 12.30 12.72 7.77
C ILE A 96 13.08 13.87 7.14
N HIS A 97 14.39 13.91 7.42
CA HIS A 97 15.25 14.96 6.88
C HIS A 97 15.97 14.47 5.63
N SER A 98 15.61 15.02 4.48
CA SER A 98 16.22 14.63 3.22
C SER A 98 17.68 15.06 3.17
N SER A 99 18.04 16.06 3.98
CA SER A 99 19.41 16.56 4.02
C SER A 99 20.38 15.46 4.39
N ASP A 100 19.95 14.53 5.23
CA ASP A 100 20.79 13.42 5.66
C ASP A 100 20.39 12.13 4.96
N GLU A 101 20.19 12.20 3.65
CA GLU A 101 19.80 11.03 2.87
C GLU A 101 20.91 10.64 1.89
N GLY A 102 21.67 9.61 2.25
CA GLY A 102 22.75 9.15 1.40
C GLY A 102 23.96 10.06 1.45
N GLU A 103 24.94 9.67 2.26
CA GLU A 103 26.17 10.46 2.40
C GLU A 103 27.34 9.77 1.72
N ASP A 104 27.23 8.46 1.53
CA ASP A 104 28.28 7.69 0.89
C ASP A 104 27.73 6.87 -0.28
N GLN A 105 26.81 7.46 -1.02
CA GLN A 105 26.20 6.80 -2.16
C GLN A 105 26.19 7.71 -3.38
N ALA A 106 27.19 8.58 -3.47
CA ALA A 106 27.30 9.52 -4.58
C ALA A 106 28.70 9.48 -5.20
N GLY A 107 28.75 9.21 -6.50
CA GLY A 107 30.02 9.15 -7.19
C GLY A 107 29.86 9.00 -8.68
N SER A 1 -14.93 -15.23 -21.16
CA SER A 1 -15.83 -14.71 -22.21
C SER A 1 -16.06 -13.21 -22.03
N GLY A 2 -15.00 -12.49 -21.68
CA GLY A 2 -15.11 -11.05 -21.49
C GLY A 2 -13.75 -10.38 -21.41
N PHE A 3 -12.97 -10.48 -22.48
CA PHE A 3 -11.64 -9.89 -22.51
C PHE A 3 -11.73 -8.41 -22.87
N LYS A 4 -11.38 -7.55 -21.90
CA LYS A 4 -11.42 -6.12 -22.11
C LYS A 4 -10.15 -5.46 -21.59
N HIS A 5 -9.39 -4.84 -22.50
CA HIS A 5 -8.15 -4.17 -22.14
C HIS A 5 -8.41 -3.03 -21.15
N VAL A 6 -7.75 -3.09 -20.00
CA VAL A 6 -7.91 -2.06 -18.97
C VAL A 6 -6.66 -1.95 -18.11
N SER A 7 -6.39 -0.75 -17.62
CA SER A 7 -5.22 -0.50 -16.78
C SER A 7 -5.17 -1.51 -15.64
N HIS A 8 -6.35 -1.96 -15.21
CA HIS A 8 -6.46 -2.95 -14.14
C HIS A 8 -5.88 -2.42 -12.83
N VAL A 9 -6.03 -1.12 -12.60
CA VAL A 9 -5.55 -0.51 -11.37
C VAL A 9 -6.55 0.51 -10.84
N GLY A 10 -6.62 0.63 -9.53
CA GLY A 10 -7.52 1.58 -8.91
C GLY A 10 -6.83 2.88 -8.57
N TRP A 11 -5.53 2.79 -8.29
CA TRP A 11 -4.74 3.97 -7.95
C TRP A 11 -4.21 4.63 -9.22
N ASP A 12 -4.49 5.93 -9.35
CA ASP A 12 -4.05 6.68 -10.51
C ASP A 12 -2.93 7.65 -10.14
N PRO A 13 -1.82 7.66 -10.91
CA PRO A 13 -0.67 8.55 -10.64
C PRO A 13 -1.05 10.03 -10.72
N GLN A 14 -1.79 10.50 -9.72
CA GLN A 14 -2.21 11.90 -9.67
C GLN A 14 -3.20 12.14 -8.54
N ASN A 15 -4.36 11.51 -8.61
CA ASN A 15 -5.38 11.65 -7.59
C ASN A 15 -4.87 11.12 -6.24
N GLY A 16 -4.23 9.97 -6.26
CA GLY A 16 -3.71 9.39 -5.04
C GLY A 16 -4.48 8.15 -4.61
N PHE A 17 -4.99 8.18 -3.39
CA PHE A 17 -5.76 7.06 -2.85
C PHE A 17 -7.25 7.26 -3.06
N ASP A 18 -8.02 6.22 -2.79
CA ASP A 18 -9.47 6.28 -2.95
C ASP A 18 -10.18 5.82 -1.67
N VAL A 19 -9.99 6.56 -0.60
CA VAL A 19 -10.60 6.22 0.68
C VAL A 19 -12.12 6.36 0.62
N ASN A 20 -12.59 7.32 -0.16
CA ASN A 20 -14.02 7.55 -0.31
C ASN A 20 -14.73 6.29 -0.76
N ASN A 21 -14.02 5.45 -1.50
CA ASN A 21 -14.56 4.19 -1.99
C ASN A 21 -13.54 3.06 -1.86
N LEU A 22 -12.75 3.10 -0.79
CA LEU A 22 -11.73 2.09 -0.56
C LEU A 22 -12.36 0.73 -0.24
N ASP A 23 -11.74 -0.33 -0.74
CA ASP A 23 -12.24 -1.68 -0.51
C ASP A 23 -12.34 -1.97 0.99
N PRO A 24 -13.43 -2.64 1.41
CA PRO A 24 -13.64 -2.98 2.82
C PRO A 24 -12.46 -3.71 3.44
N ASP A 25 -11.91 -4.67 2.70
CA ASP A 25 -10.78 -5.44 3.17
C ASP A 25 -9.51 -4.60 3.23
N LEU A 26 -9.10 -4.09 2.08
CA LEU A 26 -7.89 -3.28 1.99
C LEU A 26 -7.90 -2.18 3.05
N ARG A 27 -9.07 -1.61 3.30
CA ARG A 27 -9.21 -0.55 4.30
C ARG A 27 -8.64 -0.99 5.63
N SER A 28 -8.70 -2.29 5.90
CA SER A 28 -8.18 -2.84 7.14
C SER A 28 -6.69 -3.12 7.01
N LEU A 29 -6.26 -3.50 5.81
CA LEU A 29 -4.86 -3.77 5.55
C LEU A 29 -4.00 -2.57 5.91
N PHE A 30 -4.60 -1.38 5.91
CA PHE A 30 -3.89 -0.16 6.25
C PHE A 30 -3.99 0.15 7.74
N SER A 31 -5.22 0.37 8.20
CA SER A 31 -5.45 0.67 9.61
C SER A 31 -4.75 -0.33 10.51
N ARG A 32 -4.54 -1.53 10.00
CA ARG A 32 -3.87 -2.59 10.76
C ARG A 32 -2.36 -2.42 10.70
N ALA A 33 -1.87 -1.83 9.62
CA ALA A 33 -0.44 -1.61 9.44
C ALA A 33 0.02 -0.32 10.13
N GLY A 34 -0.94 0.57 10.42
CA GLY A 34 -0.61 1.81 11.09
C GLY A 34 -0.58 2.99 10.13
N ILE A 35 -1.53 3.00 9.19
CA ILE A 35 -1.61 4.08 8.21
C ILE A 35 -3.01 4.69 8.19
N SER A 36 -3.07 6.00 8.41
CA SER A 36 -4.34 6.71 8.41
C SER A 36 -4.52 7.51 7.12
N GLU A 37 -5.68 8.14 6.98
CA GLU A 37 -5.99 8.93 5.79
C GLU A 37 -4.90 9.97 5.53
N ALA A 38 -4.22 10.38 6.59
CA ALA A 38 -3.16 11.37 6.48
C ALA A 38 -2.13 10.98 5.42
N GLN A 39 -1.59 9.78 5.54
CA GLN A 39 -0.58 9.28 4.61
C GLN A 39 -1.19 8.92 3.27
N LEU A 40 -2.46 8.49 3.28
CA LEU A 40 -3.15 8.11 2.06
C LEU A 40 -3.58 9.34 1.27
N THR A 41 -3.81 10.45 1.96
CA THR A 41 -4.22 11.68 1.32
C THR A 41 -3.02 12.41 0.71
N ASP A 42 -1.84 12.16 1.26
CA ASP A 42 -0.61 12.79 0.77
C ASP A 42 -0.19 12.19 -0.56
N ALA A 43 -0.42 12.92 -1.64
CA ALA A 43 -0.05 12.46 -2.97
C ALA A 43 1.39 11.98 -3.02
N GLU A 44 2.23 12.53 -2.14
CA GLU A 44 3.64 12.16 -2.08
C GLU A 44 3.82 10.85 -1.32
N THR A 45 3.36 10.82 -0.07
CA THR A 45 3.49 9.64 0.76
C THR A 45 2.72 8.46 0.18
N SER A 46 1.75 8.74 -0.68
CA SER A 46 0.94 7.70 -1.29
C SER A 46 1.74 6.89 -2.32
N LYS A 47 2.52 7.60 -3.14
CA LYS A 47 3.32 6.96 -4.17
C LYS A 47 4.17 5.83 -3.60
N LEU A 48 5.00 6.16 -2.62
CA LEU A 48 5.89 5.17 -1.99
C LEU A 48 5.08 4.00 -1.44
N ILE A 49 3.81 4.23 -1.15
CA ILE A 49 2.94 3.19 -0.61
C ILE A 49 2.32 2.36 -1.72
N TYR A 50 2.14 2.94 -2.90
CA TYR A 50 1.54 2.21 -4.00
C TYR A 50 2.44 1.07 -4.45
N ASP A 51 3.73 1.18 -4.16
CA ASP A 51 4.66 0.10 -4.45
C ASP A 51 4.24 -1.16 -3.71
N PHE A 52 3.39 -1.00 -2.69
CA PHE A 52 2.92 -2.13 -1.89
C PHE A 52 1.65 -2.75 -2.49
N ILE A 53 0.58 -1.96 -2.59
CA ILE A 53 -0.67 -2.48 -3.15
C ILE A 53 -0.51 -2.84 -4.63
N GLU A 54 0.55 -2.31 -5.25
CA GLU A 54 0.83 -2.59 -6.65
C GLU A 54 1.60 -3.90 -6.80
N ASP A 55 2.52 -4.16 -5.87
CA ASP A 55 3.35 -5.35 -5.91
C ASP A 55 2.62 -6.59 -5.36
N GLN A 56 1.84 -6.39 -4.30
CA GLN A 56 1.10 -7.48 -3.68
C GLN A 56 0.22 -8.20 -4.70
N GLY A 57 -0.09 -7.53 -5.80
CA GLY A 57 -0.93 -8.11 -6.81
C GLY A 57 -2.15 -7.25 -7.11
N GLY A 58 -2.53 -6.44 -6.13
CA GLY A 58 -3.67 -5.56 -6.30
C GLY A 58 -4.48 -5.42 -5.03
N LEU A 59 -5.06 -4.24 -4.84
CA LEU A 59 -5.87 -3.95 -3.67
C LEU A 59 -7.04 -4.93 -3.54
N GLU A 60 -7.85 -5.01 -4.59
CA GLU A 60 -8.97 -5.94 -4.61
C GLU A 60 -8.43 -7.34 -4.84
N ALA A 61 -7.36 -7.39 -5.63
CA ALA A 61 -6.65 -8.62 -5.91
C ALA A 61 -6.16 -9.25 -4.60
N VAL A 62 -5.91 -8.39 -3.62
CA VAL A 62 -5.49 -8.83 -2.29
C VAL A 62 -6.70 -9.37 -1.52
N ARG A 63 -7.82 -8.66 -1.64
CA ARG A 63 -9.05 -9.07 -0.98
C ARG A 63 -9.36 -10.53 -1.31
N GLN A 64 -9.07 -10.92 -2.55
CA GLN A 64 -9.28 -12.30 -2.98
C GLN A 64 -8.32 -13.23 -2.25
N GLU A 65 -7.17 -12.70 -1.87
CA GLU A 65 -6.16 -13.47 -1.15
C GLU A 65 -6.44 -13.48 0.34
N MET A 66 -6.63 -12.30 0.92
CA MET A 66 -6.91 -12.18 2.34
C MET A 66 -8.07 -13.08 2.74
N ARG A 67 -8.94 -13.37 1.78
CA ARG A 67 -10.10 -14.22 2.04
C ARG A 67 -9.68 -15.69 2.11
N ARG A 68 -8.95 -16.15 1.11
CA ARG A 68 -8.50 -17.54 1.06
C ARG A 68 -7.45 -17.80 2.14
N GLN A 69 -6.35 -17.07 2.09
CA GLN A 69 -5.28 -17.23 3.06
C GLN A 69 -4.68 -18.63 2.99
N GLY A 70 -5.37 -19.59 3.59
CA GLY A 70 -4.89 -20.96 3.58
C GLY A 70 -5.27 -21.70 2.32
N GLY A 71 -6.56 -21.87 2.10
CA GLY A 71 -7.04 -22.56 0.92
C GLY A 71 -7.60 -23.93 1.23
N SER A 72 -6.79 -24.77 1.88
CA SER A 72 -7.21 -26.11 2.24
C SER A 72 -6.80 -26.45 3.67
N GLY A 73 -6.69 -25.42 4.50
CA GLY A 73 -6.32 -25.62 5.89
C GLY A 73 -7.10 -24.75 6.84
N GLY A 74 -6.51 -23.61 7.22
CA GLY A 74 -7.18 -22.71 8.13
C GLY A 74 -6.42 -22.51 9.42
N SER A 75 -5.46 -21.58 9.41
CA SER A 75 -4.65 -21.31 10.60
C SER A 75 -4.17 -19.87 10.60
N GLN A 76 -5.06 -18.94 10.96
CA GLN A 76 -4.71 -17.53 11.01
C GLN A 76 -3.62 -17.27 12.03
N SER A 77 -2.61 -16.50 11.63
CA SER A 77 -1.50 -16.17 12.52
C SER A 77 -0.62 -15.08 11.92
N SER A 78 -0.40 -14.03 12.69
CA SER A 78 0.43 -12.91 12.25
C SER A 78 -0.22 -12.18 11.07
N GLU A 79 -0.13 -10.85 11.09
CA GLU A 79 -0.72 -10.04 10.04
C GLU A 79 -0.07 -10.34 8.69
N GLY A 80 1.19 -10.78 8.73
CA GLY A 80 1.89 -11.12 7.51
C GLY A 80 1.76 -10.05 6.43
N LEU A 81 0.81 -10.26 5.52
CA LEU A 81 0.57 -9.32 4.43
C LEU A 81 0.53 -7.88 4.93
N VAL A 82 -0.28 -7.63 5.95
CA VAL A 82 -0.37 -6.29 6.53
C VAL A 82 0.85 -6.02 7.40
N GLY A 83 1.33 -7.07 8.05
CA GLY A 83 2.52 -6.94 8.88
C GLY A 83 3.74 -6.56 8.06
N ALA A 84 3.70 -6.88 6.78
CA ALA A 84 4.79 -6.55 5.87
C ALA A 84 4.77 -5.07 5.50
N LEU A 85 3.56 -4.51 5.42
CA LEU A 85 3.39 -3.10 5.10
C LEU A 85 3.99 -2.23 6.20
N MET A 86 3.87 -2.67 7.44
CA MET A 86 4.42 -1.94 8.58
C MET A 86 5.90 -1.65 8.36
N HIS A 87 6.54 -2.45 7.52
CA HIS A 87 7.97 -2.28 7.24
C HIS A 87 8.21 -1.16 6.24
N VAL A 88 7.43 -1.14 5.16
CA VAL A 88 7.59 -0.14 4.11
C VAL A 88 7.58 1.28 4.72
N MET A 89 6.90 1.43 5.85
CA MET A 89 6.80 2.71 6.53
C MET A 89 8.11 3.05 7.24
N GLN A 90 8.84 2.03 7.65
CA GLN A 90 10.11 2.22 8.33
C GLN A 90 11.07 3.03 7.48
N LYS A 91 10.99 2.84 6.17
CA LYS A 91 11.86 3.56 5.24
C LYS A 91 11.54 5.06 5.24
N ARG A 92 10.25 5.38 5.26
CA ARG A 92 9.82 6.77 5.27
C ARG A 92 10.11 7.43 6.62
N SER A 93 9.63 6.82 7.68
CA SER A 93 9.84 7.35 9.02
C SER A 93 11.31 7.68 9.27
N ARG A 94 12.17 6.68 9.08
CA ARG A 94 13.60 6.86 9.29
C ARG A 94 14.27 7.40 8.02
N ALA A 95 14.27 6.61 6.96
CA ALA A 95 14.89 7.00 5.70
C ALA A 95 16.36 7.34 5.89
N ILE A 96 17.22 6.48 5.37
CA ILE A 96 18.66 6.67 5.48
C ILE A 96 19.31 6.71 4.10
N HIS A 97 19.34 5.57 3.43
CA HIS A 97 19.94 5.46 2.10
C HIS A 97 21.28 6.18 2.03
N SER A 98 22.15 5.92 2.99
CA SER A 98 23.46 6.55 3.03
C SER A 98 24.44 5.83 2.11
N SER A 99 24.51 4.51 2.23
CA SER A 99 25.40 3.71 1.40
C SER A 99 25.04 3.84 -0.07
N ASP A 100 23.75 4.07 -0.34
CA ASP A 100 23.27 4.21 -1.71
C ASP A 100 22.74 5.62 -1.95
N GLU A 101 23.64 6.56 -2.21
CA GLU A 101 23.27 7.94 -2.47
C GLU A 101 23.34 8.27 -3.96
N GLY A 102 22.96 9.48 -4.31
CA GLY A 102 23.00 9.89 -5.70
C GLY A 102 24.38 10.28 -6.17
N GLU A 103 24.63 11.59 -6.23
CA GLU A 103 25.93 12.11 -6.67
C GLU A 103 26.34 13.31 -5.84
N ASP A 104 25.41 14.24 -5.66
CA ASP A 104 25.68 15.45 -4.88
C ASP A 104 26.70 16.33 -5.57
N GLN A 105 26.98 17.49 -4.98
CA GLN A 105 27.94 18.43 -5.54
C GLN A 105 29.28 18.33 -4.82
N ALA A 106 29.30 18.73 -3.56
CA ALA A 106 30.52 18.69 -2.76
C ALA A 106 30.88 17.25 -2.39
N GLY A 107 31.86 16.69 -3.07
CA GLY A 107 32.29 15.34 -2.80
C GLY A 107 33.79 15.22 -2.64
N SER A 1 6.56 4.28 -25.19
CA SER A 1 6.03 5.37 -24.33
C SER A 1 6.75 5.43 -22.99
N GLY A 2 6.93 4.27 -22.38
CA GLY A 2 7.61 4.21 -21.09
C GLY A 2 6.85 3.39 -20.08
N PHE A 3 6.09 4.08 -19.22
CA PHE A 3 5.32 3.41 -18.18
C PHE A 3 3.88 3.93 -18.16
N LYS A 4 2.93 3.02 -18.28
CA LYS A 4 1.52 3.39 -18.27
C LYS A 4 0.75 2.57 -17.24
N HIS A 5 -0.44 3.06 -16.87
CA HIS A 5 -1.28 2.36 -15.91
C HIS A 5 -2.71 2.26 -16.44
N VAL A 6 -3.01 1.14 -17.07
CA VAL A 6 -4.33 0.91 -17.66
C VAL A 6 -5.36 0.56 -16.59
N SER A 7 -6.47 -0.05 -17.01
CA SER A 7 -7.55 -0.42 -16.09
C SER A 7 -7.15 -1.53 -15.12
N HIS A 8 -5.96 -2.10 -15.30
CA HIS A 8 -5.49 -3.18 -14.44
C HIS A 8 -5.11 -2.68 -13.05
N VAL A 9 -5.20 -1.36 -12.84
CA VAL A 9 -4.87 -0.76 -11.55
C VAL A 9 -5.91 0.27 -11.15
N GLY A 10 -6.07 0.45 -9.85
CA GLY A 10 -7.01 1.43 -9.35
C GLY A 10 -6.35 2.75 -9.01
N TRP A 11 -5.11 2.67 -8.55
CA TRP A 11 -4.33 3.85 -8.22
C TRP A 11 -3.71 4.45 -9.48
N ASP A 12 -3.61 5.78 -9.50
CA ASP A 12 -3.03 6.49 -10.64
C ASP A 12 -2.08 7.59 -10.16
N PRO A 13 -0.99 7.82 -10.91
CA PRO A 13 0.01 8.84 -10.57
C PRO A 13 -0.51 10.26 -10.78
N GLN A 14 -1.59 10.59 -10.10
CA GLN A 14 -2.18 11.93 -10.21
C GLN A 14 -3.06 12.24 -9.00
N ASN A 15 -4.22 11.61 -8.94
CA ASN A 15 -5.15 11.81 -7.84
C ASN A 15 -4.60 11.25 -6.54
N GLY A 16 -4.16 9.99 -6.58
CA GLY A 16 -3.61 9.36 -5.40
C GLY A 16 -4.42 8.16 -4.95
N PHE A 17 -4.75 8.12 -3.66
CA PHE A 17 -5.52 7.02 -3.09
C PHE A 17 -7.02 7.23 -3.30
N ASP A 18 -7.75 6.14 -3.42
CA ASP A 18 -9.19 6.20 -3.61
C ASP A 18 -9.91 5.86 -2.31
N VAL A 19 -9.36 6.33 -1.20
CA VAL A 19 -9.92 6.07 0.13
C VAL A 19 -11.44 6.27 0.14
N ASN A 20 -11.92 7.16 -0.71
CA ASN A 20 -13.36 7.43 -0.81
C ASN A 20 -14.12 6.13 -1.07
N ASN A 21 -13.57 5.32 -1.96
CA ASN A 21 -14.16 4.02 -2.29
C ASN A 21 -13.19 2.90 -1.95
N LEU A 22 -12.32 3.15 -0.98
CA LEU A 22 -11.34 2.17 -0.55
C LEU A 22 -12.00 0.84 -0.23
N ASP A 23 -11.41 -0.24 -0.74
CA ASP A 23 -11.94 -1.59 -0.51
C ASP A 23 -12.08 -1.85 0.98
N PRO A 24 -13.15 -2.57 1.39
CA PRO A 24 -13.39 -2.91 2.79
C PRO A 24 -12.20 -3.62 3.42
N ASP A 25 -11.80 -4.73 2.83
CA ASP A 25 -10.67 -5.50 3.33
C ASP A 25 -9.40 -4.67 3.31
N LEU A 26 -9.21 -3.89 2.24
CA LEU A 26 -8.04 -3.04 2.10
C LEU A 26 -8.02 -1.97 3.18
N ARG A 27 -9.17 -1.35 3.41
CA ARG A 27 -9.28 -0.30 4.43
C ARG A 27 -8.77 -0.81 5.77
N SER A 28 -8.83 -2.12 5.97
CA SER A 28 -8.35 -2.74 7.20
C SER A 28 -6.86 -3.04 7.09
N LEU A 29 -6.40 -3.28 5.87
CA LEU A 29 -5.00 -3.57 5.62
C LEU A 29 -4.12 -2.43 6.11
N PHE A 30 -4.69 -1.23 6.19
CA PHE A 30 -3.96 -0.06 6.65
C PHE A 30 -3.99 0.02 8.17
N SER A 31 -5.18 0.03 8.74
CA SER A 31 -5.34 0.10 10.19
C SER A 31 -4.51 -0.98 10.87
N ARG A 32 -4.23 -2.05 10.14
CA ARG A 32 -3.44 -3.16 10.69
C ARG A 32 -1.95 -2.90 10.49
N ALA A 33 -1.61 -2.09 9.49
CA ALA A 33 -0.22 -1.77 9.21
C ALA A 33 0.21 -0.51 9.94
N GLY A 34 -0.74 0.34 10.29
CA GLY A 34 -0.44 1.56 11.00
C GLY A 34 -0.53 2.80 10.12
N ILE A 35 -1.41 2.74 9.12
CA ILE A 35 -1.59 3.87 8.22
C ILE A 35 -3.01 4.43 8.34
N SER A 36 -3.12 5.75 8.32
CA SER A 36 -4.42 6.41 8.42
C SER A 36 -4.74 7.17 7.14
N GLU A 37 -5.96 7.72 7.07
CA GLU A 37 -6.38 8.48 5.90
C GLU A 37 -5.34 9.54 5.53
N ALA A 38 -4.75 10.15 6.54
CA ALA A 38 -3.73 11.18 6.32
C ALA A 38 -2.65 10.68 5.36
N GLN A 39 -2.06 9.53 5.69
CA GLN A 39 -1.04 8.93 4.86
C GLN A 39 -1.62 8.52 3.51
N LEU A 40 -2.92 8.25 3.49
CA LEU A 40 -3.61 7.84 2.28
C LEU A 40 -3.87 9.03 1.36
N THR A 41 -4.35 10.13 1.93
CA THR A 41 -4.66 11.33 1.16
C THR A 41 -3.37 11.99 0.65
N ASP A 42 -2.26 11.74 1.34
CA ASP A 42 -0.98 12.31 0.96
C ASP A 42 -0.55 11.84 -0.42
N ALA A 43 -0.57 12.75 -1.39
CA ALA A 43 -0.19 12.42 -2.76
C ALA A 43 1.24 11.90 -2.82
N GLU A 44 2.11 12.46 -1.96
CA GLU A 44 3.51 12.05 -1.91
C GLU A 44 3.63 10.65 -1.33
N THR A 45 3.07 10.45 -0.14
CA THR A 45 3.12 9.15 0.52
C THR A 45 2.36 8.11 -0.29
N SER A 46 1.33 8.56 -1.00
CA SER A 46 0.52 7.65 -1.82
C SER A 46 1.41 6.80 -2.72
N LYS A 47 2.20 7.47 -3.56
CA LYS A 47 3.12 6.76 -4.46
C LYS A 47 4.11 5.92 -3.65
N LEU A 48 4.43 6.39 -2.45
CA LEU A 48 5.35 5.68 -1.57
C LEU A 48 4.69 4.41 -1.04
N ILE A 49 3.38 4.47 -0.87
CA ILE A 49 2.61 3.33 -0.37
C ILE A 49 2.19 2.42 -1.51
N TYR A 50 2.15 2.96 -2.73
CA TYR A 50 1.72 2.16 -3.88
C TYR A 50 2.71 1.03 -4.15
N ASP A 51 3.94 1.18 -3.68
CA ASP A 51 4.92 0.12 -3.80
C ASP A 51 4.41 -1.15 -3.11
N PHE A 52 3.45 -0.97 -2.20
CA PHE A 52 2.88 -2.09 -1.45
C PHE A 52 1.68 -2.70 -2.18
N ILE A 53 0.62 -1.92 -2.39
CA ILE A 53 -0.57 -2.43 -3.07
C ILE A 53 -0.26 -2.80 -4.52
N GLU A 54 0.84 -2.26 -5.05
CA GLU A 54 1.26 -2.56 -6.42
C GLU A 54 2.08 -3.84 -6.48
N ASP A 55 2.67 -4.22 -5.35
CA ASP A 55 3.53 -5.41 -5.28
C ASP A 55 2.74 -6.67 -4.93
N GLN A 56 1.88 -6.56 -3.93
CA GLN A 56 1.09 -7.71 -3.48
C GLN A 56 0.29 -8.32 -4.63
N GLY A 57 0.09 -7.54 -5.68
CA GLY A 57 -0.68 -8.03 -6.82
C GLY A 57 -1.85 -7.14 -7.13
N GLY A 58 -2.41 -6.50 -6.10
CA GLY A 58 -3.53 -5.61 -6.30
C GLY A 58 -4.33 -5.39 -5.03
N LEU A 59 -4.94 -4.22 -4.92
CA LEU A 59 -5.74 -3.86 -3.77
C LEU A 59 -6.92 -4.83 -3.61
N GLU A 60 -7.71 -4.96 -4.66
CA GLU A 60 -8.82 -5.91 -4.66
C GLU A 60 -8.26 -7.31 -4.79
N ALA A 61 -7.16 -7.40 -5.51
CA ALA A 61 -6.44 -8.64 -5.68
C ALA A 61 -5.97 -9.17 -4.34
N VAL A 62 -5.76 -8.24 -3.40
CA VAL A 62 -5.38 -8.59 -2.03
C VAL A 62 -6.62 -9.00 -1.24
N ARG A 63 -7.72 -8.28 -1.47
CA ARG A 63 -8.98 -8.57 -0.81
C ARG A 63 -9.34 -10.04 -0.99
N GLN A 64 -8.91 -10.60 -2.11
CA GLN A 64 -9.17 -12.01 -2.41
C GLN A 64 -8.55 -12.90 -1.34
N GLU A 65 -7.36 -12.54 -0.89
CA GLU A 65 -6.66 -13.30 0.14
C GLU A 65 -7.12 -12.90 1.53
N MET A 66 -7.42 -11.61 1.69
CA MET A 66 -7.89 -11.08 2.98
C MET A 66 -9.18 -11.76 3.40
N ARG A 67 -10.02 -12.09 2.42
CA ARG A 67 -11.30 -12.73 2.69
C ARG A 67 -11.09 -14.13 3.26
N ARG A 68 -10.01 -14.78 2.84
CA ARG A 68 -9.70 -16.13 3.30
C ARG A 68 -8.91 -16.09 4.60
N GLN A 69 -7.68 -15.58 4.53
CA GLN A 69 -6.82 -15.48 5.70
C GLN A 69 -6.72 -16.83 6.41
N GLY A 70 -6.09 -17.80 5.74
CA GLY A 70 -5.93 -19.12 6.32
C GLY A 70 -7.10 -20.02 6.02
N GLY A 71 -6.81 -21.30 5.74
CA GLY A 71 -7.86 -22.25 5.44
C GLY A 71 -8.63 -22.68 6.68
N SER A 72 -8.81 -23.98 6.84
CA SER A 72 -9.53 -24.52 7.99
C SER A 72 -8.75 -25.64 8.65
N GLY A 73 -7.43 -25.48 8.73
CA GLY A 73 -6.60 -26.50 9.34
C GLY A 73 -5.22 -25.98 9.69
N GLY A 74 -5.15 -24.71 10.09
CA GLY A 74 -3.88 -24.12 10.46
C GLY A 74 -3.61 -22.82 9.71
N SER A 75 -2.34 -22.61 9.37
CA SER A 75 -1.94 -21.40 8.65
C SER A 75 -2.05 -20.17 9.55
N GLN A 76 -1.48 -20.27 10.75
CA GLN A 76 -1.51 -19.17 11.70
C GLN A 76 -0.76 -17.96 11.17
N SER A 77 -1.48 -16.87 10.93
CA SER A 77 -0.89 -15.64 10.41
C SER A 77 -1.68 -14.43 10.85
N SER A 78 -0.96 -13.39 11.32
CA SER A 78 -1.59 -12.17 11.77
C SER A 78 -1.11 -10.97 10.97
N GLU A 79 0.22 -10.74 11.00
CA GLU A 79 0.81 -9.63 10.28
C GLU A 79 1.41 -10.09 8.96
N GLY A 80 0.77 -11.07 8.33
CA GLY A 80 1.25 -11.57 7.06
C GLY A 80 1.46 -10.47 6.04
N LEU A 81 0.52 -10.36 5.09
CA LEU A 81 0.60 -9.33 4.07
C LEU A 81 0.57 -7.94 4.68
N VAL A 82 -0.10 -7.81 5.82
CA VAL A 82 -0.19 -6.53 6.53
C VAL A 82 1.19 -6.07 6.98
N GLY A 83 1.96 -6.98 7.55
CA GLY A 83 3.29 -6.65 8.02
C GLY A 83 4.15 -6.05 6.92
N ALA A 84 4.03 -6.60 5.71
CA ALA A 84 4.78 -6.11 4.58
C ALA A 84 4.61 -4.60 4.41
N LEU A 85 3.38 -4.14 4.64
CA LEU A 85 3.09 -2.71 4.52
C LEU A 85 3.74 -1.94 5.66
N MET A 86 3.82 -2.57 6.83
CA MET A 86 4.44 -1.94 7.98
C MET A 86 5.89 -1.57 7.69
N HIS A 87 6.59 -2.45 6.99
CA HIS A 87 7.98 -2.21 6.64
C HIS A 87 8.10 -1.02 5.70
N VAL A 88 7.31 -1.03 4.63
CA VAL A 88 7.33 0.06 3.66
C VAL A 88 7.06 1.40 4.35
N MET A 89 6.36 1.35 5.48
CA MET A 89 6.05 2.55 6.24
C MET A 89 7.26 3.00 7.05
N GLN A 90 8.10 2.04 7.44
CA GLN A 90 9.29 2.34 8.22
C GLN A 90 10.34 3.02 7.34
N LYS A 91 10.38 2.64 6.07
CA LYS A 91 11.32 3.22 5.13
C LYS A 91 11.17 4.73 5.07
N ARG A 92 9.96 5.21 5.29
CA ARG A 92 9.67 6.64 5.27
C ARG A 92 10.03 7.28 6.60
N SER A 93 9.54 6.69 7.68
CA SER A 93 9.81 7.19 9.02
C SER A 93 11.31 7.28 9.29
N ARG A 94 12.04 6.28 8.81
CA ARG A 94 13.49 6.23 9.00
C ARG A 94 14.21 6.81 7.79
N ALA A 95 13.95 6.23 6.62
CA ALA A 95 14.58 6.68 5.38
C ALA A 95 16.09 6.53 5.45
N ILE A 96 16.73 7.51 6.07
CA ILE A 96 18.17 7.51 6.23
C ILE A 96 18.87 7.41 4.87
N HIS A 97 18.77 8.47 4.09
CA HIS A 97 19.39 8.51 2.77
C HIS A 97 18.71 7.52 1.82
N SER A 98 18.59 7.92 0.56
CA SER A 98 17.97 7.06 -0.45
C SER A 98 18.90 5.94 -0.87
N SER A 99 20.19 6.25 -0.94
CA SER A 99 21.20 5.26 -1.33
C SER A 99 21.25 4.11 -0.33
N ASP A 100 21.04 4.43 0.94
CA ASP A 100 21.06 3.43 2.00
C ASP A 100 22.46 2.86 2.18
N GLU A 101 22.93 2.10 1.18
CA GLU A 101 24.25 1.50 1.22
C GLU A 101 24.48 0.62 0.00
N GLY A 102 25.57 0.90 -0.72
CA GLY A 102 25.89 0.12 -1.90
C GLY A 102 25.27 0.70 -3.17
N GLU A 103 25.06 2.01 -3.17
CA GLU A 103 24.47 2.68 -4.33
C GLU A 103 25.19 4.00 -4.62
N ASP A 104 25.80 4.08 -5.80
CA ASP A 104 26.51 5.28 -6.21
C ASP A 104 26.93 5.20 -7.67
N GLN A 105 26.07 5.70 -8.57
CA GLN A 105 26.36 5.68 -9.99
C GLN A 105 26.48 4.25 -10.51
N ALA A 106 25.61 3.88 -11.43
CA ALA A 106 25.62 2.53 -12.00
C ALA A 106 26.78 2.37 -12.98
N GLY A 107 27.47 1.24 -12.89
CA GLY A 107 28.59 0.99 -13.78
C GLY A 107 28.19 0.21 -15.02
N SER A 1 -8.66 4.21 -32.50
CA SER A 1 -9.95 3.76 -33.05
C SER A 1 -10.47 2.52 -32.32
N GLY A 2 -10.70 2.65 -31.03
CA GLY A 2 -11.18 1.54 -30.23
C GLY A 2 -10.60 1.52 -28.84
N PHE A 3 -10.63 2.65 -28.16
CA PHE A 3 -10.10 2.76 -26.82
C PHE A 3 -10.87 1.87 -25.85
N LYS A 4 -10.30 0.72 -25.52
CA LYS A 4 -10.94 -0.22 -24.60
C LYS A 4 -10.97 0.35 -23.19
N HIS A 5 -11.86 -0.20 -22.37
CA HIS A 5 -11.99 0.26 -20.98
C HIS A 5 -11.42 -0.77 -20.01
N VAL A 6 -10.16 -0.58 -19.62
CA VAL A 6 -9.49 -1.48 -18.69
C VAL A 6 -8.29 -0.80 -18.05
N SER A 7 -8.49 -0.23 -16.87
CA SER A 7 -7.43 0.46 -16.17
C SER A 7 -6.51 -0.51 -15.46
N HIS A 8 -7.05 -1.67 -15.07
CA HIS A 8 -6.26 -2.69 -14.38
C HIS A 8 -5.97 -2.26 -12.95
N VAL A 9 -5.22 -1.18 -12.82
CA VAL A 9 -4.88 -0.63 -11.52
C VAL A 9 -5.91 0.39 -11.08
N GLY A 10 -5.97 0.65 -9.78
CA GLY A 10 -6.90 1.63 -9.27
C GLY A 10 -6.17 2.89 -8.86
N TRP A 11 -4.94 2.73 -8.37
CA TRP A 11 -4.11 3.85 -7.99
C TRP A 11 -3.76 4.69 -9.22
N ASP A 12 -4.47 5.79 -9.38
CA ASP A 12 -4.25 6.68 -10.51
C ASP A 12 -3.05 7.59 -10.27
N PRO A 13 -2.02 7.53 -11.14
CA PRO A 13 -0.81 8.35 -11.01
C PRO A 13 -1.13 9.84 -11.05
N GLN A 14 -1.63 10.37 -9.94
CA GLN A 14 -1.97 11.78 -9.86
C GLN A 14 -2.60 12.11 -8.50
N ASN A 15 -3.79 11.56 -8.27
CA ASN A 15 -4.49 11.79 -7.02
C ASN A 15 -3.90 10.95 -5.89
N GLY A 16 -3.74 9.66 -6.14
CA GLY A 16 -3.19 8.77 -5.13
C GLY A 16 -4.19 7.73 -4.67
N PHE A 17 -4.76 7.94 -3.50
CA PHE A 17 -5.74 7.00 -2.94
C PHE A 17 -7.16 7.47 -3.21
N ASP A 18 -8.14 6.67 -2.79
CA ASP A 18 -9.53 7.00 -2.98
C ASP A 18 -10.38 6.45 -1.84
N VAL A 19 -10.35 7.13 -0.70
CA VAL A 19 -11.12 6.70 0.46
C VAL A 19 -12.61 6.70 0.18
N ASN A 20 -13.03 7.53 -0.77
CA ASN A 20 -14.43 7.62 -1.14
C ASN A 20 -14.97 6.25 -1.58
N ASN A 21 -14.13 5.48 -2.25
CA ASN A 21 -14.52 4.15 -2.72
C ASN A 21 -13.51 3.10 -2.29
N LEU A 22 -12.86 3.34 -1.15
CA LEU A 22 -11.87 2.41 -0.63
C LEU A 22 -12.49 1.05 -0.32
N ASP A 23 -11.72 -0.01 -0.49
CA ASP A 23 -12.20 -1.37 -0.23
C ASP A 23 -12.07 -1.71 1.25
N PRO A 24 -13.12 -2.31 1.85
CA PRO A 24 -13.12 -2.69 3.27
C PRO A 24 -11.92 -3.57 3.63
N ASP A 25 -11.76 -4.66 2.89
CA ASP A 25 -10.66 -5.60 3.13
C ASP A 25 -9.33 -4.86 3.29
N LEU A 26 -9.03 -3.98 2.34
CA LEU A 26 -7.79 -3.22 2.38
C LEU A 26 -7.87 -2.10 3.41
N ARG A 27 -9.07 -1.53 3.56
CA ARG A 27 -9.29 -0.47 4.53
C ARG A 27 -8.85 -0.91 5.92
N SER A 28 -8.96 -2.22 6.17
CA SER A 28 -8.57 -2.79 7.45
C SER A 28 -7.08 -3.13 7.46
N LEU A 29 -6.51 -3.29 6.27
CA LEU A 29 -5.09 -3.61 6.15
C LEU A 29 -4.24 -2.41 6.53
N PHE A 30 -4.79 -1.22 6.38
CA PHE A 30 -4.09 0.01 6.73
C PHE A 30 -4.12 0.24 8.23
N SER A 31 -5.34 0.34 8.78
CA SER A 31 -5.50 0.54 10.22
C SER A 31 -4.70 -0.49 11.00
N ARG A 32 -4.46 -1.64 10.38
CA ARG A 32 -3.70 -2.71 11.02
C ARG A 32 -2.20 -2.45 10.93
N ALA A 33 -1.75 -2.03 9.75
CA ALA A 33 -0.33 -1.74 9.53
C ALA A 33 0.07 -0.44 10.20
N GLY A 34 -0.90 0.43 10.43
CA GLY A 34 -0.62 1.70 11.08
C GLY A 34 -0.64 2.88 10.13
N ILE A 35 -1.67 2.92 9.28
CA ILE A 35 -1.80 4.02 8.32
C ILE A 35 -3.21 4.63 8.39
N SER A 36 -3.31 5.91 8.08
CA SER A 36 -4.58 6.61 8.12
C SER A 36 -4.80 7.43 6.85
N GLU A 37 -5.92 8.15 6.81
CA GLU A 37 -6.26 8.98 5.65
C GLU A 37 -5.14 9.99 5.36
N ALA A 38 -4.67 10.66 6.41
CA ALA A 38 -3.61 11.65 6.27
C ALA A 38 -2.45 11.09 5.46
N GLN A 39 -2.26 9.77 5.53
CA GLN A 39 -1.18 9.11 4.81
C GLN A 39 -1.60 8.80 3.38
N LEU A 40 -2.89 8.53 3.19
CA LEU A 40 -3.42 8.21 1.86
C LEU A 40 -3.64 9.47 1.05
N THR A 41 -4.17 10.51 1.69
CA THR A 41 -4.44 11.77 1.01
C THR A 41 -3.16 12.36 0.44
N ASP A 42 -2.04 12.13 1.13
CA ASP A 42 -0.76 12.65 0.68
C ASP A 42 -0.28 11.91 -0.57
N ALA A 43 -0.06 12.67 -1.64
CA ALA A 43 0.40 12.10 -2.91
C ALA A 43 1.86 11.69 -2.82
N GLU A 44 2.61 12.33 -1.92
CA GLU A 44 4.02 12.03 -1.75
C GLU A 44 4.21 10.73 -0.96
N THR A 45 3.38 10.55 0.07
CA THR A 45 3.46 9.36 0.91
C THR A 45 2.84 8.16 0.20
N SER A 46 1.81 8.41 -0.59
CA SER A 46 1.10 7.35 -1.31
C SER A 46 2.06 6.51 -2.16
N LYS A 47 2.94 7.19 -2.89
CA LYS A 47 3.90 6.52 -3.76
C LYS A 47 4.73 5.49 -2.98
N LEU A 48 4.81 5.66 -1.67
CA LEU A 48 5.54 4.74 -0.81
C LEU A 48 4.67 3.54 -0.44
N ILE A 49 3.39 3.83 -0.27
CA ILE A 49 2.42 2.82 0.13
C ILE A 49 1.89 2.03 -1.05
N TYR A 50 2.00 2.58 -2.26
CA TYR A 50 1.52 1.87 -3.43
C TYR A 50 2.47 0.73 -3.81
N ASP A 51 3.71 0.82 -3.35
CA ASP A 51 4.64 -0.27 -3.56
C ASP A 51 4.14 -1.54 -2.88
N PHE A 52 3.18 -1.38 -1.96
CA PHE A 52 2.62 -2.52 -1.24
C PHE A 52 1.41 -3.10 -1.97
N ILE A 53 0.36 -2.30 -2.16
CA ILE A 53 -0.83 -2.79 -2.86
C ILE A 53 -0.51 -3.11 -4.32
N GLU A 54 0.59 -2.56 -4.83
CA GLU A 54 0.99 -2.81 -6.21
C GLU A 54 1.79 -4.11 -6.33
N ASP A 55 2.63 -4.38 -5.34
CA ASP A 55 3.48 -5.57 -5.36
C ASP A 55 2.75 -6.78 -4.77
N GLN A 56 1.91 -6.55 -3.77
CA GLN A 56 1.18 -7.63 -3.12
C GLN A 56 0.34 -8.41 -4.13
N GLY A 57 0.08 -7.80 -5.28
CA GLY A 57 -0.73 -8.45 -6.30
C GLY A 57 -1.85 -7.55 -6.78
N GLY A 58 -2.29 -6.68 -5.88
CA GLY A 58 -3.36 -5.76 -6.23
C GLY A 58 -4.28 -5.50 -5.05
N LEU A 59 -4.92 -4.34 -5.08
CA LEU A 59 -5.84 -3.94 -4.01
C LEU A 59 -7.06 -4.84 -3.97
N GLU A 60 -7.76 -4.94 -5.08
CA GLU A 60 -8.89 -5.85 -5.20
C GLU A 60 -8.37 -7.26 -5.35
N ALA A 61 -7.19 -7.35 -5.97
CA ALA A 61 -6.49 -8.60 -6.16
C ALA A 61 -6.08 -9.19 -4.80
N VAL A 62 -5.90 -8.30 -3.82
CA VAL A 62 -5.57 -8.72 -2.46
C VAL A 62 -6.81 -9.33 -1.80
N ARG A 63 -7.96 -8.70 -2.04
CA ARG A 63 -9.21 -9.20 -1.49
C ARG A 63 -9.40 -10.66 -1.84
N GLN A 64 -8.81 -11.06 -2.97
CA GLN A 64 -8.88 -12.46 -3.41
C GLN A 64 -8.05 -13.35 -2.50
N GLU A 65 -7.00 -12.78 -1.93
CA GLU A 65 -6.12 -13.52 -1.03
C GLU A 65 -6.66 -13.52 0.39
N MET A 66 -6.88 -12.31 0.93
CA MET A 66 -7.39 -12.16 2.30
C MET A 66 -8.59 -13.09 2.53
N ARG A 67 -9.39 -13.28 1.50
CA ARG A 67 -10.57 -14.13 1.61
C ARG A 67 -10.18 -15.60 1.69
N ARG A 68 -9.11 -15.97 0.99
CA ARG A 68 -8.63 -17.35 1.00
C ARG A 68 -7.36 -17.48 1.83
N GLN A 69 -7.18 -16.56 2.77
CA GLN A 69 -6.01 -16.58 3.63
C GLN A 69 -5.94 -17.89 4.42
N GLY A 70 -4.76 -18.51 4.42
CA GLY A 70 -4.58 -19.76 5.13
C GLY A 70 -4.53 -19.57 6.63
N GLY A 71 -4.95 -20.60 7.37
CA GLY A 71 -4.93 -20.53 8.81
C GLY A 71 -5.46 -21.79 9.46
N SER A 72 -4.72 -22.89 9.31
CA SER A 72 -5.12 -24.16 9.89
C SER A 72 -3.94 -24.82 10.61
N GLY A 73 -3.03 -24.00 11.10
CA GLY A 73 -1.87 -24.51 11.81
C GLY A 73 -0.57 -24.27 11.06
N GLY A 74 -0.59 -23.27 10.18
CA GLY A 74 0.60 -22.94 9.41
C GLY A 74 1.70 -22.32 10.27
N SER A 75 1.55 -21.02 10.54
CA SER A 75 2.53 -20.31 11.36
C SER A 75 1.83 -19.44 12.40
N GLN A 76 0.64 -19.87 12.82
CA GLN A 76 -0.13 -19.13 13.81
C GLN A 76 -0.52 -17.74 13.29
N SER A 77 -1.57 -17.17 13.86
CA SER A 77 -2.04 -15.85 13.45
C SER A 77 -0.90 -14.84 13.44
N SER A 78 -0.67 -14.22 12.29
CA SER A 78 0.39 -13.24 12.16
C SER A 78 0.00 -12.14 11.15
N GLU A 79 0.82 -11.11 11.07
CA GLU A 79 0.57 -10.00 10.17
C GLU A 79 0.57 -10.47 8.72
N GLY A 80 1.27 -11.58 8.46
CA GLY A 80 1.34 -12.11 7.12
C GLY A 80 1.82 -11.08 6.12
N LEU A 81 0.88 -10.42 5.46
CA LEU A 81 1.21 -9.39 4.48
C LEU A 81 1.16 -8.01 5.13
N VAL A 82 0.32 -7.86 6.14
CA VAL A 82 0.18 -6.60 6.85
C VAL A 82 1.53 -6.12 7.39
N GLY A 83 2.42 -7.07 7.66
CA GLY A 83 3.73 -6.73 8.17
C GLY A 83 4.62 -6.10 7.12
N ALA A 84 4.46 -6.56 5.87
CA ALA A 84 5.24 -6.03 4.76
C ALA A 84 5.01 -4.54 4.59
N LEU A 85 3.79 -4.09 4.91
CA LEU A 85 3.44 -2.69 4.78
C LEU A 85 4.15 -1.86 5.86
N MET A 86 4.08 -2.32 7.10
CA MET A 86 4.73 -1.63 8.21
C MET A 86 6.22 -1.42 7.93
N HIS A 87 6.78 -2.31 7.13
CA HIS A 87 8.19 -2.23 6.77
C HIS A 87 8.41 -1.21 5.66
N VAL A 88 7.40 -1.05 4.81
CA VAL A 88 7.47 -0.11 3.70
C VAL A 88 7.38 1.32 4.21
N MET A 89 6.55 1.54 5.22
CA MET A 89 6.37 2.87 5.79
C MET A 89 7.61 3.29 6.58
N GLN A 90 8.23 2.33 7.25
CA GLN A 90 9.42 2.61 8.04
C GLN A 90 10.51 3.27 7.18
N LYS A 91 10.46 3.01 5.89
CA LYS A 91 11.42 3.58 4.95
C LYS A 91 11.36 5.10 4.97
N ARG A 92 10.22 5.64 4.54
CA ARG A 92 10.03 7.08 4.50
C ARG A 92 10.00 7.67 5.92
N SER A 93 9.29 6.99 6.82
CA SER A 93 9.19 7.44 8.20
C SER A 93 10.56 7.77 8.78
N ARG A 94 11.49 6.83 8.66
CA ARG A 94 12.85 7.02 9.16
C ARG A 94 13.71 7.71 8.11
N ALA A 95 13.83 7.06 6.95
CA ALA A 95 14.63 7.60 5.86
C ALA A 95 16.03 8.00 6.34
N ILE A 96 16.89 7.01 6.53
CA ILE A 96 18.25 7.26 6.99
C ILE A 96 19.12 7.78 5.86
N HIS A 97 18.94 7.21 4.68
CA HIS A 97 19.72 7.62 3.50
C HIS A 97 19.05 8.81 2.80
N SER A 98 18.94 9.92 3.50
CA SER A 98 18.32 11.12 2.94
C SER A 98 19.31 11.88 2.06
N SER A 99 20.60 11.79 2.40
CA SER A 99 21.64 12.47 1.64
C SER A 99 21.53 12.13 0.15
N ASP A 100 21.19 10.89 -0.14
CA ASP A 100 21.05 10.44 -1.53
C ASP A 100 19.73 10.91 -2.12
N GLU A 101 18.73 11.09 -1.26
CA GLU A 101 17.42 11.55 -1.70
C GLU A 101 17.24 13.04 -1.44
N GLY A 102 17.91 13.86 -2.24
CA GLY A 102 17.81 15.29 -2.07
C GLY A 102 19.17 15.98 -2.11
N GLU A 103 19.20 17.20 -2.66
CA GLU A 103 20.44 17.95 -2.75
C GLU A 103 20.17 19.43 -2.92
N ASP A 104 21.03 20.26 -2.33
CA ASP A 104 20.88 21.71 -2.42
C ASP A 104 21.94 22.32 -3.33
N GLN A 105 21.61 22.48 -4.60
CA GLN A 105 22.54 23.05 -5.57
C GLN A 105 21.83 24.03 -6.49
N ALA A 106 20.71 23.61 -7.06
CA ALA A 106 19.93 24.46 -7.95
C ALA A 106 18.78 25.13 -7.22
N GLY A 107 18.82 26.45 -7.13
CA GLY A 107 17.76 27.19 -6.46
C GLY A 107 17.78 28.67 -6.78
N SER A 1 -2.43 -15.28 -31.40
CA SER A 1 -3.67 -14.75 -32.03
C SER A 1 -4.81 -14.64 -31.03
N GLY A 2 -5.35 -13.44 -30.87
CA GLY A 2 -6.43 -13.23 -29.93
C GLY A 2 -5.94 -12.92 -28.53
N PHE A 3 -4.75 -12.32 -28.43
CA PHE A 3 -4.18 -11.99 -27.15
C PHE A 3 -4.59 -10.59 -26.70
N LYS A 4 -4.65 -10.37 -25.40
CA LYS A 4 -5.05 -9.08 -24.84
C LYS A 4 -4.27 -8.77 -23.57
N HIS A 5 -3.35 -7.81 -23.67
CA HIS A 5 -2.53 -7.42 -22.53
C HIS A 5 -3.06 -6.15 -21.88
N VAL A 6 -3.55 -6.27 -20.65
CA VAL A 6 -4.08 -5.14 -19.91
C VAL A 6 -3.51 -5.07 -18.51
N SER A 7 -2.85 -3.96 -18.18
CA SER A 7 -2.25 -3.79 -16.86
C SER A 7 -3.31 -3.88 -15.77
N HIS A 8 -4.36 -3.08 -15.89
CA HIS A 8 -5.43 -3.06 -14.91
C HIS A 8 -4.88 -2.73 -13.52
N VAL A 9 -5.25 -1.57 -13.01
CA VAL A 9 -4.79 -1.13 -11.69
C VAL A 9 -5.97 -0.54 -10.89
N GLY A 10 -5.93 0.74 -10.52
CA GLY A 10 -6.98 1.30 -9.72
C GLY A 10 -6.55 2.60 -9.06
N TRP A 11 -5.25 2.69 -8.78
CA TRP A 11 -4.67 3.88 -8.17
C TRP A 11 -4.28 4.89 -9.26
N ASP A 12 -4.31 6.16 -8.91
CA ASP A 12 -3.95 7.23 -9.85
C ASP A 12 -2.79 8.05 -9.31
N PRO A 13 -1.75 8.29 -10.13
CA PRO A 13 -0.57 9.06 -9.71
C PRO A 13 -0.96 10.42 -9.13
N GLN A 14 -2.15 10.90 -9.48
CA GLN A 14 -2.63 12.18 -9.00
C GLN A 14 -3.45 12.00 -7.72
N ASN A 15 -4.71 11.64 -7.89
CA ASN A 15 -5.60 11.43 -6.75
C ASN A 15 -4.96 10.51 -5.72
N GLY A 16 -4.44 9.38 -6.20
CA GLY A 16 -3.81 8.42 -5.30
C GLY A 16 -4.79 7.42 -4.73
N PHE A 17 -5.18 7.62 -3.47
CA PHE A 17 -6.12 6.74 -2.81
C PHE A 17 -7.55 7.28 -2.88
N ASP A 18 -8.52 6.37 -2.87
CA ASP A 18 -9.93 6.76 -2.92
C ASP A 18 -10.63 6.43 -1.61
N VAL A 19 -10.39 7.25 -0.60
CA VAL A 19 -11.00 7.03 0.72
C VAL A 19 -12.52 7.09 0.64
N ASN A 20 -13.03 7.81 -0.34
CA ASN A 20 -14.48 7.93 -0.53
C ASN A 20 -15.10 6.58 -0.85
N ASN A 21 -14.32 5.72 -1.50
CA ASN A 21 -14.79 4.39 -1.85
C ASN A 21 -13.69 3.36 -1.66
N LEU A 22 -12.99 3.45 -0.53
CA LEU A 22 -11.91 2.53 -0.22
C LEU A 22 -12.44 1.11 -0.01
N ASP A 23 -11.63 0.12 -0.40
CA ASP A 23 -12.01 -1.27 -0.25
C ASP A 23 -12.03 -1.69 1.22
N PRO A 24 -13.20 -2.12 1.74
CA PRO A 24 -13.33 -2.53 3.14
C PRO A 24 -12.26 -3.54 3.56
N ASP A 25 -11.72 -4.26 2.58
CA ASP A 25 -10.69 -5.26 2.86
C ASP A 25 -9.34 -4.59 3.11
N LEU A 26 -8.84 -3.88 2.11
CA LEU A 26 -7.57 -3.17 2.23
C LEU A 26 -7.63 -2.09 3.31
N ARG A 27 -8.84 -1.58 3.54
CA ARG A 27 -9.04 -0.55 4.55
C ARG A 27 -8.50 -1.02 5.90
N SER A 28 -8.60 -2.32 6.16
CA SER A 28 -8.11 -2.90 7.39
C SER A 28 -6.60 -3.08 7.33
N LEU A 29 -6.08 -3.32 6.12
CA LEU A 29 -4.65 -3.51 5.93
C LEU A 29 -3.88 -2.26 6.37
N PHE A 30 -4.56 -1.12 6.36
CA PHE A 30 -3.94 0.14 6.77
C PHE A 30 -4.01 0.32 8.27
N SER A 31 -5.23 0.33 8.81
CA SER A 31 -5.44 0.49 10.24
C SER A 31 -4.65 -0.55 11.03
N ARG A 32 -4.35 -1.68 10.38
CA ARG A 32 -3.59 -2.75 11.02
C ARG A 32 -2.09 -2.55 10.84
N ALA A 33 -1.69 -2.03 9.67
CA ALA A 33 -0.29 -1.78 9.39
C ALA A 33 0.19 -0.49 10.04
N GLY A 34 -0.76 0.41 10.32
CA GLY A 34 -0.41 1.67 10.93
C GLY A 34 -0.50 2.84 9.97
N ILE A 35 -1.53 2.84 9.14
CA ILE A 35 -1.73 3.90 8.16
C ILE A 35 -3.11 4.53 8.30
N SER A 36 -3.19 5.84 8.11
CA SER A 36 -4.45 6.55 8.22
C SER A 36 -4.75 7.35 6.95
N GLU A 37 -5.85 8.08 6.96
CA GLU A 37 -6.26 8.89 5.81
C GLU A 37 -5.13 9.81 5.37
N ALA A 38 -4.47 10.44 6.33
CA ALA A 38 -3.37 11.35 6.04
C ALA A 38 -2.36 10.72 5.10
N GLN A 39 -2.01 9.46 5.37
CA GLN A 39 -1.04 8.74 4.56
C GLN A 39 -1.64 8.34 3.22
N LEU A 40 -2.97 8.26 3.16
CA LEU A 40 -3.66 7.88 1.94
C LEU A 40 -3.96 9.11 1.08
N THR A 41 -4.09 10.26 1.74
CA THR A 41 -4.39 11.51 1.04
C THR A 41 -3.11 12.14 0.50
N ASP A 42 -2.06 12.16 1.32
CA ASP A 42 -0.79 12.73 0.93
C ASP A 42 -0.31 12.14 -0.39
N ALA A 43 0.11 13.01 -1.31
CA ALA A 43 0.58 12.56 -2.61
C ALA A 43 1.99 11.98 -2.51
N GLU A 44 2.89 12.74 -1.92
CA GLU A 44 4.28 12.31 -1.76
C GLU A 44 4.35 10.95 -1.05
N THR A 45 3.38 10.71 -0.16
CA THR A 45 3.34 9.46 0.58
C THR A 45 2.56 8.38 -0.17
N SER A 46 1.41 8.76 -0.71
CA SER A 46 0.57 7.82 -1.45
C SER A 46 1.38 7.00 -2.45
N LYS A 47 2.29 7.67 -3.15
CA LYS A 47 3.12 7.02 -4.16
C LYS A 47 3.95 5.89 -3.54
N LEU A 48 4.76 6.23 -2.54
CA LEU A 48 5.61 5.23 -1.89
C LEU A 48 4.77 4.06 -1.37
N ILE A 49 3.51 4.35 -1.05
CA ILE A 49 2.61 3.33 -0.53
C ILE A 49 2.04 2.48 -1.66
N TYR A 50 2.06 3.01 -2.89
CA TYR A 50 1.52 2.27 -4.02
C TYR A 50 2.43 1.09 -4.36
N ASP A 51 3.72 1.25 -4.12
CA ASP A 51 4.67 0.19 -4.37
C ASP A 51 4.24 -1.08 -3.65
N PHE A 52 3.42 -0.92 -2.61
CA PHE A 52 2.93 -2.06 -1.84
C PHE A 52 1.72 -2.72 -2.50
N ILE A 53 0.63 -1.97 -2.69
CA ILE A 53 -0.55 -2.53 -3.34
C ILE A 53 -0.24 -2.88 -4.80
N GLU A 54 0.84 -2.33 -5.34
CA GLU A 54 1.25 -2.60 -6.70
C GLU A 54 2.08 -3.88 -6.79
N ASP A 55 2.90 -4.11 -5.76
CA ASP A 55 3.77 -5.29 -5.73
C ASP A 55 3.05 -6.49 -5.13
N GLN A 56 2.21 -6.25 -4.14
CA GLN A 56 1.48 -7.33 -3.48
C GLN A 56 0.68 -8.17 -4.48
N GLY A 57 0.43 -7.60 -5.67
CA GLY A 57 -0.32 -8.31 -6.67
C GLY A 57 -1.56 -7.54 -7.11
N GLY A 58 -2.00 -6.61 -6.26
CA GLY A 58 -3.18 -5.82 -6.57
C GLY A 58 -4.08 -5.67 -5.37
N LEU A 59 -4.77 -4.54 -5.30
CA LEU A 59 -5.67 -4.26 -4.19
C LEU A 59 -6.85 -5.23 -4.19
N GLU A 60 -7.56 -5.29 -5.31
CA GLU A 60 -8.65 -6.24 -5.46
C GLU A 60 -8.08 -7.63 -5.47
N ALA A 61 -6.87 -7.72 -6.04
CA ALA A 61 -6.12 -8.95 -6.08
C ALA A 61 -5.77 -9.39 -4.65
N VAL A 62 -5.66 -8.41 -3.76
CA VAL A 62 -5.39 -8.67 -2.34
C VAL A 62 -6.69 -9.00 -1.62
N ARG A 63 -7.74 -8.27 -1.97
CA ARG A 63 -9.06 -8.50 -1.38
C ARG A 63 -9.45 -9.96 -1.48
N GLN A 64 -9.01 -10.61 -2.56
CA GLN A 64 -9.30 -12.03 -2.77
C GLN A 64 -8.59 -12.88 -1.71
N GLU A 65 -7.45 -12.39 -1.24
CA GLU A 65 -6.67 -13.10 -0.23
C GLU A 65 -7.18 -12.78 1.17
N MET A 66 -7.30 -11.49 1.46
CA MET A 66 -7.79 -11.05 2.77
C MET A 66 -9.09 -11.74 3.14
N ARG A 67 -9.95 -11.94 2.14
CA ARG A 67 -11.23 -12.59 2.36
C ARG A 67 -11.05 -13.95 3.02
N ARG A 68 -9.98 -14.65 2.64
CA ARG A 68 -9.69 -15.96 3.19
C ARG A 68 -8.18 -16.21 3.25
N GLN A 69 -7.48 -15.40 4.05
CA GLN A 69 -6.04 -15.54 4.20
C GLN A 69 -5.70 -16.62 5.21
N GLY A 70 -6.53 -16.77 6.22
CA GLY A 70 -6.29 -17.78 7.25
C GLY A 70 -6.88 -17.39 8.58
N GLY A 71 -6.31 -16.37 9.21
CA GLY A 71 -6.79 -15.93 10.50
C GLY A 71 -8.15 -15.24 10.40
N SER A 72 -9.08 -15.64 11.27
CA SER A 72 -10.41 -15.05 11.27
C SER A 72 -11.14 -15.39 12.57
N GLY A 73 -11.42 -14.38 13.37
CA GLY A 73 -12.11 -14.59 14.62
C GLY A 73 -11.55 -13.73 15.75
N GLY A 74 -10.48 -14.21 16.37
CA GLY A 74 -9.87 -13.47 17.45
C GLY A 74 -8.59 -12.77 17.03
N SER A 75 -8.52 -12.40 15.75
CA SER A 75 -7.34 -11.72 15.22
C SER A 75 -6.10 -12.60 15.34
N GLN A 76 -6.15 -13.76 14.69
CA GLN A 76 -5.04 -14.70 14.72
C GLN A 76 -3.72 -14.00 14.41
N SER A 77 -2.61 -14.60 14.83
CA SER A 77 -1.28 -14.04 14.59
C SER A 77 -0.68 -14.60 13.32
N SER A 78 -0.81 -13.86 12.22
CA SER A 78 -0.26 -14.28 10.94
C SER A 78 0.80 -13.30 10.45
N GLU A 79 0.39 -12.05 10.23
CA GLU A 79 1.31 -11.02 9.76
C GLU A 79 1.98 -11.44 8.45
N GLY A 80 1.19 -12.07 7.57
CA GLY A 80 1.72 -12.51 6.29
C GLY A 80 1.22 -11.67 5.14
N LEU A 81 1.09 -10.38 5.39
CA LEU A 81 0.61 -9.44 4.38
C LEU A 81 0.45 -8.05 4.99
N VAL A 82 0.06 -8.01 6.25
CA VAL A 82 -0.11 -6.73 6.96
C VAL A 82 1.24 -6.21 7.45
N GLY A 83 2.09 -7.12 7.90
CA GLY A 83 3.41 -6.72 8.37
C GLY A 83 4.29 -6.22 7.25
N ALA A 84 4.10 -6.77 6.06
CA ALA A 84 4.88 -6.36 4.89
C ALA A 84 4.73 -4.87 4.64
N LEU A 85 3.55 -4.33 4.92
CA LEU A 85 3.28 -2.92 4.74
C LEU A 85 3.88 -2.11 5.89
N MET A 86 3.95 -2.72 7.07
CA MET A 86 4.52 -2.07 8.24
C MET A 86 5.98 -1.73 8.01
N HIS A 87 6.69 -2.64 7.35
CA HIS A 87 8.11 -2.43 7.05
C HIS A 87 8.28 -1.31 6.03
N VAL A 88 7.43 -1.31 5.01
CA VAL A 88 7.48 -0.28 3.97
C VAL A 88 7.16 1.09 4.55
N MET A 89 6.43 1.11 5.65
CA MET A 89 6.06 2.36 6.31
C MET A 89 7.20 2.87 7.17
N GLN A 90 8.07 1.97 7.60
CA GLN A 90 9.21 2.33 8.43
C GLN A 90 10.28 3.03 7.59
N LYS A 91 10.39 2.63 6.34
CA LYS A 91 11.37 3.22 5.43
C LYS A 91 11.28 4.75 5.44
N ARG A 92 10.07 5.26 5.28
CA ARG A 92 9.84 6.70 5.29
C ARG A 92 10.37 7.33 6.57
N SER A 93 9.98 6.76 7.71
CA SER A 93 10.42 7.26 9.01
C SER A 93 11.94 7.30 9.09
N ARG A 94 12.57 6.18 8.73
CA ARG A 94 14.02 6.08 8.76
C ARG A 94 14.65 7.03 7.74
N ALA A 95 13.89 7.37 6.70
CA ALA A 95 14.37 8.27 5.67
C ALA A 95 13.94 9.71 5.94
N ILE A 96 14.91 10.57 6.26
CA ILE A 96 14.63 11.97 6.54
C ILE A 96 15.35 12.88 5.56
N HIS A 97 16.68 12.88 5.62
CA HIS A 97 17.49 13.70 4.73
C HIS A 97 17.84 12.94 3.45
N SER A 98 18.33 13.67 2.45
CA SER A 98 18.70 13.08 1.18
C SER A 98 20.11 12.50 1.25
N SER A 99 20.97 13.16 2.02
CA SER A 99 22.36 12.72 2.17
C SER A 99 22.43 11.32 2.75
N ASP A 100 21.36 10.90 3.42
CA ASP A 100 21.31 9.57 4.03
C ASP A 100 22.20 9.50 5.27
N GLU A 101 23.51 9.56 5.05
CA GLU A 101 24.47 9.51 6.14
C GLU A 101 25.57 10.55 5.96
N GLY A 102 26.27 10.47 4.84
CA GLY A 102 27.34 11.42 4.57
C GLY A 102 28.38 10.86 3.61
N GLU A 103 29.07 9.81 4.04
CA GLU A 103 30.10 9.19 3.22
C GLU A 103 31.08 10.24 2.69
N ASP A 104 31.79 10.90 3.60
CA ASP A 104 32.76 11.92 3.23
C ASP A 104 34.16 11.33 3.11
N GLN A 105 34.24 10.05 2.79
CA GLN A 105 35.53 9.37 2.66
C GLN A 105 36.09 9.54 1.25
N ALA A 106 37.24 8.94 1.00
CA ALA A 106 37.89 9.03 -0.31
C ALA A 106 38.21 7.64 -0.85
N GLY A 107 38.28 7.52 -2.17
CA GLY A 107 38.60 6.25 -2.79
C GLY A 107 37.38 5.34 -2.88
N SER A 1 -17.01 -7.97 -29.41
CA SER A 1 -15.81 -8.36 -30.19
C SER A 1 -14.87 -7.18 -30.37
N GLY A 2 -14.40 -6.63 -29.26
CA GLY A 2 -13.49 -5.50 -29.31
C GLY A 2 -12.99 -5.09 -27.93
N PHE A 3 -13.93 -4.72 -27.06
CA PHE A 3 -13.57 -4.30 -25.71
C PHE A 3 -12.70 -5.36 -25.03
N LYS A 4 -11.98 -4.93 -23.98
CA LYS A 4 -11.11 -5.83 -23.25
C LYS A 4 -11.11 -5.52 -21.76
N HIS A 5 -12.04 -6.13 -21.03
CA HIS A 5 -12.16 -5.91 -19.60
C HIS A 5 -10.92 -6.41 -18.86
N VAL A 6 -10.33 -5.53 -18.05
CA VAL A 6 -9.14 -5.88 -17.29
C VAL A 6 -9.07 -5.09 -15.98
N SER A 7 -8.03 -5.32 -15.20
CA SER A 7 -7.83 -4.63 -13.94
C SER A 7 -7.43 -3.17 -14.16
N HIS A 8 -6.46 -2.97 -15.05
CA HIS A 8 -5.97 -1.63 -15.37
C HIS A 8 -5.75 -0.82 -14.10
N VAL A 9 -5.42 -1.52 -13.02
CA VAL A 9 -5.16 -0.92 -11.71
C VAL A 9 -6.29 0.01 -11.26
N GLY A 10 -6.39 0.21 -9.95
CA GLY A 10 -7.39 1.09 -9.41
C GLY A 10 -6.84 2.45 -9.03
N TRP A 11 -5.61 2.45 -8.50
CA TRP A 11 -4.95 3.69 -8.12
C TRP A 11 -4.54 4.48 -9.35
N ASP A 12 -4.89 5.75 -9.36
CA ASP A 12 -4.55 6.65 -10.47
C ASP A 12 -3.44 7.61 -10.06
N PRO A 13 -2.38 7.72 -10.87
CA PRO A 13 -1.25 8.61 -10.57
C PRO A 13 -1.70 10.05 -10.32
N GLN A 14 -0.95 10.76 -9.48
CA GLN A 14 -1.27 12.15 -9.17
C GLN A 14 -2.54 12.28 -8.33
N ASN A 15 -3.07 11.14 -7.87
CA ASN A 15 -4.28 11.15 -7.07
C ASN A 15 -4.07 10.44 -5.74
N GLY A 16 -3.72 9.16 -5.80
CA GLY A 16 -3.49 8.39 -4.59
C GLY A 16 -4.62 7.42 -4.31
N PHE A 17 -5.08 7.43 -3.05
CA PHE A 17 -6.18 6.54 -2.66
C PHE A 17 -7.51 7.28 -2.68
N ASP A 18 -8.57 6.55 -3.04
CA ASP A 18 -9.91 7.13 -3.07
C ASP A 18 -10.70 6.66 -1.85
N VAL A 19 -10.18 6.96 -0.66
CA VAL A 19 -10.80 6.55 0.59
C VAL A 19 -12.32 6.69 0.55
N ASN A 20 -12.81 7.67 -0.21
CA ASN A 20 -14.23 7.89 -0.33
C ASN A 20 -14.95 6.62 -0.77
N ASN A 21 -14.30 5.89 -1.68
CA ASN A 21 -14.85 4.63 -2.17
C ASN A 21 -13.85 3.50 -1.94
N LEU A 22 -12.99 3.67 -0.93
CA LEU A 22 -11.98 2.68 -0.62
C LEU A 22 -12.61 1.30 -0.42
N ASP A 23 -11.82 0.26 -0.66
CA ASP A 23 -12.29 -1.12 -0.52
C ASP A 23 -12.31 -1.51 0.96
N PRO A 24 -13.49 -1.84 1.51
CA PRO A 24 -13.63 -2.22 2.91
C PRO A 24 -12.56 -3.20 3.37
N ASP A 25 -12.06 -4.02 2.44
CA ASP A 25 -11.04 -5.01 2.76
C ASP A 25 -9.70 -4.33 3.02
N LEU A 26 -9.18 -3.64 2.00
CA LEU A 26 -7.92 -2.94 2.14
C LEU A 26 -8.00 -1.83 3.18
N ARG A 27 -9.19 -1.28 3.36
CA ARG A 27 -9.40 -0.23 4.35
C ARG A 27 -8.87 -0.67 5.70
N SER A 28 -8.98 -1.97 5.97
CA SER A 28 -8.48 -2.53 7.22
C SER A 28 -7.00 -2.89 7.09
N LEU A 29 -6.59 -3.24 5.88
CA LEU A 29 -5.21 -3.57 5.60
C LEU A 29 -4.28 -2.44 6.03
N PHE A 30 -4.79 -1.22 5.98
CA PHE A 30 -4.02 -0.05 6.37
C PHE A 30 -4.10 0.17 7.87
N SER A 31 -5.31 0.13 8.41
CA SER A 31 -5.52 0.30 9.84
C SER A 31 -4.72 -0.73 10.64
N ARG A 32 -4.42 -1.86 10.00
CA ARG A 32 -3.66 -2.92 10.64
C ARG A 32 -2.15 -2.69 10.47
N ALA A 33 -1.78 -1.98 9.43
CA ALA A 33 -0.38 -1.69 9.16
C ALA A 33 0.06 -0.37 9.78
N GLY A 34 -0.76 0.17 10.68
CA GLY A 34 -0.42 1.42 11.35
C GLY A 34 -0.44 2.61 10.40
N ILE A 35 -1.41 2.62 9.49
CA ILE A 35 -1.55 3.71 8.53
C ILE A 35 -2.95 4.31 8.58
N SER A 36 -3.05 5.60 8.32
CA SER A 36 -4.33 6.28 8.33
C SER A 36 -4.54 7.09 7.04
N GLU A 37 -5.68 7.74 6.94
CA GLU A 37 -6.01 8.55 5.76
C GLU A 37 -4.89 9.52 5.46
N ALA A 38 -4.33 10.13 6.50
CA ALA A 38 -3.24 11.09 6.34
C ALA A 38 -2.14 10.53 5.43
N GLN A 39 -1.65 9.34 5.78
CA GLN A 39 -0.60 8.70 5.01
C GLN A 39 -1.06 8.40 3.59
N LEU A 40 -2.36 8.15 3.44
CA LEU A 40 -2.94 7.84 2.14
C LEU A 40 -3.14 9.11 1.32
N THR A 41 -3.61 10.17 1.97
CA THR A 41 -3.85 11.44 1.31
C THR A 41 -2.54 12.06 0.85
N ASP A 42 -1.49 11.86 1.62
CA ASP A 42 -0.17 12.40 1.28
C ASP A 42 0.21 12.06 -0.15
N ALA A 43 0.33 13.08 -0.99
CA ALA A 43 0.68 12.89 -2.39
C ALA A 43 2.05 12.24 -2.53
N GLU A 44 2.92 12.50 -1.55
CA GLU A 44 4.27 11.93 -1.56
C GLU A 44 4.26 10.49 -1.05
N THR A 45 3.62 10.28 0.10
CA THR A 45 3.53 8.95 0.69
C THR A 45 2.67 8.03 -0.16
N SER A 46 1.59 8.60 -0.72
CA SER A 46 0.67 7.83 -1.56
C SER A 46 1.43 6.96 -2.57
N LYS A 47 2.22 7.61 -3.42
CA LYS A 47 3.01 6.89 -4.41
C LYS A 47 3.96 5.92 -3.72
N LEU A 48 4.53 6.36 -2.60
CA LEU A 48 5.44 5.53 -1.83
C LEU A 48 4.74 4.26 -1.35
N ILE A 49 3.43 4.37 -1.16
CA ILE A 49 2.63 3.24 -0.69
C ILE A 49 2.12 2.38 -1.84
N TYR A 50 1.98 2.98 -3.03
CA TYR A 50 1.48 2.23 -4.17
C TYR A 50 2.46 1.12 -4.55
N ASP A 51 3.71 1.26 -4.15
CA ASP A 51 4.69 0.22 -4.38
C ASP A 51 4.27 -1.07 -3.67
N PHE A 52 3.35 -0.94 -2.70
CA PHE A 52 2.87 -2.08 -1.94
C PHE A 52 1.68 -2.76 -2.61
N ILE A 53 0.58 -2.03 -2.80
CA ILE A 53 -0.61 -2.59 -3.45
C ILE A 53 -0.34 -2.91 -4.92
N GLU A 54 0.72 -2.31 -5.46
CA GLU A 54 1.09 -2.53 -6.87
C GLU A 54 1.91 -3.81 -7.01
N ASP A 55 2.72 -4.12 -6.01
CA ASP A 55 3.57 -5.31 -6.04
C ASP A 55 2.84 -6.54 -5.49
N GLN A 56 1.89 -6.30 -4.59
CA GLN A 56 1.12 -7.38 -3.98
C GLN A 56 0.29 -8.12 -5.03
N GLY A 57 0.16 -7.55 -6.23
CA GLY A 57 -0.63 -8.19 -7.26
C GLY A 57 -1.90 -7.41 -7.55
N GLY A 58 -2.32 -6.61 -6.58
CA GLY A 58 -3.53 -5.83 -6.75
C GLY A 58 -4.33 -5.72 -5.46
N LEU A 59 -5.02 -4.61 -5.30
CA LEU A 59 -5.83 -4.37 -4.10
C LEU A 59 -7.00 -5.35 -4.03
N GLU A 60 -7.80 -5.39 -5.09
CA GLU A 60 -8.88 -6.35 -5.17
C GLU A 60 -8.28 -7.75 -5.22
N ALA A 61 -7.10 -7.81 -5.82
CA ALA A 61 -6.32 -9.03 -5.91
C ALA A 61 -5.86 -9.44 -4.52
N VAL A 62 -5.71 -8.45 -3.63
CA VAL A 62 -5.32 -8.70 -2.25
C VAL A 62 -6.53 -9.25 -1.48
N ARG A 63 -7.71 -8.72 -1.80
CA ARG A 63 -8.93 -9.17 -1.17
C ARG A 63 -9.05 -10.69 -1.29
N GLN A 64 -8.55 -11.21 -2.40
CA GLN A 64 -8.56 -12.65 -2.64
C GLN A 64 -7.64 -13.36 -1.64
N GLU A 65 -6.67 -12.62 -1.11
CA GLU A 65 -5.73 -13.17 -0.14
C GLU A 65 -6.31 -13.09 1.27
N MET A 66 -6.72 -11.89 1.68
CA MET A 66 -7.28 -11.68 3.01
C MET A 66 -8.38 -12.70 3.30
N ARG A 67 -9.09 -13.12 2.25
CA ARG A 67 -10.17 -14.08 2.40
C ARG A 67 -9.64 -15.40 2.98
N ARG A 68 -8.40 -15.73 2.65
CA ARG A 68 -7.78 -16.95 3.14
C ARG A 68 -6.32 -17.02 2.74
N GLN A 69 -5.45 -16.38 3.54
CA GLN A 69 -4.03 -16.36 3.27
C GLN A 69 -3.45 -17.77 3.37
N GLY A 70 -4.10 -18.63 4.14
CA GLY A 70 -3.64 -19.99 4.31
C GLY A 70 -4.18 -20.65 5.56
N GLY A 71 -3.44 -20.55 6.66
CA GLY A 71 -3.88 -21.16 7.90
C GLY A 71 -4.11 -22.65 7.77
N SER A 72 -3.10 -23.43 8.15
CA SER A 72 -3.19 -24.88 8.07
C SER A 72 -3.03 -25.51 9.46
N GLY A 73 -3.88 -25.09 10.40
CA GLY A 73 -3.82 -25.61 11.74
C GLY A 73 -4.05 -24.55 12.79
N GLY A 74 -2.97 -24.08 13.41
CA GLY A 74 -3.09 -23.06 14.43
C GLY A 74 -3.76 -21.80 13.92
N SER A 75 -3.22 -21.23 12.86
CA SER A 75 -3.77 -20.00 12.27
C SER A 75 -3.59 -18.82 13.22
N GLN A 76 -2.34 -18.46 13.48
CA GLN A 76 -2.03 -17.34 14.37
C GLN A 76 -2.62 -16.04 13.83
N SER A 77 -2.14 -14.92 14.36
CA SER A 77 -2.63 -13.61 13.93
C SER A 77 -2.58 -13.48 12.41
N SER A 78 -3.46 -12.64 11.88
CA SER A 78 -3.51 -12.43 10.43
C SER A 78 -2.15 -12.00 9.89
N GLU A 79 -1.86 -10.70 10.02
CA GLU A 79 -0.59 -10.16 9.54
C GLU A 79 -0.43 -10.37 8.03
N GLY A 80 0.04 -11.55 7.65
CA GLY A 80 0.24 -11.86 6.25
C GLY A 80 1.01 -10.78 5.53
N LEU A 81 0.36 -10.12 4.58
CA LEU A 81 1.00 -9.06 3.81
C LEU A 81 1.02 -7.76 4.62
N VAL A 82 0.05 -7.62 5.52
CA VAL A 82 -0.04 -6.43 6.36
C VAL A 82 1.30 -6.13 7.02
N GLY A 83 1.88 -7.14 7.65
CA GLY A 83 3.15 -6.98 8.32
C GLY A 83 4.22 -6.44 7.39
N ALA A 84 4.09 -6.76 6.10
CA ALA A 84 5.05 -6.30 5.10
C ALA A 84 4.89 -4.81 4.84
N LEU A 85 3.67 -4.32 4.99
CA LEU A 85 3.38 -2.91 4.77
C LEU A 85 4.02 -2.04 5.84
N MET A 86 3.90 -2.47 7.10
CA MET A 86 4.49 -1.75 8.21
C MET A 86 5.96 -1.45 7.95
N HIS A 87 6.58 -2.27 7.10
CA HIS A 87 7.99 -2.09 6.76
C HIS A 87 8.18 -0.92 5.80
N VAL A 88 7.27 -0.78 4.84
CA VAL A 88 7.36 0.29 3.86
C VAL A 88 7.25 1.67 4.54
N MET A 89 6.55 1.70 5.67
CA MET A 89 6.37 2.94 6.42
C MET A 89 7.61 3.24 7.27
N GLN A 90 8.23 2.19 7.79
CA GLN A 90 9.44 2.34 8.60
C GLN A 90 10.51 3.07 7.81
N LYS A 91 10.46 2.94 6.49
CA LYS A 91 11.42 3.60 5.61
C LYS A 91 11.25 5.12 5.66
N ARG A 92 10.02 5.57 5.51
CA ARG A 92 9.71 7.00 5.55
C ARG A 92 9.58 7.49 6.99
N SER A 93 9.27 6.58 7.90
CA SER A 93 9.12 6.91 9.31
C SER A 93 10.29 7.77 9.80
N ARG A 94 11.48 7.49 9.25
CA ARG A 94 12.68 8.23 9.64
C ARG A 94 12.93 9.38 8.67
N ALA A 95 13.23 9.06 7.43
CA ALA A 95 13.49 10.07 6.40
C ALA A 95 14.48 11.11 6.90
N ILE A 96 15.36 10.71 7.82
CA ILE A 96 16.35 11.62 8.39
C ILE A 96 17.58 11.71 7.49
N HIS A 97 17.99 10.58 6.92
CA HIS A 97 19.15 10.55 6.05
C HIS A 97 18.78 10.07 4.65
N SER A 98 18.62 11.04 3.74
CA SER A 98 18.27 10.72 2.35
C SER A 98 19.51 10.38 1.54
N SER A 99 20.64 10.97 1.93
CA SER A 99 21.90 10.73 1.24
C SER A 99 22.55 9.44 1.72
N ASP A 100 22.23 9.05 2.95
CA ASP A 100 22.78 7.82 3.52
C ASP A 100 21.68 6.82 3.82
N GLU A 101 21.06 6.30 2.76
CA GLU A 101 19.98 5.32 2.91
C GLU A 101 20.39 3.97 2.36
N GLY A 102 21.12 3.20 3.17
CA GLY A 102 21.56 1.89 2.74
C GLY A 102 22.84 1.95 1.93
N GLU A 103 23.73 2.87 2.30
CA GLU A 103 24.99 3.03 1.61
C GLU A 103 26.08 3.55 2.54
N ASP A 104 27.31 3.61 2.05
CA ASP A 104 28.43 4.08 2.85
C ASP A 104 29.28 5.08 2.07
N GLN A 105 29.35 6.31 2.57
CA GLN A 105 30.12 7.37 1.92
C GLN A 105 31.59 7.28 2.32
N ALA A 106 31.88 7.57 3.59
CA ALA A 106 33.25 7.54 4.09
C ALA A 106 33.42 6.44 5.13
N GLY A 107 34.64 5.95 5.26
CA GLY A 107 34.93 4.90 6.22
C GLY A 107 34.88 3.52 5.60
N SER A 1 -4.10 4.32 -21.92
CA SER A 1 -2.83 4.53 -21.19
C SER A 1 -2.73 5.97 -20.66
N GLY A 2 -2.91 6.93 -21.56
CA GLY A 2 -2.84 8.33 -21.17
C GLY A 2 -4.02 8.75 -20.31
N PHE A 3 -5.11 9.15 -20.96
CA PHE A 3 -6.31 9.57 -20.25
C PHE A 3 -7.51 8.71 -20.65
N LYS A 4 -7.67 7.60 -19.94
CA LYS A 4 -8.77 6.67 -20.21
C LYS A 4 -9.30 6.06 -18.92
N HIS A 5 -10.43 5.38 -19.01
CA HIS A 5 -11.04 4.75 -17.85
C HIS A 5 -11.10 3.24 -18.02
N VAL A 6 -10.25 2.52 -17.29
CA VAL A 6 -10.21 1.07 -17.37
C VAL A 6 -9.97 0.45 -16.00
N SER A 7 -10.42 -0.79 -15.83
CA SER A 7 -10.25 -1.50 -14.57
C SER A 7 -8.77 -1.56 -14.17
N HIS A 8 -7.88 -1.40 -15.16
CA HIS A 8 -6.44 -1.45 -14.91
C HIS A 8 -6.06 -0.61 -13.69
N VAL A 9 -5.74 -1.28 -12.60
CA VAL A 9 -5.35 -0.60 -11.38
C VAL A 9 -6.41 0.38 -10.91
N GLY A 10 -6.35 0.73 -9.63
CA GLY A 10 -7.28 1.69 -9.07
C GLY A 10 -6.57 2.97 -8.71
N TRP A 11 -5.30 2.85 -8.32
CA TRP A 11 -4.49 4.01 -7.98
C TRP A 11 -4.26 4.87 -9.22
N ASP A 12 -4.96 5.98 -9.28
CA ASP A 12 -4.85 6.91 -10.40
C ASP A 12 -3.83 8.00 -10.09
N PRO A 13 -2.72 8.06 -10.87
CA PRO A 13 -1.68 9.08 -10.66
C PRO A 13 -2.25 10.49 -10.60
N GLN A 14 -1.54 11.38 -9.90
CA GLN A 14 -1.97 12.77 -9.76
C GLN A 14 -3.13 12.90 -8.76
N ASN A 15 -3.56 11.79 -8.18
CA ASN A 15 -4.65 11.81 -7.22
C ASN A 15 -4.26 11.09 -5.93
N GLY A 16 -3.97 9.80 -6.04
CA GLY A 16 -3.58 9.02 -4.88
C GLY A 16 -4.64 8.00 -4.49
N PHE A 17 -4.88 7.88 -3.20
CA PHE A 17 -5.87 6.94 -2.69
C PHE A 17 -7.28 7.47 -2.89
N ASP A 18 -8.27 6.65 -2.53
CA ASP A 18 -9.67 7.05 -2.67
C ASP A 18 -10.54 6.35 -1.62
N VAL A 19 -10.17 6.50 -0.35
CA VAL A 19 -10.90 5.88 0.74
C VAL A 19 -12.41 6.09 0.59
N ASN A 20 -12.79 7.21 -0.01
CA ASN A 20 -14.20 7.52 -0.21
C ASN A 20 -14.91 6.37 -0.93
N ASN A 21 -14.15 5.64 -1.73
CA ASN A 21 -14.68 4.51 -2.47
C ASN A 21 -13.73 3.31 -2.44
N LEU A 22 -12.70 3.38 -1.60
CA LEU A 22 -11.73 2.30 -1.49
C LEU A 22 -12.35 1.05 -0.85
N ASP A 23 -11.80 -0.10 -1.17
CA ASP A 23 -12.30 -1.37 -0.64
C ASP A 23 -12.19 -1.39 0.88
N PRO A 24 -13.16 -2.03 1.56
CA PRO A 24 -13.17 -2.13 3.02
C PRO A 24 -12.11 -3.10 3.54
N ASP A 25 -11.90 -4.18 2.81
CA ASP A 25 -10.91 -5.17 3.20
C ASP A 25 -9.51 -4.57 3.21
N LEU A 26 -9.18 -3.84 2.16
CA LEU A 26 -7.86 -3.20 2.06
C LEU A 26 -7.78 -2.02 3.03
N ARG A 27 -8.91 -1.38 3.28
CA ARG A 27 -8.95 -0.25 4.21
C ARG A 27 -8.45 -0.65 5.59
N SER A 28 -8.78 -1.87 6.00
CA SER A 28 -8.35 -2.38 7.29
C SER A 28 -6.86 -2.71 7.27
N LEU A 29 -6.38 -3.13 6.10
CA LEU A 29 -4.96 -3.48 5.94
C LEU A 29 -4.08 -2.32 6.38
N PHE A 30 -4.62 -1.11 6.34
CA PHE A 30 -3.88 0.08 6.74
C PHE A 30 -4.04 0.33 8.23
N SER A 31 -5.28 0.42 8.68
CA SER A 31 -5.57 0.65 10.09
C SER A 31 -4.82 -0.34 10.98
N ARG A 32 -4.50 -1.49 10.42
CA ARG A 32 -3.78 -2.52 11.15
C ARG A 32 -2.27 -2.30 11.06
N ALA A 33 -1.81 -1.89 9.89
CA ALA A 33 -0.39 -1.64 9.67
C ALA A 33 0.04 -0.33 10.33
N GLY A 34 -0.91 0.57 10.54
CA GLY A 34 -0.60 1.83 11.17
C GLY A 34 -0.89 3.02 10.27
N ILE A 35 -0.98 2.76 8.97
CA ILE A 35 -1.25 3.82 7.99
C ILE A 35 -2.68 4.36 8.17
N SER A 36 -2.81 5.68 8.07
CA SER A 36 -4.12 6.33 8.20
C SER A 36 -4.44 7.17 6.97
N GLU A 37 -5.62 7.77 6.96
CA GLU A 37 -6.04 8.61 5.85
C GLU A 37 -4.97 9.63 5.48
N ALA A 38 -4.28 10.13 6.50
CA ALA A 38 -3.22 11.12 6.30
C ALA A 38 -2.15 10.59 5.35
N GLN A 39 -1.82 9.31 5.49
CA GLN A 39 -0.80 8.69 4.65
C GLN A 39 -1.36 8.37 3.26
N LEU A 40 -2.68 8.24 3.18
CA LEU A 40 -3.33 7.94 1.91
C LEU A 40 -3.65 9.21 1.12
N THR A 41 -3.92 10.29 1.84
CA THR A 41 -4.24 11.57 1.22
C THR A 41 -2.99 12.20 0.61
N ASP A 42 -1.86 12.01 1.27
CA ASP A 42 -0.59 12.55 0.79
C ASP A 42 -0.11 11.81 -0.45
N ALA A 43 -0.09 12.50 -1.58
CA ALA A 43 0.35 11.90 -2.84
C ALA A 43 1.80 11.44 -2.74
N GLU A 44 2.65 12.28 -2.17
CA GLU A 44 4.06 11.96 -2.03
C GLU A 44 4.25 10.64 -1.27
N THR A 45 3.39 10.41 -0.29
CA THR A 45 3.45 9.19 0.51
C THR A 45 2.78 8.03 -0.20
N SER A 46 1.68 8.32 -0.89
CA SER A 46 0.95 7.29 -1.62
C SER A 46 1.86 6.55 -2.60
N LYS A 47 2.75 7.30 -3.24
CA LYS A 47 3.68 6.71 -4.21
C LYS A 47 4.51 5.59 -3.59
N LEU A 48 5.14 5.88 -2.45
CA LEU A 48 5.96 4.89 -1.77
C LEU A 48 5.11 3.73 -1.25
N ILE A 49 3.81 4.00 -1.05
CA ILE A 49 2.90 2.99 -0.54
C ILE A 49 2.29 2.16 -1.66
N TYR A 50 2.11 2.77 -2.83
CA TYR A 50 1.50 2.08 -3.95
C TYR A 50 2.37 0.91 -4.40
N ASP A 51 3.66 0.95 -4.08
CA ASP A 51 4.54 -0.16 -4.38
C ASP A 51 4.08 -1.40 -3.63
N PHE A 52 3.24 -1.20 -2.61
CA PHE A 52 2.72 -2.30 -1.81
C PHE A 52 1.47 -2.91 -2.43
N ILE A 53 0.41 -2.12 -2.58
CA ILE A 53 -0.83 -2.62 -3.19
C ILE A 53 -0.61 -2.96 -4.66
N GLU A 54 0.46 -2.43 -5.25
CA GLU A 54 0.79 -2.69 -6.64
C GLU A 54 1.56 -4.00 -6.78
N ASP A 55 2.35 -4.34 -5.75
CA ASP A 55 3.18 -5.54 -5.78
C ASP A 55 2.37 -6.79 -5.39
N GLN A 56 1.55 -6.66 -4.36
CA GLN A 56 0.75 -7.79 -3.89
C GLN A 56 -0.10 -8.39 -5.01
N GLY A 57 -0.32 -7.60 -6.06
CA GLY A 57 -1.12 -8.07 -7.17
C GLY A 57 -2.30 -7.15 -7.43
N GLY A 58 -2.77 -6.49 -6.37
CA GLY A 58 -3.89 -5.58 -6.51
C GLY A 58 -4.68 -5.45 -5.23
N LEU A 59 -5.32 -4.29 -5.06
CA LEU A 59 -6.11 -4.00 -3.88
C LEU A 59 -7.30 -4.95 -3.78
N GLU A 60 -8.11 -4.99 -4.82
CA GLU A 60 -9.24 -5.92 -4.87
C GLU A 60 -8.71 -7.33 -5.09
N ALA A 61 -7.56 -7.39 -5.76
CA ALA A 61 -6.87 -8.62 -6.00
C ALA A 61 -6.35 -9.21 -4.68
N VAL A 62 -6.10 -8.32 -3.72
CA VAL A 62 -5.66 -8.73 -2.39
C VAL A 62 -6.83 -9.39 -1.66
N ARG A 63 -8.02 -8.84 -1.84
CA ARG A 63 -9.22 -9.41 -1.22
C ARG A 63 -9.31 -10.89 -1.55
N GLN A 64 -8.80 -11.27 -2.72
CA GLN A 64 -8.78 -12.65 -3.13
C GLN A 64 -7.76 -13.45 -2.33
N GLU A 65 -6.68 -12.77 -1.93
CA GLU A 65 -5.64 -13.40 -1.14
C GLU A 65 -5.97 -13.37 0.34
N MET A 66 -6.39 -12.20 0.84
CA MET A 66 -6.74 -12.04 2.24
C MET A 66 -7.69 -13.15 2.69
N ARG A 67 -8.56 -13.58 1.78
CA ARG A 67 -9.53 -14.62 2.08
C ARG A 67 -8.81 -15.92 2.49
N ARG A 68 -7.71 -16.22 1.82
CA ARG A 68 -6.94 -17.42 2.12
C ARG A 68 -5.98 -17.18 3.27
N GLN A 69 -5.30 -16.04 3.24
CA GLN A 69 -4.35 -15.67 4.28
C GLN A 69 -3.42 -16.84 4.61
N GLY A 70 -2.63 -16.70 5.67
CA GLY A 70 -1.71 -17.76 6.06
C GLY A 70 -0.59 -17.24 6.94
N GLY A 71 0.58 -17.88 6.84
CA GLY A 71 1.71 -17.47 7.65
C GLY A 71 2.10 -18.51 8.68
N SER A 72 2.10 -19.78 8.28
CA SER A 72 2.45 -20.87 9.18
C SER A 72 3.86 -21.39 8.89
N GLY A 73 4.85 -20.78 9.51
CA GLY A 73 6.22 -21.20 9.30
C GLY A 73 6.84 -21.81 10.55
N GLY A 74 6.73 -21.10 11.66
CA GLY A 74 7.29 -21.59 12.91
C GLY A 74 6.29 -21.55 14.05
N SER A 75 6.12 -20.38 14.64
CA SER A 75 5.18 -20.21 15.75
C SER A 75 4.57 -18.82 15.72
N GLN A 76 4.22 -18.34 14.53
CA GLN A 76 3.63 -17.03 14.37
C GLN A 76 2.36 -17.09 13.54
N SER A 77 1.45 -16.15 13.77
CA SER A 77 0.19 -16.11 13.04
C SER A 77 -0.30 -14.68 12.86
N SER A 78 -1.14 -14.47 11.85
CA SER A 78 -1.68 -13.14 11.57
C SER A 78 -0.56 -12.10 11.46
N GLU A 79 -0.94 -10.84 11.33
CA GLU A 79 0.03 -9.76 11.21
C GLU A 79 1.05 -10.06 10.12
N GLY A 80 0.66 -10.90 9.17
CA GLY A 80 1.55 -11.25 8.08
C GLY A 80 1.50 -10.24 6.94
N LEU A 81 0.45 -10.33 6.13
CA LEU A 81 0.28 -9.41 5.01
C LEU A 81 0.29 -7.97 5.48
N VAL A 82 -0.27 -7.74 6.66
CA VAL A 82 -0.31 -6.40 7.24
C VAL A 82 1.06 -6.00 7.80
N GLY A 83 1.70 -6.94 8.49
CA GLY A 83 3.00 -6.68 9.06
C GLY A 83 4.03 -6.32 8.00
N ALA A 84 3.81 -6.82 6.79
CA ALA A 84 4.72 -6.55 5.68
C ALA A 84 4.69 -5.07 5.30
N LEU A 85 3.53 -4.44 5.45
CA LEU A 85 3.37 -3.03 5.13
C LEU A 85 4.03 -2.17 6.19
N MET A 86 4.12 -2.70 7.41
CA MET A 86 4.73 -1.97 8.52
C MET A 86 6.19 -1.66 8.22
N HIS A 87 6.88 -2.62 7.61
CA HIS A 87 8.29 -2.45 7.27
C HIS A 87 8.47 -1.41 6.18
N VAL A 88 7.57 -1.44 5.20
CA VAL A 88 7.61 -0.48 4.09
C VAL A 88 7.29 0.94 4.57
N MET A 89 6.62 1.03 5.71
CA MET A 89 6.26 2.32 6.29
C MET A 89 7.48 2.97 6.93
N GLN A 90 8.40 2.15 7.42
CA GLN A 90 9.61 2.64 8.05
C GLN A 90 10.39 3.53 7.09
N LYS A 91 10.21 3.29 5.80
CA LYS A 91 10.90 4.05 4.77
C LYS A 91 10.69 5.55 4.98
N ARG A 92 9.47 5.92 5.35
CA ARG A 92 9.13 7.32 5.58
C ARG A 92 9.69 7.79 6.93
N SER A 93 9.52 6.97 7.96
CA SER A 93 10.00 7.30 9.29
C SER A 93 11.48 7.68 9.24
N ARG A 94 12.30 6.81 8.66
CA ARG A 94 13.73 7.06 8.56
C ARG A 94 14.04 8.02 7.41
N ALA A 95 13.66 7.61 6.19
CA ALA A 95 13.89 8.42 5.01
C ALA A 95 15.37 8.73 4.84
N ILE A 96 15.97 8.16 3.79
CA ILE A 96 17.39 8.37 3.51
C ILE A 96 17.57 9.21 2.24
N HIS A 97 17.17 8.65 1.11
CA HIS A 97 17.29 9.34 -0.17
C HIS A 97 16.00 10.09 -0.51
N SER A 98 15.92 11.35 -0.08
CA SER A 98 14.75 12.16 -0.34
C SER A 98 14.78 12.74 -1.74
N SER A 99 15.98 13.02 -2.23
CA SER A 99 16.16 13.58 -3.58
C SER A 99 15.78 12.56 -4.64
N ASP A 100 15.86 11.27 -4.28
CA ASP A 100 15.53 10.19 -5.22
C ASP A 100 14.20 9.55 -4.85
N GLU A 101 13.25 10.38 -4.41
CA GLU A 101 11.93 9.88 -4.02
C GLU A 101 11.09 9.59 -5.26
N GLY A 102 11.51 8.61 -6.04
CA GLY A 102 10.78 8.25 -7.25
C GLY A 102 11.14 6.87 -7.75
N GLU A 103 10.40 6.40 -8.75
CA GLU A 103 10.66 5.08 -9.33
C GLU A 103 11.45 5.20 -10.63
N ASP A 104 10.75 5.50 -11.72
CA ASP A 104 11.39 5.64 -13.02
C ASP A 104 11.60 7.12 -13.37
N GLN A 105 12.04 7.37 -14.59
CA GLN A 105 12.27 8.73 -15.05
C GLN A 105 11.26 9.15 -16.11
N ALA A 106 9.99 9.10 -15.75
CA ALA A 106 8.91 9.47 -16.66
C ALA A 106 8.98 10.94 -17.03
N GLY A 107 9.22 11.23 -18.30
CA GLY A 107 9.31 12.61 -18.74
C GLY A 107 8.48 12.87 -20.00
N SER A 1 -23.21 10.50 -14.62
CA SER A 1 -22.31 9.65 -15.44
C SER A 1 -20.84 9.89 -15.09
N GLY A 2 -20.08 8.82 -14.96
CA GLY A 2 -18.67 8.94 -14.64
C GLY A 2 -17.83 7.89 -15.33
N PHE A 3 -17.86 7.89 -16.66
CA PHE A 3 -17.09 6.93 -17.45
C PHE A 3 -15.61 7.31 -17.47
N LYS A 4 -14.78 6.45 -16.88
CA LYS A 4 -13.35 6.69 -16.82
C LYS A 4 -12.58 5.59 -17.54
N HIS A 5 -11.28 5.79 -17.70
CA HIS A 5 -10.43 4.81 -18.38
C HIS A 5 -9.42 4.21 -17.41
N VAL A 6 -9.65 2.95 -17.04
CA VAL A 6 -8.76 2.26 -16.12
C VAL A 6 -8.33 0.90 -16.68
N SER A 7 -7.08 0.82 -17.11
CA SER A 7 -6.54 -0.42 -17.68
C SER A 7 -6.82 -1.60 -16.74
N HIS A 8 -6.64 -1.38 -15.44
CA HIS A 8 -6.87 -2.43 -14.46
C HIS A 8 -6.59 -1.93 -13.05
N VAL A 9 -5.58 -1.08 -12.94
CA VAL A 9 -5.19 -0.51 -11.66
C VAL A 9 -6.20 0.53 -11.19
N GLY A 10 -6.35 0.63 -9.88
CA GLY A 10 -7.27 1.60 -9.31
C GLY A 10 -6.57 2.91 -8.99
N TRP A 11 -5.30 2.81 -8.61
CA TRP A 11 -4.50 3.99 -8.30
C TRP A 11 -4.02 4.66 -9.59
N ASP A 12 -4.12 5.99 -9.62
CA ASP A 12 -3.69 6.76 -10.78
C ASP A 12 -2.61 7.77 -10.40
N PRO A 13 -1.54 7.88 -11.22
CA PRO A 13 -0.46 8.83 -10.96
C PRO A 13 -0.93 10.28 -11.02
N GLN A 14 -1.71 10.68 -10.01
CA GLN A 14 -2.23 12.04 -9.96
C GLN A 14 -2.96 12.29 -8.64
N ASN A 15 -4.17 11.77 -8.53
CA ASN A 15 -4.97 11.92 -7.32
C ASN A 15 -4.34 11.19 -6.14
N GLY A 16 -3.98 9.94 -6.36
CA GLY A 16 -3.37 9.15 -5.30
C GLY A 16 -4.24 7.99 -4.86
N PHE A 17 -4.62 8.00 -3.60
CA PHE A 17 -5.46 6.94 -3.04
C PHE A 17 -6.94 7.25 -3.25
N ASP A 18 -7.77 6.20 -3.21
CA ASP A 18 -9.20 6.36 -3.36
C ASP A 18 -9.91 6.09 -2.04
N VAL A 19 -9.32 6.58 -0.95
CA VAL A 19 -9.88 6.38 0.38
C VAL A 19 -11.37 6.67 0.41
N ASN A 20 -11.81 7.57 -0.47
CA ASN A 20 -13.23 7.92 -0.56
C ASN A 20 -14.06 6.66 -0.78
N ASN A 21 -13.63 5.85 -1.74
CA ASN A 21 -14.31 4.59 -2.03
C ASN A 21 -13.41 3.41 -1.67
N LEU A 22 -12.53 3.63 -0.70
CA LEU A 22 -11.60 2.60 -0.24
C LEU A 22 -12.34 1.32 0.11
N ASP A 23 -11.79 0.18 -0.31
CA ASP A 23 -12.40 -1.12 -0.04
C ASP A 23 -12.26 -1.48 1.44
N PRO A 24 -13.29 -2.12 2.02
CA PRO A 24 -13.27 -2.52 3.43
C PRO A 24 -12.04 -3.35 3.78
N ASP A 25 -11.75 -4.34 2.96
CA ASP A 25 -10.60 -5.21 3.17
C ASP A 25 -9.30 -4.41 3.19
N LEU A 26 -9.04 -3.68 2.12
CA LEU A 26 -7.84 -2.87 2.03
C LEU A 26 -7.83 -1.79 3.10
N ARG A 27 -9.01 -1.36 3.52
CA ARG A 27 -9.14 -0.34 4.56
C ARG A 27 -8.56 -0.85 5.88
N SER A 28 -8.69 -2.15 6.11
CA SER A 28 -8.19 -2.76 7.33
C SER A 28 -6.69 -3.01 7.24
N LEU A 29 -6.21 -3.29 6.03
CA LEU A 29 -4.79 -3.55 5.82
C LEU A 29 -3.95 -2.35 6.27
N PHE A 30 -4.58 -1.18 6.32
CA PHE A 30 -3.89 0.03 6.75
C PHE A 30 -3.90 0.16 8.27
N SER A 31 -5.10 0.30 8.83
CA SER A 31 -5.26 0.43 10.28
C SER A 31 -4.50 -0.67 11.01
N ARG A 32 -4.30 -1.80 10.32
CA ARG A 32 -3.57 -2.92 10.90
C ARG A 32 -2.07 -2.74 10.72
N ALA A 33 -1.68 -2.01 9.68
CA ALA A 33 -0.27 -1.75 9.41
C ALA A 33 0.20 -0.48 10.11
N GLY A 34 -0.74 0.41 10.43
CA GLY A 34 -0.39 1.64 11.10
C GLY A 34 -0.71 2.87 10.28
N ILE A 35 -0.81 2.70 8.97
CA ILE A 35 -1.12 3.80 8.07
C ILE A 35 -2.53 4.33 8.30
N SER A 36 -2.73 5.61 8.01
CA SER A 36 -4.04 6.24 8.18
C SER A 36 -4.43 7.04 6.94
N GLU A 37 -5.61 7.66 6.99
CA GLU A 37 -6.09 8.46 5.87
C GLU A 37 -5.07 9.54 5.49
N ALA A 38 -4.40 10.08 6.50
CA ALA A 38 -3.40 11.13 6.28
C ALA A 38 -2.35 10.68 5.28
N GLN A 39 -1.96 9.41 5.35
CA GLN A 39 -0.95 8.87 4.45
C GLN A 39 -1.55 8.59 3.07
N LEU A 40 -2.80 8.17 3.05
CA LEU A 40 -3.48 7.87 1.79
C LEU A 40 -3.80 9.15 1.02
N THR A 41 -4.32 10.15 1.71
CA THR A 41 -4.67 11.42 1.09
C THR A 41 -3.44 12.07 0.45
N ASP A 42 -2.27 11.85 1.06
CA ASP A 42 -1.04 12.43 0.56
C ASP A 42 -0.71 11.87 -0.83
N ALA A 43 -1.02 12.64 -1.86
CA ALA A 43 -0.77 12.23 -3.24
C ALA A 43 0.65 11.69 -3.40
N GLU A 44 1.56 12.17 -2.56
CA GLU A 44 2.95 11.73 -2.61
C GLU A 44 3.12 10.37 -1.96
N THR A 45 2.79 10.28 -0.67
CA THR A 45 2.89 9.03 0.07
C THR A 45 2.16 7.91 -0.66
N SER A 46 1.16 8.27 -1.45
CA SER A 46 0.41 7.27 -2.21
C SER A 46 1.38 6.46 -3.07
N LYS A 47 2.36 7.16 -3.63
CA LYS A 47 3.39 6.51 -4.44
C LYS A 47 4.35 5.74 -3.55
N LEU A 48 4.47 6.18 -2.29
CA LEU A 48 5.31 5.50 -1.32
C LEU A 48 4.67 4.18 -0.94
N ILE A 49 3.35 4.22 -0.79
CA ILE A 49 2.57 3.07 -0.39
C ILE A 49 2.12 2.23 -1.58
N TYR A 50 2.10 2.83 -2.78
CA TYR A 50 1.65 2.09 -3.94
C TYR A 50 2.60 0.94 -4.25
N ASP A 51 3.84 1.05 -3.80
CA ASP A 51 4.80 -0.03 -3.97
C ASP A 51 4.28 -1.29 -3.27
N PHE A 52 3.33 -1.11 -2.35
CA PHE A 52 2.75 -2.21 -1.60
C PHE A 52 1.53 -2.82 -2.31
N ILE A 53 0.52 -1.99 -2.58
CA ILE A 53 -0.68 -2.47 -3.27
C ILE A 53 -0.39 -2.78 -4.73
N GLU A 54 0.70 -2.23 -5.26
CA GLU A 54 1.08 -2.47 -6.64
C GLU A 54 1.87 -3.78 -6.76
N ASP A 55 2.68 -4.07 -5.75
CA ASP A 55 3.51 -5.27 -5.75
C ASP A 55 2.76 -6.44 -5.12
N GLN A 56 1.95 -6.15 -4.11
CA GLN A 56 1.19 -7.17 -3.42
C GLN A 56 0.32 -7.98 -4.39
N GLY A 57 0.07 -7.42 -5.56
CA GLY A 57 -0.75 -8.08 -6.54
C GLY A 57 -1.96 -7.26 -6.94
N GLY A 58 -2.37 -6.37 -6.05
CA GLY A 58 -3.52 -5.52 -6.31
C GLY A 58 -4.36 -5.30 -5.08
N LEU A 59 -5.00 -4.15 -5.00
CA LEU A 59 -5.85 -3.81 -3.86
C LEU A 59 -7.02 -4.78 -3.74
N GLU A 60 -7.79 -4.90 -4.81
CA GLU A 60 -8.90 -5.85 -4.86
C GLU A 60 -8.33 -7.25 -5.01
N ALA A 61 -7.20 -7.31 -5.71
CA ALA A 61 -6.47 -8.54 -5.90
C ALA A 61 -6.00 -9.08 -4.54
N VAL A 62 -5.83 -8.16 -3.58
CA VAL A 62 -5.45 -8.54 -2.22
C VAL A 62 -6.64 -9.17 -1.52
N ARG A 63 -7.82 -8.59 -1.75
CA ARG A 63 -9.05 -9.11 -1.17
C ARG A 63 -9.19 -10.59 -1.49
N GLN A 64 -8.65 -10.99 -2.65
CA GLN A 64 -8.68 -12.38 -3.07
C GLN A 64 -7.77 -13.23 -2.22
N GLU A 65 -6.63 -12.66 -1.83
CA GLU A 65 -5.66 -13.37 -1.00
C GLU A 65 -6.02 -13.26 0.48
N MET A 66 -6.38 -12.05 0.91
CA MET A 66 -6.75 -11.81 2.30
C MET A 66 -7.81 -12.81 2.75
N ARG A 67 -8.64 -13.25 1.81
CA ARG A 67 -9.69 -14.21 2.11
C ARG A 67 -9.12 -15.56 2.51
N ARG A 68 -8.14 -16.03 1.73
CA ARG A 68 -7.50 -17.31 2.01
C ARG A 68 -6.78 -17.27 3.36
N GLN A 69 -6.20 -16.12 3.69
CA GLN A 69 -5.49 -15.94 4.94
C GLN A 69 -4.35 -16.95 5.06
N GLY A 70 -3.70 -16.97 6.23
CA GLY A 70 -2.61 -17.89 6.45
C GLY A 70 -2.99 -19.05 7.34
N GLY A 71 -2.53 -20.24 6.99
CA GLY A 71 -2.85 -21.42 7.79
C GLY A 71 -1.87 -22.56 7.57
N SER A 72 -2.02 -23.25 6.44
CA SER A 72 -1.14 -24.38 6.12
C SER A 72 0.32 -23.95 6.16
N GLY A 73 1.08 -24.60 7.05
CA GLY A 73 2.49 -24.28 7.18
C GLY A 73 2.82 -23.61 8.49
N GLY A 74 2.71 -22.29 8.52
CA GLY A 74 3.00 -21.54 9.74
C GLY A 74 2.49 -20.12 9.68
N SER A 75 1.59 -19.78 10.60
CA SER A 75 1.02 -18.43 10.65
C SER A 75 1.69 -17.61 11.73
N GLN A 76 2.93 -17.21 11.48
CA GLN A 76 3.69 -16.40 12.43
C GLN A 76 3.06 -15.02 12.60
N SER A 77 2.44 -14.80 13.74
CA SER A 77 1.79 -13.53 14.03
C SER A 77 0.60 -13.31 13.12
N SER A 78 -0.43 -12.65 13.65
CA SER A 78 -1.64 -12.37 12.88
C SER A 78 -1.37 -11.41 11.73
N GLU A 79 -0.67 -10.32 12.04
CA GLU A 79 -0.35 -9.31 11.05
C GLU A 79 0.74 -9.81 10.09
N GLY A 80 0.31 -10.44 9.00
CA GLY A 80 1.25 -10.95 8.02
C GLY A 80 1.32 -10.06 6.79
N LEU A 81 0.33 -10.22 5.91
CA LEU A 81 0.26 -9.40 4.70
C LEU A 81 0.31 -7.91 5.06
N VAL A 82 -0.40 -7.55 6.11
CA VAL A 82 -0.40 -6.16 6.59
C VAL A 82 0.86 -5.91 7.42
N GLY A 83 1.25 -6.91 8.21
CA GLY A 83 2.47 -6.79 9.00
C GLY A 83 3.66 -6.50 8.11
N ALA A 84 3.56 -6.90 6.85
CA ALA A 84 4.62 -6.66 5.88
C ALA A 84 4.60 -5.20 5.43
N LEU A 85 3.40 -4.62 5.38
CA LEU A 85 3.23 -3.22 5.01
C LEU A 85 3.92 -2.31 6.02
N MET A 86 3.87 -2.72 7.29
CA MET A 86 4.50 -1.94 8.36
C MET A 86 5.95 -1.64 8.01
N HIS A 87 6.63 -2.62 7.42
CA HIS A 87 8.01 -2.46 7.02
C HIS A 87 8.16 -1.31 6.01
N VAL A 88 7.50 -1.45 4.87
CA VAL A 88 7.55 -0.43 3.82
C VAL A 88 7.24 0.94 4.38
N MET A 89 6.49 0.99 5.49
CA MET A 89 6.13 2.25 6.12
C MET A 89 7.28 2.77 6.97
N GLN A 90 8.03 1.86 7.57
CA GLN A 90 9.16 2.22 8.42
C GLN A 90 10.23 2.94 7.60
N LYS A 91 10.30 2.63 6.32
CA LYS A 91 11.26 3.25 5.42
C LYS A 91 11.08 4.76 5.37
N ARG A 92 9.83 5.19 5.18
CA ARG A 92 9.51 6.60 5.10
C ARG A 92 9.62 7.25 6.47
N SER A 93 8.89 6.70 7.43
CA SER A 93 8.90 7.23 8.80
C SER A 93 10.33 7.42 9.30
N ARG A 94 11.23 6.57 8.84
CA ARG A 94 12.63 6.63 9.26
C ARG A 94 13.42 7.64 8.43
N ALA A 95 12.81 8.14 7.35
CA ALA A 95 13.49 9.11 6.48
C ALA A 95 13.20 10.54 6.90
N ILE A 96 12.28 10.73 7.84
CA ILE A 96 11.92 12.05 8.32
C ILE A 96 11.78 13.05 7.18
N HIS A 97 10.83 12.80 6.28
CA HIS A 97 10.60 13.68 5.14
C HIS A 97 11.89 13.88 4.34
N SER A 98 11.98 13.20 3.19
CA SER A 98 13.15 13.31 2.35
C SER A 98 13.28 14.72 1.76
N SER A 99 12.16 15.39 1.58
CA SER A 99 12.15 16.74 1.03
C SER A 99 13.02 17.66 1.88
N ASP A 100 12.87 17.57 3.19
CA ASP A 100 13.65 18.40 4.10
C ASP A 100 13.44 19.88 3.81
N GLU A 101 12.25 20.21 3.34
CA GLU A 101 11.91 21.60 3.02
C GLU A 101 12.25 22.52 4.19
N GLY A 102 11.67 22.23 5.34
CA GLY A 102 11.93 23.05 6.52
C GLY A 102 10.98 24.23 6.62
N GLU A 103 11.08 25.15 5.67
CA GLU A 103 10.24 26.33 5.65
C GLU A 103 10.17 26.93 4.25
N ASP A 104 9.05 27.56 3.93
CA ASP A 104 8.87 28.17 2.61
C ASP A 104 9.58 29.52 2.55
N GLN A 105 10.57 29.61 1.67
CA GLN A 105 11.33 30.85 1.50
C GLN A 105 12.10 31.18 2.77
N ALA A 106 13.31 30.67 2.88
CA ALA A 106 14.15 30.91 4.05
C ALA A 106 15.39 31.72 3.68
N GLY A 107 15.39 32.99 4.02
CA GLY A 107 16.53 33.85 3.71
C GLY A 107 17.76 33.48 4.51
N SER A 1 -8.12 14.55 -22.94
CA SER A 1 -7.40 13.44 -23.61
C SER A 1 -6.07 13.14 -22.92
N GLY A 2 -5.86 11.88 -22.58
CA GLY A 2 -4.64 11.48 -21.91
C GLY A 2 -4.90 10.67 -20.66
N PHE A 3 -4.89 11.35 -19.51
CA PHE A 3 -5.13 10.68 -18.23
C PHE A 3 -6.59 10.31 -18.08
N LYS A 4 -6.86 9.01 -17.98
CA LYS A 4 -8.23 8.52 -17.84
C LYS A 4 -8.28 7.36 -16.86
N HIS A 5 -9.39 7.25 -16.14
CA HIS A 5 -9.58 6.19 -15.16
C HIS A 5 -9.43 4.81 -15.82
N VAL A 6 -8.84 3.87 -15.08
CA VAL A 6 -8.63 2.52 -15.60
C VAL A 6 -9.11 1.47 -14.60
N SER A 7 -9.59 0.35 -15.13
CA SER A 7 -10.08 -0.73 -14.29
C SER A 7 -8.95 -1.64 -13.79
N HIS A 8 -7.74 -1.41 -14.27
CA HIS A 8 -6.59 -2.22 -13.87
C HIS A 8 -5.94 -1.66 -12.60
N VAL A 9 -6.58 -0.68 -11.97
CA VAL A 9 -6.04 -0.08 -10.76
C VAL A 9 -6.92 1.04 -10.23
N GLY A 10 -6.75 1.34 -8.95
CA GLY A 10 -7.49 2.43 -8.35
C GLY A 10 -6.58 3.64 -8.17
N TRP A 11 -5.36 3.37 -7.71
CA TRP A 11 -4.34 4.40 -7.60
C TRP A 11 -3.89 4.76 -9.01
N ASP A 12 -4.12 5.99 -9.46
CA ASP A 12 -3.78 6.30 -10.86
C ASP A 12 -3.54 7.76 -11.22
N PRO A 13 -2.35 8.30 -10.91
CA PRO A 13 -1.31 7.68 -10.12
C PRO A 13 -1.22 8.32 -8.72
N GLN A 14 -0.41 9.38 -8.60
CA GLN A 14 -0.26 10.08 -7.32
C GLN A 14 -1.53 10.84 -6.93
N ASN A 15 -2.52 10.88 -7.84
CA ASN A 15 -3.78 11.55 -7.56
C ASN A 15 -4.27 11.16 -6.16
N GLY A 16 -3.92 9.95 -5.76
CA GLY A 16 -4.24 9.49 -4.43
C GLY A 16 -5.22 8.35 -4.39
N PHE A 17 -5.27 7.68 -3.25
CA PHE A 17 -6.15 6.54 -3.05
C PHE A 17 -7.59 6.90 -3.39
N ASP A 18 -8.49 5.95 -3.19
CA ASP A 18 -9.91 6.15 -3.45
C ASP A 18 -10.71 5.96 -2.16
N VAL A 19 -10.24 6.58 -1.08
CA VAL A 19 -10.88 6.46 0.22
C VAL A 19 -12.41 6.53 0.12
N ASN A 20 -12.90 7.37 -0.79
CA ASN A 20 -14.34 7.52 -0.99
C ASN A 20 -14.99 6.17 -1.28
N ASN A 21 -14.24 5.29 -1.94
CA ASN A 21 -14.74 3.96 -2.28
C ASN A 21 -13.78 2.88 -1.80
N LEU A 22 -13.06 3.18 -0.72
CA LEU A 22 -12.11 2.23 -0.16
C LEU A 22 -12.81 0.98 0.36
N ASP A 23 -12.35 -0.17 -0.11
CA ASP A 23 -12.93 -1.45 0.30
C ASP A 23 -12.65 -1.72 1.79
N PRO A 24 -13.63 -2.33 2.49
CA PRO A 24 -13.49 -2.64 3.92
C PRO A 24 -12.24 -3.46 4.21
N ASP A 25 -12.06 -4.54 3.44
CA ASP A 25 -10.89 -5.41 3.63
C ASP A 25 -9.60 -4.60 3.65
N LEU A 26 -9.32 -3.91 2.54
CA LEU A 26 -8.11 -3.11 2.45
C LEU A 26 -8.06 -2.07 3.56
N ARG A 27 -9.20 -1.43 3.81
CA ARG A 27 -9.29 -0.42 4.86
C ARG A 27 -8.76 -0.97 6.18
N SER A 28 -8.86 -2.29 6.34
CA SER A 28 -8.38 -2.95 7.55
C SER A 28 -6.90 -3.28 7.42
N LEU A 29 -6.44 -3.45 6.19
CA LEU A 29 -5.04 -3.75 5.92
C LEU A 29 -4.15 -2.58 6.32
N PHE A 30 -4.73 -1.39 6.38
CA PHE A 30 -3.99 -0.20 6.76
C PHE A 30 -3.97 -0.03 8.27
N SER A 31 -5.15 0.09 8.87
CA SER A 31 -5.26 0.24 10.31
C SER A 31 -4.46 -0.82 11.04
N ARG A 32 -4.35 -1.99 10.42
CA ARG A 32 -3.59 -3.10 10.99
C ARG A 32 -2.09 -2.86 10.85
N ALA A 33 -1.72 -2.06 9.86
CA ALA A 33 -0.32 -1.75 9.62
C ALA A 33 0.08 -0.43 10.27
N GLY A 34 -0.90 0.43 10.51
CA GLY A 34 -0.63 1.71 11.15
C GLY A 34 -0.63 2.86 10.16
N ILE A 35 -1.64 2.90 9.29
CA ILE A 35 -1.76 3.97 8.30
C ILE A 35 -3.11 4.65 8.40
N SER A 36 -3.18 5.90 7.94
CA SER A 36 -4.42 6.66 7.99
C SER A 36 -4.67 7.40 6.68
N GLU A 37 -5.76 8.16 6.63
CA GLU A 37 -6.12 8.91 5.43
C GLU A 37 -4.98 9.84 5.02
N ALA A 38 -4.43 10.55 5.99
CA ALA A 38 -3.33 11.48 5.72
C ALA A 38 -2.25 10.82 4.88
N GLN A 39 -1.92 9.58 5.22
CA GLN A 39 -0.90 8.83 4.48
C GLN A 39 -1.38 8.51 3.07
N LEU A 40 -2.69 8.32 2.93
CA LEU A 40 -3.28 8.00 1.64
C LEU A 40 -3.49 9.26 0.81
N THR A 41 -3.64 10.40 1.49
CA THR A 41 -3.86 11.66 0.82
C THR A 41 -2.55 12.23 0.26
N ASP A 42 -1.46 12.03 1.01
CA ASP A 42 -0.16 12.51 0.59
C ASP A 42 0.21 11.98 -0.78
N ALA A 43 0.78 12.83 -1.62
CA ALA A 43 1.18 12.45 -2.97
C ALA A 43 2.52 11.73 -2.97
N GLU A 44 3.45 12.23 -2.18
CA GLU A 44 4.78 11.64 -2.09
C GLU A 44 4.74 10.28 -1.40
N THR A 45 3.91 10.17 -0.36
CA THR A 45 3.79 8.94 0.39
C THR A 45 3.03 7.88 -0.40
N SER A 46 1.90 8.30 -1.00
CA SER A 46 1.08 7.40 -1.79
C SER A 46 1.92 6.59 -2.77
N LYS A 47 3.06 7.15 -3.18
CA LYS A 47 3.94 6.48 -4.12
C LYS A 47 4.66 5.30 -3.46
N LEU A 48 5.37 5.58 -2.37
CA LEU A 48 6.11 4.54 -1.66
C LEU A 48 5.16 3.44 -1.17
N ILE A 49 3.93 3.82 -0.86
CA ILE A 49 2.93 2.86 -0.39
C ILE A 49 2.40 2.02 -1.54
N TYR A 50 2.25 2.63 -2.71
CA TYR A 50 1.70 1.92 -3.86
C TYR A 50 2.62 0.78 -4.28
N ASP A 51 3.88 0.84 -3.89
CA ASP A 51 4.79 -0.26 -4.15
C ASP A 51 4.27 -1.54 -3.49
N PHE A 52 3.38 -1.36 -2.50
CA PHE A 52 2.80 -2.49 -1.78
C PHE A 52 1.52 -3.00 -2.44
N ILE A 53 0.50 -2.15 -2.53
CA ILE A 53 -0.78 -2.56 -3.12
C ILE A 53 -0.63 -2.83 -4.61
N GLU A 54 0.43 -2.29 -5.22
CA GLU A 54 0.69 -2.50 -6.63
C GLU A 54 1.44 -3.81 -6.86
N ASP A 55 2.23 -4.22 -5.87
CA ASP A 55 3.04 -5.43 -5.98
C ASP A 55 2.29 -6.66 -5.49
N GLN A 56 1.64 -6.54 -4.33
CA GLN A 56 0.91 -7.67 -3.75
C GLN A 56 -0.11 -8.22 -4.73
N GLY A 57 -0.50 -7.43 -5.71
CA GLY A 57 -1.46 -7.88 -6.69
C GLY A 57 -2.56 -6.86 -6.93
N GLY A 58 -2.91 -6.12 -5.88
CA GLY A 58 -3.94 -5.11 -5.99
C GLY A 58 -4.69 -4.88 -4.70
N LEU A 59 -5.35 -3.73 -4.60
CA LEU A 59 -6.12 -3.38 -3.41
C LEU A 59 -7.27 -4.35 -3.21
N GLU A 60 -8.10 -4.48 -4.23
CA GLU A 60 -9.19 -5.44 -4.21
C GLU A 60 -8.64 -6.80 -4.59
N ALA A 61 -7.65 -6.75 -5.48
CA ALA A 61 -6.94 -7.93 -5.90
C ALA A 61 -6.31 -8.62 -4.70
N VAL A 62 -6.02 -7.84 -3.66
CA VAL A 62 -5.48 -8.37 -2.42
C VAL A 62 -6.57 -9.14 -1.69
N ARG A 63 -7.77 -8.58 -1.69
CA ARG A 63 -8.92 -9.23 -1.05
C ARG A 63 -9.06 -10.65 -1.56
N GLN A 64 -8.75 -10.85 -2.84
CA GLN A 64 -8.82 -12.17 -3.44
C GLN A 64 -7.78 -13.10 -2.81
N GLU A 65 -6.65 -12.53 -2.42
CA GLU A 65 -5.59 -13.29 -1.78
C GLU A 65 -5.84 -13.42 -0.29
N MET A 66 -6.31 -12.34 0.32
CA MET A 66 -6.59 -12.33 1.76
C MET A 66 -7.48 -13.51 2.15
N ARG A 67 -8.38 -13.89 1.25
CA ARG A 67 -9.28 -15.01 1.50
C ARG A 67 -8.51 -16.33 1.50
N ARG A 68 -7.54 -16.44 0.59
CA ARG A 68 -6.73 -17.64 0.49
C ARG A 68 -5.26 -17.34 0.78
N GLN A 69 -5.02 -16.62 1.88
CA GLN A 69 -3.66 -16.27 2.28
C GLN A 69 -2.75 -17.49 2.27
N GLY A 70 -3.31 -18.64 2.63
CA GLY A 70 -2.53 -19.87 2.67
C GLY A 70 -2.04 -20.20 4.06
N GLY A 71 -2.85 -20.92 4.81
CA GLY A 71 -2.48 -21.30 6.17
C GLY A 71 -3.19 -22.56 6.64
N SER A 72 -2.43 -23.65 6.76
CA SER A 72 -2.99 -24.92 7.20
C SER A 72 -2.36 -25.35 8.52
N GLY A 73 -2.17 -24.39 9.42
CA GLY A 73 -1.59 -24.69 10.71
C GLY A 73 -2.12 -23.80 11.81
N GLY A 74 -3.44 -23.63 11.85
CA GLY A 74 -4.05 -22.79 12.86
C GLY A 74 -3.82 -21.31 12.60
N SER A 75 -4.92 -20.56 12.46
CA SER A 75 -4.83 -19.13 12.19
C SER A 75 -6.20 -18.47 12.27
N GLN A 76 -6.49 -17.81 13.39
CA GLN A 76 -7.76 -17.15 13.59
C GLN A 76 -7.61 -15.64 13.46
N SER A 77 -7.01 -15.20 12.36
CA SER A 77 -6.80 -13.77 12.11
C SER A 77 -6.23 -13.53 10.73
N SER A 78 -6.41 -12.33 10.22
CA SER A 78 -5.90 -11.96 8.89
C SER A 78 -4.39 -12.05 8.84
N GLU A 79 -3.71 -10.98 9.25
CA GLU A 79 -2.25 -10.94 9.24
C GLU A 79 -1.69 -11.46 7.92
N GLY A 80 -0.37 -11.61 7.87
CA GLY A 80 0.27 -12.10 6.66
C GLY A 80 0.97 -11.01 5.87
N LEU A 81 0.20 -10.27 5.08
CA LEU A 81 0.75 -9.19 4.28
C LEU A 81 0.75 -7.86 5.04
N VAL A 82 -0.04 -7.80 6.11
CA VAL A 82 -0.13 -6.59 6.92
C VAL A 82 1.25 -6.18 7.43
N GLY A 83 2.07 -7.17 7.78
CA GLY A 83 3.40 -6.89 8.28
C GLY A 83 4.31 -6.30 7.22
N ALA A 84 4.12 -6.72 5.98
CA ALA A 84 4.95 -6.23 4.88
C ALA A 84 4.79 -4.73 4.70
N LEU A 85 3.59 -4.22 4.94
CA LEU A 85 3.30 -2.80 4.80
C LEU A 85 3.98 -2.00 5.91
N MET A 86 3.88 -2.49 7.14
CA MET A 86 4.47 -1.82 8.29
C MET A 86 5.90 -1.36 7.98
N HIS A 87 6.75 -2.31 7.59
CA HIS A 87 8.13 -2.02 7.27
C HIS A 87 8.25 -0.86 6.28
N VAL A 88 7.68 -1.05 5.09
CA VAL A 88 7.75 -0.04 4.04
C VAL A 88 7.40 1.36 4.57
N MET A 89 6.61 1.41 5.64
CA MET A 89 6.21 2.69 6.22
C MET A 89 7.30 3.23 7.14
N GLN A 90 8.14 2.33 7.65
CA GLN A 90 9.22 2.73 8.54
C GLN A 90 10.28 3.55 7.80
N LYS A 91 10.34 3.34 6.48
CA LYS A 91 11.31 4.04 5.65
C LYS A 91 11.06 5.55 5.67
N ARG A 92 9.79 5.93 5.83
CA ARG A 92 9.41 7.34 5.85
C ARG A 92 9.78 7.99 7.19
N SER A 93 9.55 7.26 8.28
CA SER A 93 9.86 7.76 9.61
C SER A 93 11.30 8.25 9.69
N ARG A 94 12.16 7.73 8.83
CA ARG A 94 13.56 8.12 8.81
C ARG A 94 13.75 9.47 8.11
N ALA A 95 12.83 9.79 7.20
CA ALA A 95 12.90 11.05 6.47
C ALA A 95 12.93 12.24 7.41
N ILE A 96 13.50 13.34 6.94
CA ILE A 96 13.59 14.56 7.75
C ILE A 96 12.73 15.68 7.15
N HIS A 97 12.93 15.93 5.86
CA HIS A 97 12.18 16.97 5.16
C HIS A 97 12.34 18.31 5.87
N SER A 98 13.54 18.88 5.82
CA SER A 98 13.81 20.17 6.45
C SER A 98 13.31 21.32 5.58
N SER A 99 13.23 21.07 4.27
CA SER A 99 12.77 22.09 3.34
C SER A 99 11.35 22.53 3.67
N ASP A 100 10.46 21.56 3.85
CA ASP A 100 9.06 21.85 4.17
C ASP A 100 8.37 22.55 3.01
N GLU A 101 8.89 22.34 1.80
CA GLU A 101 8.31 22.96 0.61
C GLU A 101 7.31 22.03 -0.05
N GLY A 102 6.06 22.08 0.42
CA GLY A 102 5.03 21.24 -0.15
C GLY A 102 4.58 21.71 -1.52
N GLU A 103 3.34 21.37 -1.87
CA GLU A 103 2.79 21.77 -3.17
C GLU A 103 1.89 22.99 -3.02
N ASP A 104 1.05 22.99 -1.98
CA ASP A 104 0.14 24.09 -1.73
C ASP A 104 -0.73 24.36 -2.96
N GLN A 105 -1.24 23.30 -3.57
CA GLN A 105 -2.09 23.42 -4.74
C GLN A 105 -3.53 23.73 -4.36
N ALA A 106 -4.20 24.52 -5.19
CA ALA A 106 -5.59 24.90 -4.93
C ALA A 106 -6.37 25.00 -6.23
N GLY A 107 -7.56 24.42 -6.24
CA GLY A 107 -8.40 24.47 -7.43
C GLY A 107 -9.31 25.67 -7.46
#